data_1KH6
# 
_entry.id   1KH6 
# 
_audit_conform.dict_name       mmcif_pdbx.dic 
_audit_conform.dict_version    5.386 
_audit_conform.dict_location   http://mmcif.pdb.org/dictionaries/ascii/mmcif_pdbx.dic 
# 
loop_
_database_2.database_id 
_database_2.database_code 
_database_2.pdbx_database_accession 
_database_2.pdbx_DOI 
PDB   1KH6         pdb_00001kh6 10.2210/pdb1kh6/pdb 
NDB   UR0018       ?            ?                   
RCSB  RCSB014955   ?            ?                   
WWPDB D_1000014955 ?            ?                   
# 
loop_
_pdbx_audit_revision_history.ordinal 
_pdbx_audit_revision_history.data_content_type 
_pdbx_audit_revision_history.major_revision 
_pdbx_audit_revision_history.minor_revision 
_pdbx_audit_revision_history.revision_date 
1 'Structure model' 1 0 2002-04-26 
2 'Structure model' 1 1 2008-04-27 
3 'Structure model' 1 2 2011-07-13 
4 'Structure model' 1 3 2017-02-08 
5 'Structure model' 1 4 2024-02-14 
# 
_pdbx_audit_revision_details.ordinal             1 
_pdbx_audit_revision_details.revision_ordinal    1 
_pdbx_audit_revision_details.data_content_type   'Structure model' 
_pdbx_audit_revision_details.provider            repository 
_pdbx_audit_revision_details.type                'Initial release' 
_pdbx_audit_revision_details.description         ? 
_pdbx_audit_revision_details.details             ? 
# 
loop_
_pdbx_audit_revision_group.ordinal 
_pdbx_audit_revision_group.revision_ordinal 
_pdbx_audit_revision_group.data_content_type 
_pdbx_audit_revision_group.group 
1 2 'Structure model' 'Version format compliance' 
2 3 'Structure model' 'Version format compliance' 
3 4 'Structure model' 'Database references'       
4 4 'Structure model' 'Structure summary'         
5 5 'Structure model' 'Data collection'           
6 5 'Structure model' 'Database references'       
7 5 'Structure model' 'Derived calculations'      
# 
loop_
_pdbx_audit_revision_category.ordinal 
_pdbx_audit_revision_category.revision_ordinal 
_pdbx_audit_revision_category.data_content_type 
_pdbx_audit_revision_category.category 
1 5 'Structure model' chem_comp_atom 
2 5 'Structure model' chem_comp_bond 
3 5 'Structure model' database_2     
4 5 'Structure model' struct_conn    
# 
loop_
_pdbx_audit_revision_item.ordinal 
_pdbx_audit_revision_item.revision_ordinal 
_pdbx_audit_revision_item.data_content_type 
_pdbx_audit_revision_item.item 
1 5 'Structure model' '_database_2.pdbx_DOI'                
2 5 'Structure model' '_database_2.pdbx_database_accession' 
3 5 'Structure model' '_struct_conn.pdbx_leaving_atom_flag' 
# 
_pdbx_database_status.status_code                     REL 
_pdbx_database_status.entry_id                        1KH6 
_pdbx_database_status.recvd_initial_deposition_date   2001-11-29 
_pdbx_database_status.deposit_site                    RCSB 
_pdbx_database_status.process_site                    RCSB 
_pdbx_database_status.status_code_sf                  REL 
_pdbx_database_status.SG_entry                        . 
_pdbx_database_status.status_code_mr                  ? 
_pdbx_database_status.status_code_cs                  ? 
_pdbx_database_status.methods_development_category    ? 
_pdbx_database_status.pdb_format_compatible           Y 
_pdbx_database_status.status_code_nmr_data            ? 
# 
loop_
_audit_author.name 
_audit_author.pdbx_ordinal 
'Kieft, J.S.'  1 
'Zhou, K.'     2 
'Grech, A.'    3 
'Jubin, R.'    4 
'Doudna, J.A.' 5 
# 
_citation.id                        primary 
_citation.title                     
'Crystal structure of an RNA tertiary domain essential to HCV IRES-mediated translation initiation.' 
_citation.journal_abbrev            Nat.Struct.Biol. 
_citation.journal_volume            9 
_citation.page_first                370 
_citation.page_last                 374 
_citation.year                      2002 
_citation.journal_id_ASTM           NSBIEW 
_citation.country                   US 
_citation.journal_id_ISSN           1072-8368 
_citation.journal_id_CSD            2024 
_citation.book_publisher            ? 
_citation.pdbx_database_id_PubMed   11927953 
_citation.pdbx_database_id_DOI      10.1038/nsb781 
# 
loop_
_citation_author.citation_id 
_citation_author.name 
_citation_author.ordinal 
_citation_author.identifier_ORCID 
primary 'Kieft, J.S.'  1 ? 
primary 'Zhou, K.'     2 ? 
primary 'Grech, A.'    3 ? 
primary 'Jubin, R.'    4 ? 
primary 'Doudna, J.A.' 5 ? 
# 
_entity.id                         1 
_entity.type                       polymer 
_entity.src_method                 syn 
_entity.pdbx_description           JIIIabc 
_entity.formula_weight             17634.660 
_entity.pdbx_number_of_molecules   1 
_entity.pdbx_ec                    ? 
_entity.pdbx_mutation              ? 
_entity.pdbx_fragment              ? 
_entity.details                    
;JIIIabc is the structure of an RNA four-way junction from the Hepatitis C virus internal ribosome entry site. The junction joins domains IIIa, IIIb, and IIIc to the rest of domain III, and is critical for IRES function.
;
# 
_entity_poly.entity_id                      1 
_entity_poly.type                           polyribonucleotide 
_entity_poly.nstd_linkage                   no 
_entity_poly.nstd_monomer                   yes 
_entity_poly.pdbx_seq_one_letter_code       'GGCGGAACCGGUGAG(5BU)ACACCGGAA(5BU)CCGAAAGGA(5BU)(5BU)(5BU)GGGCG(5BU)GCCCCCGCC' 
_entity_poly.pdbx_seq_one_letter_code_can   GGCGGAACCGGUGAGUACACCGGAAUCCGAAAGGAUUUGGGCGUGCCCCCGCC 
_entity_poly.pdbx_strand_id                 A 
_entity_poly.pdbx_target_identifier         ? 
# 
loop_
_entity_poly_seq.entity_id 
_entity_poly_seq.num 
_entity_poly_seq.mon_id 
_entity_poly_seq.hetero 
1 1  G   n 
1 2  G   n 
1 3  C   n 
1 4  G   n 
1 5  G   n 
1 6  A   n 
1 7  A   n 
1 8  C   n 
1 9  C   n 
1 10 G   n 
1 11 G   n 
1 12 U   n 
1 13 G   n 
1 14 A   n 
1 15 G   n 
1 16 5BU n 
1 17 A   n 
1 18 C   n 
1 19 A   n 
1 20 C   n 
1 21 C   n 
1 22 G   n 
1 23 G   n 
1 24 A   n 
1 25 A   n 
1 26 5BU n 
1 27 C   n 
1 28 C   n 
1 29 G   n 
1 30 A   n 
1 31 A   n 
1 32 A   n 
1 33 G   n 
1 34 G   n 
1 35 A   n 
1 36 5BU n 
1 37 5BU n 
1 38 5BU n 
1 39 G   n 
1 40 G   n 
1 41 G   n 
1 42 C   n 
1 43 G   n 
1 44 5BU n 
1 45 G   n 
1 46 C   n 
1 47 C   n 
1 48 C   n 
1 49 C   n 
1 50 C   n 
1 51 G   n 
1 52 C   n 
1 53 C   n 
# 
_pdbx_entity_src_syn.entity_id              1 
_pdbx_entity_src_syn.pdbx_src_id            1 
_pdbx_entity_src_syn.pdbx_alt_source_flag   sample 
_pdbx_entity_src_syn.pdbx_beg_seq_num       ? 
_pdbx_entity_src_syn.pdbx_end_seq_num       ? 
_pdbx_entity_src_syn.organism_scientific    ? 
_pdbx_entity_src_syn.organism_common_name   ? 
_pdbx_entity_src_syn.ncbi_taxonomy_id       ? 
_pdbx_entity_src_syn.details                'The sequence is from Hepatitis C virus genotype 1B. In Vitro Transcription.' 
# 
loop_
_chem_comp.id 
_chem_comp.type 
_chem_comp.mon_nstd_flag 
_chem_comp.name 
_chem_comp.pdbx_synonyms 
_chem_comp.formula 
_chem_comp.formula_weight 
5BU 'RNA linking' n "5-BROMO-URIDINE-5'-MONOPHOSPHATE" ? 'C9 H12 Br N2 O9 P' 403.077 
A   'RNA linking' y "ADENOSINE-5'-MONOPHOSPHATE"       ? 'C10 H14 N5 O7 P'   347.221 
C   'RNA linking' y "CYTIDINE-5'-MONOPHOSPHATE"        ? 'C9 H14 N3 O8 P'    323.197 
G   'RNA linking' y "GUANOSINE-5'-MONOPHOSPHATE"       ? 'C10 H14 N5 O8 P'   363.221 
U   'RNA linking' y "URIDINE-5'-MONOPHOSPHATE"         ? 'C9 H13 N2 O9 P'    324.181 
# 
loop_
_pdbx_poly_seq_scheme.asym_id 
_pdbx_poly_seq_scheme.entity_id 
_pdbx_poly_seq_scheme.seq_id 
_pdbx_poly_seq_scheme.mon_id 
_pdbx_poly_seq_scheme.ndb_seq_num 
_pdbx_poly_seq_scheme.pdb_seq_num 
_pdbx_poly_seq_scheme.auth_seq_num 
_pdbx_poly_seq_scheme.pdb_mon_id 
_pdbx_poly_seq_scheme.auth_mon_id 
_pdbx_poly_seq_scheme.pdb_strand_id 
_pdbx_poly_seq_scheme.pdb_ins_code 
_pdbx_poly_seq_scheme.hetero 
A 1 1  G   1  1  1  G   GUA A . n 
A 1 2  G   2  2  2  G   GUA A . n 
A 1 3  C   3  3  3  C   CYT A . n 
A 1 4  G   4  4  4  G   GUA A . n 
A 1 5  G   5  5  5  G   GUA A . n 
A 1 6  A   6  6  6  A   ADE A . n 
A 1 7  A   7  7  7  A   ADE A . n 
A 1 8  C   8  8  8  C   CYT A . n 
A 1 9  C   9  9  9  C   CYT A . n 
A 1 10 G   10 10 10 G   GUA A . n 
A 1 11 G   11 11 ?  ?   ?   A . n 
A 1 12 U   12 12 ?  ?   ?   A . n 
A 1 13 G   13 13 ?  ?   ?   A . n 
A 1 14 A   14 14 ?  ?   ?   A . n 
A 1 15 G   15 15 ?  ?   ?   A . n 
A 1 16 5BU 16 16 16 5BU URI A . n 
A 1 17 A   17 17 17 A   ADE A . n 
A 1 18 C   18 18 18 C   CYT A . n 
A 1 19 A   19 19 19 A   ADE A . n 
A 1 20 C   20 20 20 C   CYT A . n 
A 1 21 C   21 21 21 C   CYT A . n 
A 1 22 G   22 22 22 G   GUA A . n 
A 1 23 G   23 23 23 G   GUA A . n 
A 1 24 A   24 24 24 A   ADE A . n 
A 1 25 A   25 25 25 A   ADE A . n 
A 1 26 5BU 26 26 26 5BU URI A . n 
A 1 27 C   27 27 27 C   CYT A . n 
A 1 28 C   28 28 28 C   CYT A . n 
A 1 29 G   29 29 29 G   GUA A . n 
A 1 30 A   30 30 30 A   ADE A . n 
A 1 31 A   31 31 31 A   ADE A . n 
A 1 32 A   32 32 32 A   ADE A . n 
A 1 33 G   33 33 33 G   GUA A . n 
A 1 34 G   34 34 34 G   GUA A . n 
A 1 35 A   35 35 35 A   ADE A . n 
A 1 36 5BU 36 36 36 5BU URI A . n 
A 1 37 5BU 37 37 37 5BU URI A . n 
A 1 38 5BU 38 38 38 5BU URI A . n 
A 1 39 G   39 39 39 G   GUA A . n 
A 1 40 G   40 40 40 G   GUA A . n 
A 1 41 G   41 41 41 G   GUA A . n 
A 1 42 C   42 42 42 C   CYT A . n 
A 1 43 G   43 43 43 G   GUA A . n 
A 1 44 5BU 44 44 44 5BU URI A . n 
A 1 45 G   45 45 45 G   GUA A . n 
A 1 46 C   46 46 46 C   CYT A . n 
A 1 47 C   47 47 47 C   CYT A . n 
A 1 48 C   48 48 48 C   CYT A . n 
A 1 49 C   49 49 49 C   CYT A . n 
A 1 50 C   50 50 50 C   CYT A . n 
A 1 51 G   51 51 51 G   GUA A . n 
A 1 52 C   52 52 52 C   CYT A . n 
A 1 53 C   53 53 53 C   CYT A . n 
# 
loop_
_pdbx_unobs_or_zero_occ_atoms.id 
_pdbx_unobs_or_zero_occ_atoms.PDB_model_num 
_pdbx_unobs_or_zero_occ_atoms.polymer_flag 
_pdbx_unobs_or_zero_occ_atoms.occupancy_flag 
_pdbx_unobs_or_zero_occ_atoms.auth_asym_id 
_pdbx_unobs_or_zero_occ_atoms.auth_comp_id 
_pdbx_unobs_or_zero_occ_atoms.auth_seq_id 
_pdbx_unobs_or_zero_occ_atoms.PDB_ins_code 
_pdbx_unobs_or_zero_occ_atoms.auth_atom_id 
_pdbx_unobs_or_zero_occ_atoms.label_alt_id 
_pdbx_unobs_or_zero_occ_atoms.label_asym_id 
_pdbx_unobs_or_zero_occ_atoms.label_comp_id 
_pdbx_unobs_or_zero_occ_atoms.label_seq_id 
_pdbx_unobs_or_zero_occ_atoms.label_atom_id 
1 1 Y 1 A G   1  ? "O5'" ? A G   1  "O5'" 
2 1 Y 1 A 5BU 16 ? P     ? A 5BU 16 P     
3 1 Y 1 A 5BU 16 ? OP1   ? A 5BU 16 OP1   
4 1 Y 1 A 5BU 16 ? OP2   ? A 5BU 16 OP2   
5 1 Y 1 A 5BU 44 ? P     ? A 5BU 44 P     
6 1 Y 1 A 5BU 44 ? OP1   ? A 5BU 44 OP1   
7 1 Y 1 A 5BU 44 ? OP2   ? A 5BU 44 OP2   
# 
loop_
_software.name 
_software.classification 
_software.version 
_software.citation_id 
_software.pdbx_ordinal 
CNS       refinement       . ? 1 
DENZO     'data reduction' . ? 2 
SCALEPACK 'data scaling'   . ? 3 
CNS       phasing          . ? 4 
# 
_cell.entry_id           1KH6 
_cell.length_a           66.532 
_cell.length_b           66.532 
_cell.length_c           95.850 
_cell.angle_alpha        90.00 
_cell.angle_beta         90.00 
_cell.angle_gamma        90.00 
_cell.Z_PDB              8 
_cell.pdbx_unique_axis   ? 
_cell.length_a_esd       ? 
_cell.length_b_esd       ? 
_cell.length_c_esd       ? 
_cell.angle_alpha_esd    ? 
_cell.angle_beta_esd     ? 
_cell.angle_gamma_esd    ? 
# 
_symmetry.entry_id                         1KH6 
_symmetry.space_group_name_H-M             'P 42 21 2' 
_symmetry.pdbx_full_space_group_name_H-M   ? 
_symmetry.cell_setting                     ? 
_symmetry.Int_Tables_number                94 
_symmetry.space_group_name_Hall            ? 
# 
_exptl.entry_id          1KH6 
_exptl.method            'X-RAY DIFFRACTION' 
_exptl.crystals_number   1 
# 
_exptl_crystal.id                    1 
_exptl_crystal.density_meas          ? 
_exptl_crystal.density_Matthews      3.01 
_exptl_crystal.density_percent_sol   59.10 
_exptl_crystal.description           ? 
_exptl_crystal.F_000                 ? 
_exptl_crystal.preparation           ? 
# 
_exptl_crystal_grow.crystal_id      1 
_exptl_crystal_grow.method          'VAPOR DIFFUSION, SITTING DROP' 
_exptl_crystal_grow.temp            303 
_exptl_crystal_grow.temp_details    ? 
_exptl_crystal_grow.pH              4.6 
_exptl_crystal_grow.pdbx_details    
;30% MPD, 0.1 M sodium citrate pH 5.6, 0.2 M ammonium acetate, 2.5 mM magnesium chloride, and 1 mM spermidine, pH 4.6, VAPOR DIFFUSION, SITTING DROP, temperature 303K
;
_exptl_crystal_grow.pdbx_pH_range   . 
# 
loop_
_exptl_crystal_grow_comp.crystal_id 
_exptl_crystal_grow_comp.id 
_exptl_crystal_grow_comp.sol_id 
_exptl_crystal_grow_comp.name 
_exptl_crystal_grow_comp.volume 
_exptl_crystal_grow_comp.conc 
_exptl_crystal_grow_comp.details 
1 1 1 MPD                ? ? ? 
1 2 1 'sodium citrate'   ? ? ? 
1 3 1 'ammonium acetate' ? ? ? 
1 4 1 MgCl               ? ? ? 
1 5 1 spermidine         ? ? ? 
# 
_diffrn.id                     1 
_diffrn.ambient_temp           100 
_diffrn.ambient_temp_details   ? 
_diffrn.crystal_id             1 
# 
_diffrn_radiation.diffrn_id                        1 
_diffrn_radiation.wavelength_id                    1 
_diffrn_radiation.pdbx_monochromatic_or_laue_m_l   M 
_diffrn_radiation.monochromator                    ? 
_diffrn_radiation.pdbx_diffrn_protocol             MAD 
_diffrn_radiation.pdbx_scattering_type             x-ray 
# 
loop_
_diffrn_radiation_wavelength.id 
_diffrn_radiation_wavelength.wavelength 
_diffrn_radiation_wavelength.wt 
1 0.9204 1.0 
2 0.9197 1.0 
3 0.9273 1.0 
4 0.9020 1.0 
# 
_diffrn_source.diffrn_id                   1 
_diffrn_source.source                      SYNCHROTRON 
_diffrn_source.type                        'NSLS BEAMLINE X25' 
_diffrn_source.pdbx_synchrotron_site       NSLS 
_diffrn_source.pdbx_synchrotron_beamline   X25 
_diffrn_source.pdbx_wavelength             ? 
_diffrn_source.pdbx_wavelength_list        '0.9204, 0.9197, 0.9273, 0.9020' 
# 
_reflns.entry_id                     1KH6 
_reflns.observed_criterion_sigma_I   0.0 
_reflns.observed_criterion_sigma_F   ? 
_reflns.d_resolution_low             50 
_reflns.d_resolution_high            2.8 
_reflns.number_obs                   9652 
_reflns.number_all                   ? 
_reflns.percent_possible_obs         ? 
_reflns.pdbx_Rmerge_I_obs            ? 
_reflns.pdbx_Rsym_value              ? 
_reflns.pdbx_netI_over_sigmaI        ? 
_reflns.B_iso_Wilson_estimate        ? 
_reflns.pdbx_redundancy              ? 
_reflns.R_free_details               ? 
_reflns.pdbx_chi_squared             ? 
_reflns.pdbx_scaling_rejects         ? 
_reflns.pdbx_ordinal                 1 
_reflns.pdbx_diffrn_id               1 
# 
_refine.entry_id                                 1KH6 
_refine.ls_number_reflns_obs                     8744 
_refine.ls_number_reflns_all                     ? 
_refine.pdbx_ls_sigma_I                          ? 
_refine.pdbx_ls_sigma_F                          0.0 
_refine.pdbx_data_cutoff_high_absF               10000 
_refine.pdbx_data_cutoff_low_absF                ? 
_refine.ls_d_res_low                             50 
_refine.ls_d_res_high                            2.9 
_refine.ls_percent_reflns_obs                    95.9 
_refine.ls_R_factor_obs                          ? 
_refine.ls_R_factor_all                          ? 
_refine.ls_R_factor_R_work                       0.283 
_refine.ls_R_factor_R_free                       0.2792 
_refine.ls_R_factor_R_free_error                 0.004 
_refine.ls_R_factor_R_free_error_details         ? 
_refine.ls_percent_reflns_R_free                 9.8 
_refine.ls_number_reflns_R_free                  893 
_refine.ls_number_parameters                     ? 
_refine.ls_number_restraints                     ? 
_refine.occupancy_min                            ? 
_refine.occupancy_max                            ? 
_refine.B_iso_mean                               ? 
_refine.aniso_B[1][1]                            ? 
_refine.aniso_B[2][2]                            ? 
_refine.aniso_B[3][3]                            ? 
_refine.aniso_B[1][2]                            ? 
_refine.aniso_B[1][3]                            ? 
_refine.aniso_B[2][3]                            ? 
_refine.solvent_model_details                    ? 
_refine.solvent_model_param_ksol                 ? 
_refine.solvent_model_param_bsol                 ? 
_refine.pdbx_ls_cross_valid_method               THROUGHOUT 
_refine.details                                  ? 
_refine.pdbx_starting_model                      ? 
_refine.pdbx_method_to_determine_struct          ? 
_refine.pdbx_isotropic_thermal_model             ? 
_refine.pdbx_stereochemistry_target_values       ? 
_refine.pdbx_stereochem_target_val_spec_case     ? 
_refine.pdbx_R_Free_selection_details            random 
_refine.pdbx_overall_ESU_R_Free                  ? 
_refine.overall_SU_B                             ? 
_refine.ls_redundancy_reflns_obs                 ? 
_refine.correlation_coeff_Fo_to_Fc               ? 
_refine.overall_SU_R_Cruickshank_DPI             ? 
_refine.overall_SU_R_free                        ? 
_refine.overall_SU_ML                            ? 
_refine.pdbx_overall_ESU_R                       ? 
_refine.pdbx_data_cutoff_high_rms_absF           ? 
_refine.correlation_coeff_Fo_to_Fc_free          ? 
_refine.pdbx_solvent_vdw_probe_radii             ? 
_refine.pdbx_solvent_ion_probe_radii             ? 
_refine.pdbx_solvent_shrinkage_radii             ? 
_refine.pdbx_refine_id                           'X-RAY DIFFRACTION' 
_refine.pdbx_overall_phase_error                 ? 
_refine.ls_wR_factor_R_free                      ? 
_refine.ls_wR_factor_R_work                      ? 
_refine.overall_FOM_free_R_set                   ? 
_refine.overall_FOM_work_R_set                   ? 
_refine.pdbx_diffrn_id                           1 
_refine.pdbx_TLS_residual_ADP_flag               ? 
_refine.pdbx_overall_SU_R_free_Cruickshank_DPI   ? 
_refine.pdbx_overall_SU_R_Blow_DPI               ? 
_refine.pdbx_overall_SU_R_free_Blow_DPI          ? 
# 
_refine_hist.pdbx_refine_id                   'X-RAY DIFFRACTION' 
_refine_hist.cycle_id                         LAST 
_refine_hist.pdbx_number_atoms_protein        0 
_refine_hist.pdbx_number_atoms_nucleic_acid   1025 
_refine_hist.pdbx_number_atoms_ligand         0 
_refine_hist.number_atoms_solvent             0 
_refine_hist.number_atoms_total               1025 
_refine_hist.d_res_high                       2.9 
_refine_hist.d_res_low                        50 
# 
_struct.entry_id                  1KH6 
_struct.title                     
'Crystal Structure of an RNA Tertiary Domain Essential to HCV IRES-mediated Translation Initiation.' 
_struct.pdbx_model_details        ? 
_struct.pdbx_CASP_flag            ? 
_struct.pdbx_model_type_details   ? 
# 
_struct_keywords.entry_id        1KH6 
_struct_keywords.pdbx_keywords   RNA 
_struct_keywords.text            'translation, RNA structure, IRES, HCV, bromine, four-way junction, RNA' 
# 
_struct_asym.id                            A 
_struct_asym.pdbx_blank_PDB_chainid_flag   N 
_struct_asym.pdbx_modified                 N 
_struct_asym.entity_id                     1 
_struct_asym.details                       ? 
# 
_struct_ref.id                         1 
_struct_ref.entity_id                  1 
_struct_ref.db_name                    PDB 
_struct_ref.db_code                    1KH6 
_struct_ref.pdbx_db_accession          1KH6 
_struct_ref.pdbx_align_begin           ? 
_struct_ref.pdbx_seq_one_letter_code   ? 
_struct_ref.pdbx_db_isoform            ? 
# 
_struct_ref_seq.align_id                      1 
_struct_ref_seq.ref_id                        1 
_struct_ref_seq.pdbx_PDB_id_code              1KH6 
_struct_ref_seq.pdbx_strand_id                A 
_struct_ref_seq.seq_align_beg                 1 
_struct_ref_seq.pdbx_seq_align_beg_ins_code   ? 
_struct_ref_seq.seq_align_end                 53 
_struct_ref_seq.pdbx_seq_align_end_ins_code   ? 
_struct_ref_seq.pdbx_db_accession             1KH6 
_struct_ref_seq.db_align_beg                  1 
_struct_ref_seq.pdbx_db_align_beg_ins_code    ? 
_struct_ref_seq.db_align_end                  53 
_struct_ref_seq.pdbx_db_align_end_ins_code    ? 
_struct_ref_seq.pdbx_auth_seq_align_beg       1 
_struct_ref_seq.pdbx_auth_seq_align_end       53 
# 
_pdbx_struct_assembly.id                   1 
_pdbx_struct_assembly.details              author_defined_assembly 
_pdbx_struct_assembly.method_details       ? 
_pdbx_struct_assembly.oligomeric_details   monomeric 
_pdbx_struct_assembly.oligomeric_count     1 
# 
_pdbx_struct_assembly_gen.assembly_id       1 
_pdbx_struct_assembly_gen.oper_expression   1 
_pdbx_struct_assembly_gen.asym_id_list      A 
# 
_pdbx_struct_oper_list.id                   1 
_pdbx_struct_oper_list.type                 'identity operation' 
_pdbx_struct_oper_list.name                 1_555 
_pdbx_struct_oper_list.symmetry_operation   x,y,z 
_pdbx_struct_oper_list.matrix[1][1]         1.0000000000 
_pdbx_struct_oper_list.matrix[1][2]         0.0000000000 
_pdbx_struct_oper_list.matrix[1][3]         0.0000000000 
_pdbx_struct_oper_list.vector[1]            0.0000000000 
_pdbx_struct_oper_list.matrix[2][1]         0.0000000000 
_pdbx_struct_oper_list.matrix[2][2]         1.0000000000 
_pdbx_struct_oper_list.matrix[2][3]         0.0000000000 
_pdbx_struct_oper_list.vector[2]            0.0000000000 
_pdbx_struct_oper_list.matrix[3][1]         0.0000000000 
_pdbx_struct_oper_list.matrix[3][2]         0.0000000000 
_pdbx_struct_oper_list.matrix[3][3]         1.0000000000 
_pdbx_struct_oper_list.vector[3]            0.0000000000 
# 
_struct_biol.id                    1 
_struct_biol.pdbx_parent_biol_id   ? 
_struct_biol.details               ? 
# 
loop_
_struct_conn.id 
_struct_conn.conn_type_id 
_struct_conn.pdbx_leaving_atom_flag 
_struct_conn.pdbx_PDB_id 
_struct_conn.ptnr1_label_asym_id 
_struct_conn.ptnr1_label_comp_id 
_struct_conn.ptnr1_label_seq_id 
_struct_conn.ptnr1_label_atom_id 
_struct_conn.pdbx_ptnr1_label_alt_id 
_struct_conn.pdbx_ptnr1_PDB_ins_code 
_struct_conn.pdbx_ptnr1_standard_comp_id 
_struct_conn.ptnr1_symmetry 
_struct_conn.ptnr2_label_asym_id 
_struct_conn.ptnr2_label_comp_id 
_struct_conn.ptnr2_label_seq_id 
_struct_conn.ptnr2_label_atom_id 
_struct_conn.pdbx_ptnr2_label_alt_id 
_struct_conn.pdbx_ptnr2_PDB_ins_code 
_struct_conn.ptnr1_auth_asym_id 
_struct_conn.ptnr1_auth_comp_id 
_struct_conn.ptnr1_auth_seq_id 
_struct_conn.ptnr2_auth_asym_id 
_struct_conn.ptnr2_auth_comp_id 
_struct_conn.ptnr2_auth_seq_id 
_struct_conn.ptnr2_symmetry 
_struct_conn.pdbx_ptnr3_label_atom_id 
_struct_conn.pdbx_ptnr3_label_seq_id 
_struct_conn.pdbx_ptnr3_label_comp_id 
_struct_conn.pdbx_ptnr3_label_asym_id 
_struct_conn.pdbx_ptnr3_label_alt_id 
_struct_conn.pdbx_ptnr3_PDB_ins_code 
_struct_conn.details 
_struct_conn.pdbx_dist_value 
_struct_conn.pdbx_value_order 
_struct_conn.pdbx_role 
covale1  covale both ? A 5BU 16 "O3'" ? ? ? 1_555 A A   17 P  ? ? A 5BU 16 A A   17 1_555 ? ? ? ? ? ? ?             1.610 ? ? 
covale2  covale both ? A A   25 "O3'" ? ? ? 1_555 A 5BU 26 P  ? ? A A   25 A 5BU 26 1_555 ? ? ? ? ? ? ?             1.620 ? ? 
covale3  covale both ? A 5BU 26 "O3'" ? ? ? 1_555 A C   27 P  ? ? A 5BU 26 A C   27 1_555 ? ? ? ? ? ? ?             1.601 ? ? 
covale4  covale both ? A A   35 "O3'" ? ? ? 1_555 A 5BU 36 P  ? ? A A   35 A 5BU 36 1_555 ? ? ? ? ? ? ?             1.615 ? ? 
covale5  covale both ? A 5BU 36 "O3'" ? ? ? 1_555 A 5BU 37 P  ? ? A 5BU 36 A 5BU 37 1_555 ? ? ? ? ? ? ?             1.613 ? ? 
covale6  covale both ? A 5BU 37 "O3'" ? ? ? 1_555 A 5BU 38 P  ? ? A 5BU 37 A 5BU 38 1_555 ? ? ? ? ? ? ?             1.617 ? ? 
covale7  covale both ? A 5BU 38 "O3'" ? ? ? 1_555 A G   39 P  ? ? A 5BU 38 A G   39 1_555 ? ? ? ? ? ? ?             1.616 ? ? 
covale8  covale both ? A 5BU 44 "O3'" ? ? ? 1_555 A G   45 P  ? ? A 5BU 44 A G   45 1_555 ? ? ? ? ? ? ?             1.623 ? ? 
hydrog1  hydrog ?    ? A G   1  N1    ? ? ? 1_555 A C   53 N3 ? ? A G   1  A C   53 1_555 ? ? ? ? ? ? WATSON-CRICK  ?     ? ? 
hydrog2  hydrog ?    ? A G   1  N2    ? ? ? 1_555 A C   53 O2 ? ? A G   1  A C   53 1_555 ? ? ? ? ? ? WATSON-CRICK  ?     ? ? 
hydrog3  hydrog ?    ? A G   1  O6    ? ? ? 1_555 A C   53 N4 ? ? A G   1  A C   53 1_555 ? ? ? ? ? ? WATSON-CRICK  ?     ? ? 
hydrog4  hydrog ?    ? A G   2  N1    ? ? ? 1_555 A C   52 N3 ? ? A G   2  A C   52 1_555 ? ? ? ? ? ? WATSON-CRICK  ?     ? ? 
hydrog5  hydrog ?    ? A G   2  N2    ? ? ? 1_555 A C   52 O2 ? ? A G   2  A C   52 1_555 ? ? ? ? ? ? WATSON-CRICK  ?     ? ? 
hydrog6  hydrog ?    ? A G   2  O6    ? ? ? 1_555 A C   52 N4 ? ? A G   2  A C   52 1_555 ? ? ? ? ? ? WATSON-CRICK  ?     ? ? 
hydrog7  hydrog ?    ? A C   3  N3    ? ? ? 1_555 A G   51 N1 ? ? A C   3  A G   51 1_555 ? ? ? ? ? ? WATSON-CRICK  ?     ? ? 
hydrog8  hydrog ?    ? A C   3  N4    ? ? ? 1_555 A G   51 O6 ? ? A C   3  A G   51 1_555 ? ? ? ? ? ? WATSON-CRICK  ?     ? ? 
hydrog9  hydrog ?    ? A C   3  O2    ? ? ? 1_555 A G   51 N2 ? ? A C   3  A G   51 1_555 ? ? ? ? ? ? WATSON-CRICK  ?     ? ? 
hydrog10 hydrog ?    ? A G   4  N1    ? ? ? 1_555 A C   50 N3 ? ? A G   4  A C   50 1_555 ? ? ? ? ? ? WATSON-CRICK  ?     ? ? 
hydrog11 hydrog ?    ? A G   4  N2    ? ? ? 1_555 A C   50 O2 ? ? A G   4  A C   50 1_555 ? ? ? ? ? ? WATSON-CRICK  ?     ? ? 
hydrog12 hydrog ?    ? A G   4  O6    ? ? ? 1_555 A C   50 N4 ? ? A G   4  A C   50 1_555 ? ? ? ? ? ? WATSON-CRICK  ?     ? ? 
hydrog13 hydrog ?    ? A G   5  N1    ? ? ? 1_555 A C   49 N3 ? ? A G   5  A C   49 1_555 ? ? ? ? ? ? WATSON-CRICK  ?     ? ? 
hydrog14 hydrog ?    ? A G   5  N2    ? ? ? 1_555 A C   49 O2 ? ? A G   5  A C   49 1_555 ? ? ? ? ? ? WATSON-CRICK  ?     ? ? 
hydrog15 hydrog ?    ? A G   5  O6    ? ? ? 1_555 A C   49 N4 ? ? A G   5  A C   49 1_555 ? ? ? ? ? ? WATSON-CRICK  ?     ? ? 
hydrog16 hydrog ?    ? A A   6  N6    ? ? ? 1_555 A A   25 N3 ? ? A A   6  A A   25 1_555 ? ? ? ? ? ? 'A-A MISPAIR' ?     ? ? 
hydrog17 hydrog ?    ? A A   6  N6    ? ? ? 1_555 A 5BU 37 O2 ? ? A A   6  A 5BU 37 1_555 ? ? ? ? ? ? 'A-5BU PAIR'  ?     ? ? 
hydrog18 hydrog ?    ? A A   7  N6    ? ? ? 1_555 A A   24 N3 ? ? A A   7  A A   24 1_555 ? ? ? ? ? ? 'A-A MISPAIR' ?     ? ? 
hydrog19 hydrog ?    ? A A   7  N6    ? ? ? 1_555 A 5BU 38 O4 ? ? A A   7  A 5BU 38 1_555 ? ? ? ? ? ? HOOGSTEEN     ?     ? ? 
hydrog20 hydrog ?    ? A A   7  N7    ? ? ? 1_555 A 5BU 38 N3 ? ? A A   7  A 5BU 38 1_555 ? ? ? ? ? ? HOOGSTEEN     ?     ? ? 
hydrog21 hydrog ?    ? A C   8  N3    ? ? ? 1_555 A G   23 N1 ? ? A C   8  A G   23 1_555 ? ? ? ? ? ? WATSON-CRICK  ?     ? ? 
hydrog22 hydrog ?    ? A C   8  N4    ? ? ? 1_555 A G   23 O6 ? ? A C   8  A G   23 1_555 ? ? ? ? ? ? WATSON-CRICK  ?     ? ? 
hydrog23 hydrog ?    ? A C   8  O2    ? ? ? 1_555 A G   23 N2 ? ? A C   8  A G   23 1_555 ? ? ? ? ? ? WATSON-CRICK  ?     ? ? 
hydrog24 hydrog ?    ? A C   9  O2    ? ? ? 1_555 A G   22 N2 ? ? A C   9  A G   22 1_555 ? ? ? ? ? ? 'C-G PAIR'    ?     ? ? 
hydrog25 hydrog ?    ? A G   10 N1    ? ? ? 1_555 A C   21 N3 ? ? A G   10 A C   21 1_555 ? ? ? ? ? ? 'G-C PAIR'    ?     ? ? 
hydrog26 hydrog ?    ? A A   24 N1    ? ? ? 1_555 A 5BU 37 N3 ? ? A A   24 A 5BU 37 1_555 ? ? ? ? ? ? WATSON-CRICK  ?     ? ? 
hydrog27 hydrog ?    ? A A   24 N6    ? ? ? 1_555 A 5BU 37 O4 ? ? A A   24 A 5BU 37 1_555 ? ? ? ? ? ? WATSON-CRICK  ?     ? ? 
hydrog28 hydrog ?    ? A A   25 N1    ? ? ? 1_555 A 5BU 36 N3 ? ? A A   25 A 5BU 36 1_555 ? ? ? ? ? ? WATSON-CRICK  ?     ? ? 
hydrog29 hydrog ?    ? A A   25 N6    ? ? ? 1_555 A 5BU 36 O4 ? ? A A   25 A 5BU 36 1_555 ? ? ? ? ? ? WATSON-CRICK  ?     ? ? 
hydrog30 hydrog ?    ? A 5BU 26 N3    ? ? ? 1_555 A A   35 N1 ? ? A 5BU 26 A A   35 1_555 ? ? ? ? ? ? WATSON-CRICK  ?     ? ? 
hydrog31 hydrog ?    ? A 5BU 26 O4    ? ? ? 1_555 A A   35 N6 ? ? A 5BU 26 A A   35 1_555 ? ? ? ? ? ? WATSON-CRICK  ?     ? ? 
hydrog32 hydrog ?    ? A C   27 O2    ? ? ? 1_555 A G   34 N1 ? ? A C   27 A G   34 1_555 ? ? ? ? ? ? 'C-G PAIR'    ?     ? ? 
hydrog33 hydrog ?    ? A C   28 N3    ? ? ? 1_555 A G   33 N1 ? ? A C   28 A G   33 1_555 ? ? ? ? ? ? WATSON-CRICK  ?     ? ? 
hydrog34 hydrog ?    ? A C   28 N4    ? ? ? 1_555 A G   33 O6 ? ? A C   28 A G   33 1_555 ? ? ? ? ? ? WATSON-CRICK  ?     ? ? 
hydrog35 hydrog ?    ? A C   28 O2    ? ? ? 1_555 A G   33 N2 ? ? A C   28 A G   33 1_555 ? ? ? ? ? ? WATSON-CRICK  ?     ? ? 
hydrog36 hydrog ?    ? A G   39 N1    ? ? ? 1_555 A C   48 N3 ? ? A G   39 A C   48 1_555 ? ? ? ? ? ? WATSON-CRICK  ?     ? ? 
hydrog37 hydrog ?    ? A G   39 N2    ? ? ? 1_555 A C   48 O2 ? ? A G   39 A C   48 1_555 ? ? ? ? ? ? WATSON-CRICK  ?     ? ? 
hydrog38 hydrog ?    ? A G   39 O6    ? ? ? 1_555 A C   48 N4 ? ? A G   39 A C   48 1_555 ? ? ? ? ? ? WATSON-CRICK  ?     ? ? 
hydrog39 hydrog ?    ? A G   40 N1    ? ? ? 1_555 A C   47 N3 ? ? A G   40 A C   47 1_555 ? ? ? ? ? ? WATSON-CRICK  ?     ? ? 
hydrog40 hydrog ?    ? A G   40 N2    ? ? ? 1_555 A C   47 O2 ? ? A G   40 A C   47 1_555 ? ? ? ? ? ? WATSON-CRICK  ?     ? ? 
hydrog41 hydrog ?    ? A G   40 O6    ? ? ? 1_555 A C   47 N4 ? ? A G   40 A C   47 1_555 ? ? ? ? ? ? WATSON-CRICK  ?     ? ? 
hydrog42 hydrog ?    ? A G   41 N1    ? ? ? 1_555 A C   46 N3 ? ? A G   41 A C   46 1_555 ? ? ? ? ? ? WATSON-CRICK  ?     ? ? 
hydrog43 hydrog ?    ? A G   41 N2    ? ? ? 1_555 A C   46 O2 ? ? A G   41 A C   46 1_555 ? ? ? ? ? ? WATSON-CRICK  ?     ? ? 
hydrog44 hydrog ?    ? A G   41 O6    ? ? ? 1_555 A C   46 N4 ? ? A G   41 A C   46 1_555 ? ? ? ? ? ? WATSON-CRICK  ?     ? ? 
hydrog45 hydrog ?    ? A C   42 N3    ? ? ? 1_555 A G   45 N1 ? ? A C   42 A G   45 1_555 ? ? ? ? ? ? WATSON-CRICK  ?     ? ? 
hydrog46 hydrog ?    ? A C   42 N4    ? ? ? 1_555 A G   45 O6 ? ? A C   42 A G   45 1_555 ? ? ? ? ? ? WATSON-CRICK  ?     ? ? 
hydrog47 hydrog ?    ? A C   42 O2    ? ? ? 1_555 A G   45 N2 ? ? A C   42 A G   45 1_555 ? ? ? ? ? ? WATSON-CRICK  ?     ? ? 
hydrog48 hydrog ?    ? A G   43 N1    ? ? ? 1_555 A 5BU 44 O2 ? ? A G   43 A 5BU 44 1_555 ? ? ? ? ? ? TYPE_28_PAIR  ?     ? ? 
hydrog49 hydrog ?    ? A G   43 O6    ? ? ? 1_555 A 5BU 44 N3 ? ? A G   43 A 5BU 44 1_555 ? ? ? ? ? ? TYPE_28_PAIR  ?     ? ? 
# 
loop_
_struct_conn_type.id 
_struct_conn_type.criteria 
_struct_conn_type.reference 
covale ? ? 
hydrog ? ? 
# 
_pdbx_validate_rmsd_angle.id                         1 
_pdbx_validate_rmsd_angle.PDB_model_num              1 
_pdbx_validate_rmsd_angle.auth_atom_id_1             "O4'" 
_pdbx_validate_rmsd_angle.auth_asym_id_1             A 
_pdbx_validate_rmsd_angle.auth_comp_id_1             G 
_pdbx_validate_rmsd_angle.auth_seq_id_1              43 
_pdbx_validate_rmsd_angle.PDB_ins_code_1             ? 
_pdbx_validate_rmsd_angle.label_alt_id_1             ? 
_pdbx_validate_rmsd_angle.auth_atom_id_2             "C1'" 
_pdbx_validate_rmsd_angle.auth_asym_id_2             A 
_pdbx_validate_rmsd_angle.auth_comp_id_2             G 
_pdbx_validate_rmsd_angle.auth_seq_id_2              43 
_pdbx_validate_rmsd_angle.PDB_ins_code_2             ? 
_pdbx_validate_rmsd_angle.label_alt_id_2             ? 
_pdbx_validate_rmsd_angle.auth_atom_id_3             N9 
_pdbx_validate_rmsd_angle.auth_asym_id_3             A 
_pdbx_validate_rmsd_angle.auth_comp_id_3             G 
_pdbx_validate_rmsd_angle.auth_seq_id_3              43 
_pdbx_validate_rmsd_angle.PDB_ins_code_3             ? 
_pdbx_validate_rmsd_angle.label_alt_id_3             ? 
_pdbx_validate_rmsd_angle.angle_value                113.36 
_pdbx_validate_rmsd_angle.angle_target_value         108.50 
_pdbx_validate_rmsd_angle.angle_deviation            4.86 
_pdbx_validate_rmsd_angle.angle_standard_deviation   0.70 
_pdbx_validate_rmsd_angle.linker_flag                N 
# 
loop_
_pdbx_validate_planes.id 
_pdbx_validate_planes.PDB_model_num 
_pdbx_validate_planes.auth_comp_id 
_pdbx_validate_planes.auth_asym_id 
_pdbx_validate_planes.auth_seq_id 
_pdbx_validate_planes.PDB_ins_code 
_pdbx_validate_planes.label_alt_id 
_pdbx_validate_planes.rmsd 
_pdbx_validate_planes.type 
1 1 G A 29 ? ? 0.079 'SIDE CHAIN' 
2 1 A A 31 ? ? 0.056 'SIDE CHAIN' 
3 1 G A 43 ? ? 0.051 'SIDE CHAIN' 
# 
loop_
_pdbx_struct_mod_residue.id 
_pdbx_struct_mod_residue.label_asym_id 
_pdbx_struct_mod_residue.label_comp_id 
_pdbx_struct_mod_residue.label_seq_id 
_pdbx_struct_mod_residue.auth_asym_id 
_pdbx_struct_mod_residue.auth_comp_id 
_pdbx_struct_mod_residue.auth_seq_id 
_pdbx_struct_mod_residue.PDB_ins_code 
_pdbx_struct_mod_residue.parent_comp_id 
_pdbx_struct_mod_residue.details 
1 A 5BU 16 A 5BU 16 ? U "5-BROMO-URIDINE-5'-MONOPHOSPHATE" 
2 A 5BU 26 A 5BU 26 ? U "5-BROMO-URIDINE-5'-MONOPHOSPHATE" 
3 A 5BU 36 A 5BU 36 ? U "5-BROMO-URIDINE-5'-MONOPHOSPHATE" 
4 A 5BU 37 A 5BU 37 ? U "5-BROMO-URIDINE-5'-MONOPHOSPHATE" 
5 A 5BU 38 A 5BU 38 ? U "5-BROMO-URIDINE-5'-MONOPHOSPHATE" 
6 A 5BU 44 A 5BU 44 ? U "5-BROMO-URIDINE-5'-MONOPHOSPHATE" 
# 
loop_
_pdbx_unobs_or_zero_occ_residues.id 
_pdbx_unobs_or_zero_occ_residues.PDB_model_num 
_pdbx_unobs_or_zero_occ_residues.polymer_flag 
_pdbx_unobs_or_zero_occ_residues.occupancy_flag 
_pdbx_unobs_or_zero_occ_residues.auth_asym_id 
_pdbx_unobs_or_zero_occ_residues.auth_comp_id 
_pdbx_unobs_or_zero_occ_residues.auth_seq_id 
_pdbx_unobs_or_zero_occ_residues.PDB_ins_code 
_pdbx_unobs_or_zero_occ_residues.label_asym_id 
_pdbx_unobs_or_zero_occ_residues.label_comp_id 
_pdbx_unobs_or_zero_occ_residues.label_seq_id 
1 1 Y 1 A G 11 ? A G 11 
2 1 Y 1 A U 12 ? A U 12 
3 1 Y 1 A G 13 ? A G 13 
4 1 Y 1 A A 14 ? A A 14 
5 1 Y 1 A G 15 ? A G 15 
# 
loop_
_chem_comp_atom.comp_id 
_chem_comp_atom.atom_id 
_chem_comp_atom.type_symbol 
_chem_comp_atom.pdbx_aromatic_flag 
_chem_comp_atom.pdbx_stereo_config 
_chem_comp_atom.pdbx_ordinal 
5BU P      P  N N 1   
5BU OP1    O  N N 2   
5BU OP2    O  N N 3   
5BU OP3    O  N N 4   
5BU "O5'"  O  N N 5   
5BU "C5'"  C  N N 6   
5BU "C4'"  C  N R 7   
5BU "O4'"  O  N N 8   
5BU "C3'"  C  N S 9   
5BU "O3'"  O  N N 10  
5BU "C2'"  C  N R 11  
5BU "O2'"  O  N N 12  
5BU "C1'"  C  N R 13  
5BU N1     N  N N 14  
5BU C2     C  N N 15  
5BU O2     O  N N 16  
5BU N3     N  N N 17  
5BU C4     C  N N 18  
5BU O4     O  N N 19  
5BU C5     C  N N 20  
5BU C6     C  N N 21  
5BU BR     BR N N 22  
5BU HOP2   H  N N 23  
5BU HOP3   H  N N 24  
5BU "H5'"  H  N N 25  
5BU "H5''" H  N N 26  
5BU "H4'"  H  N N 27  
5BU "H3'"  H  N N 28  
5BU "HO3'" H  N N 29  
5BU "H2'"  H  N N 30  
5BU "HO2'" H  N N 31  
5BU "H1'"  H  N N 32  
5BU H3     H  N N 33  
5BU H6     H  N N 34  
A   OP3    O  N N 35  
A   P      P  N N 36  
A   OP1    O  N N 37  
A   OP2    O  N N 38  
A   "O5'"  O  N N 39  
A   "C5'"  C  N N 40  
A   "C4'"  C  N R 41  
A   "O4'"  O  N N 42  
A   "C3'"  C  N S 43  
A   "O3'"  O  N N 44  
A   "C2'"  C  N R 45  
A   "O2'"  O  N N 46  
A   "C1'"  C  N R 47  
A   N9     N  Y N 48  
A   C8     C  Y N 49  
A   N7     N  Y N 50  
A   C5     C  Y N 51  
A   C6     C  Y N 52  
A   N6     N  N N 53  
A   N1     N  Y N 54  
A   C2     C  Y N 55  
A   N3     N  Y N 56  
A   C4     C  Y N 57  
A   HOP3   H  N N 58  
A   HOP2   H  N N 59  
A   "H5'"  H  N N 60  
A   "H5''" H  N N 61  
A   "H4'"  H  N N 62  
A   "H3'"  H  N N 63  
A   "HO3'" H  N N 64  
A   "H2'"  H  N N 65  
A   "HO2'" H  N N 66  
A   "H1'"  H  N N 67  
A   H8     H  N N 68  
A   H61    H  N N 69  
A   H62    H  N N 70  
A   H2     H  N N 71  
C   OP3    O  N N 72  
C   P      P  N N 73  
C   OP1    O  N N 74  
C   OP2    O  N N 75  
C   "O5'"  O  N N 76  
C   "C5'"  C  N N 77  
C   "C4'"  C  N R 78  
C   "O4'"  O  N N 79  
C   "C3'"  C  N S 80  
C   "O3'"  O  N N 81  
C   "C2'"  C  N R 82  
C   "O2'"  O  N N 83  
C   "C1'"  C  N R 84  
C   N1     N  N N 85  
C   C2     C  N N 86  
C   O2     O  N N 87  
C   N3     N  N N 88  
C   C4     C  N N 89  
C   N4     N  N N 90  
C   C5     C  N N 91  
C   C6     C  N N 92  
C   HOP3   H  N N 93  
C   HOP2   H  N N 94  
C   "H5'"  H  N N 95  
C   "H5''" H  N N 96  
C   "H4'"  H  N N 97  
C   "H3'"  H  N N 98  
C   "HO3'" H  N N 99  
C   "H2'"  H  N N 100 
C   "HO2'" H  N N 101 
C   "H1'"  H  N N 102 
C   H41    H  N N 103 
C   H42    H  N N 104 
C   H5     H  N N 105 
C   H6     H  N N 106 
G   OP3    O  N N 107 
G   P      P  N N 108 
G   OP1    O  N N 109 
G   OP2    O  N N 110 
G   "O5'"  O  N N 111 
G   "C5'"  C  N N 112 
G   "C4'"  C  N R 113 
G   "O4'"  O  N N 114 
G   "C3'"  C  N S 115 
G   "O3'"  O  N N 116 
G   "C2'"  C  N R 117 
G   "O2'"  O  N N 118 
G   "C1'"  C  N R 119 
G   N9     N  Y N 120 
G   C8     C  Y N 121 
G   N7     N  Y N 122 
G   C5     C  Y N 123 
G   C6     C  N N 124 
G   O6     O  N N 125 
G   N1     N  N N 126 
G   C2     C  N N 127 
G   N2     N  N N 128 
G   N3     N  N N 129 
G   C4     C  Y N 130 
G   HOP3   H  N N 131 
G   HOP2   H  N N 132 
G   "H5'"  H  N N 133 
G   "H5''" H  N N 134 
G   "H4'"  H  N N 135 
G   "H3'"  H  N N 136 
G   "HO3'" H  N N 137 
G   "H2'"  H  N N 138 
G   "HO2'" H  N N 139 
G   "H1'"  H  N N 140 
G   H8     H  N N 141 
G   H1     H  N N 142 
G   H21    H  N N 143 
G   H22    H  N N 144 
U   OP3    O  N N 145 
U   P      P  N N 146 
U   OP1    O  N N 147 
U   OP2    O  N N 148 
U   "O5'"  O  N N 149 
U   "C5'"  C  N N 150 
U   "C4'"  C  N R 151 
U   "O4'"  O  N N 152 
U   "C3'"  C  N S 153 
U   "O3'"  O  N N 154 
U   "C2'"  C  N R 155 
U   "O2'"  O  N N 156 
U   "C1'"  C  N R 157 
U   N1     N  N N 158 
U   C2     C  N N 159 
U   O2     O  N N 160 
U   N3     N  N N 161 
U   C4     C  N N 162 
U   O4     O  N N 163 
U   C5     C  N N 164 
U   C6     C  N N 165 
U   HOP3   H  N N 166 
U   HOP2   H  N N 167 
U   "H5'"  H  N N 168 
U   "H5''" H  N N 169 
U   "H4'"  H  N N 170 
U   "H3'"  H  N N 171 
U   "HO3'" H  N N 172 
U   "H2'"  H  N N 173 
U   "HO2'" H  N N 174 
U   "H1'"  H  N N 175 
U   H3     H  N N 176 
U   H5     H  N N 177 
U   H6     H  N N 178 
# 
loop_
_chem_comp_bond.comp_id 
_chem_comp_bond.atom_id_1 
_chem_comp_bond.atom_id_2 
_chem_comp_bond.value_order 
_chem_comp_bond.pdbx_aromatic_flag 
_chem_comp_bond.pdbx_stereo_config 
_chem_comp_bond.pdbx_ordinal 
5BU P     OP1    doub N N 1   
5BU P     OP2    sing N N 2   
5BU P     OP3    sing N N 3   
5BU P     "O5'"  sing N N 4   
5BU OP2   HOP2   sing N N 5   
5BU OP3   HOP3   sing N N 6   
5BU "O5'" "C5'"  sing N N 7   
5BU "C5'" "C4'"  sing N N 8   
5BU "C5'" "H5'"  sing N N 9   
5BU "C5'" "H5''" sing N N 10  
5BU "C4'" "O4'"  sing N N 11  
5BU "C4'" "C3'"  sing N N 12  
5BU "C4'" "H4'"  sing N N 13  
5BU "O4'" "C1'"  sing N N 14  
5BU "C3'" "O3'"  sing N N 15  
5BU "C3'" "C2'"  sing N N 16  
5BU "C3'" "H3'"  sing N N 17  
5BU "O3'" "HO3'" sing N N 18  
5BU "C2'" "O2'"  sing N N 19  
5BU "C2'" "C1'"  sing N N 20  
5BU "C2'" "H2'"  sing N N 21  
5BU "O2'" "HO2'" sing N N 22  
5BU "C1'" N1     sing N N 23  
5BU "C1'" "H1'"  sing N N 24  
5BU N1    C2     sing N N 25  
5BU N1    C6     sing N N 26  
5BU C2    O2     doub N N 27  
5BU C2    N3     sing N N 28  
5BU N3    C4     sing N N 29  
5BU N3    H3     sing N N 30  
5BU C4    O4     doub N N 31  
5BU C4    C5     sing N N 32  
5BU C5    C6     doub N N 33  
5BU C5    BR     sing N N 34  
5BU C6    H6     sing N N 35  
A   OP3   P      sing N N 36  
A   OP3   HOP3   sing N N 37  
A   P     OP1    doub N N 38  
A   P     OP2    sing N N 39  
A   P     "O5'"  sing N N 40  
A   OP2   HOP2   sing N N 41  
A   "O5'" "C5'"  sing N N 42  
A   "C5'" "C4'"  sing N N 43  
A   "C5'" "H5'"  sing N N 44  
A   "C5'" "H5''" sing N N 45  
A   "C4'" "O4'"  sing N N 46  
A   "C4'" "C3'"  sing N N 47  
A   "C4'" "H4'"  sing N N 48  
A   "O4'" "C1'"  sing N N 49  
A   "C3'" "O3'"  sing N N 50  
A   "C3'" "C2'"  sing N N 51  
A   "C3'" "H3'"  sing N N 52  
A   "O3'" "HO3'" sing N N 53  
A   "C2'" "O2'"  sing N N 54  
A   "C2'" "C1'"  sing N N 55  
A   "C2'" "H2'"  sing N N 56  
A   "O2'" "HO2'" sing N N 57  
A   "C1'" N9     sing N N 58  
A   "C1'" "H1'"  sing N N 59  
A   N9    C8     sing Y N 60  
A   N9    C4     sing Y N 61  
A   C8    N7     doub Y N 62  
A   C8    H8     sing N N 63  
A   N7    C5     sing Y N 64  
A   C5    C6     sing Y N 65  
A   C5    C4     doub Y N 66  
A   C6    N6     sing N N 67  
A   C6    N1     doub Y N 68  
A   N6    H61    sing N N 69  
A   N6    H62    sing N N 70  
A   N1    C2     sing Y N 71  
A   C2    N3     doub Y N 72  
A   C2    H2     sing N N 73  
A   N3    C4     sing Y N 74  
C   OP3   P      sing N N 75  
C   OP3   HOP3   sing N N 76  
C   P     OP1    doub N N 77  
C   P     OP2    sing N N 78  
C   P     "O5'"  sing N N 79  
C   OP2   HOP2   sing N N 80  
C   "O5'" "C5'"  sing N N 81  
C   "C5'" "C4'"  sing N N 82  
C   "C5'" "H5'"  sing N N 83  
C   "C5'" "H5''" sing N N 84  
C   "C4'" "O4'"  sing N N 85  
C   "C4'" "C3'"  sing N N 86  
C   "C4'" "H4'"  sing N N 87  
C   "O4'" "C1'"  sing N N 88  
C   "C3'" "O3'"  sing N N 89  
C   "C3'" "C2'"  sing N N 90  
C   "C3'" "H3'"  sing N N 91  
C   "O3'" "HO3'" sing N N 92  
C   "C2'" "O2'"  sing N N 93  
C   "C2'" "C1'"  sing N N 94  
C   "C2'" "H2'"  sing N N 95  
C   "O2'" "HO2'" sing N N 96  
C   "C1'" N1     sing N N 97  
C   "C1'" "H1'"  sing N N 98  
C   N1    C2     sing N N 99  
C   N1    C6     sing N N 100 
C   C2    O2     doub N N 101 
C   C2    N3     sing N N 102 
C   N3    C4     doub N N 103 
C   C4    N4     sing N N 104 
C   C4    C5     sing N N 105 
C   N4    H41    sing N N 106 
C   N4    H42    sing N N 107 
C   C5    C6     doub N N 108 
C   C5    H5     sing N N 109 
C   C6    H6     sing N N 110 
G   OP3   P      sing N N 111 
G   OP3   HOP3   sing N N 112 
G   P     OP1    doub N N 113 
G   P     OP2    sing N N 114 
G   P     "O5'"  sing N N 115 
G   OP2   HOP2   sing N N 116 
G   "O5'" "C5'"  sing N N 117 
G   "C5'" "C4'"  sing N N 118 
G   "C5'" "H5'"  sing N N 119 
G   "C5'" "H5''" sing N N 120 
G   "C4'" "O4'"  sing N N 121 
G   "C4'" "C3'"  sing N N 122 
G   "C4'" "H4'"  sing N N 123 
G   "O4'" "C1'"  sing N N 124 
G   "C3'" "O3'"  sing N N 125 
G   "C3'" "C2'"  sing N N 126 
G   "C3'" "H3'"  sing N N 127 
G   "O3'" "HO3'" sing N N 128 
G   "C2'" "O2'"  sing N N 129 
G   "C2'" "C1'"  sing N N 130 
G   "C2'" "H2'"  sing N N 131 
G   "O2'" "HO2'" sing N N 132 
G   "C1'" N9     sing N N 133 
G   "C1'" "H1'"  sing N N 134 
G   N9    C8     sing Y N 135 
G   N9    C4     sing Y N 136 
G   C8    N7     doub Y N 137 
G   C8    H8     sing N N 138 
G   N7    C5     sing Y N 139 
G   C5    C6     sing N N 140 
G   C5    C4     doub Y N 141 
G   C6    O6     doub N N 142 
G   C6    N1     sing N N 143 
G   N1    C2     sing N N 144 
G   N1    H1     sing N N 145 
G   C2    N2     sing N N 146 
G   C2    N3     doub N N 147 
G   N2    H21    sing N N 148 
G   N2    H22    sing N N 149 
G   N3    C4     sing N N 150 
U   OP3   P      sing N N 151 
U   OP3   HOP3   sing N N 152 
U   P     OP1    doub N N 153 
U   P     OP2    sing N N 154 
U   P     "O5'"  sing N N 155 
U   OP2   HOP2   sing N N 156 
U   "O5'" "C5'"  sing N N 157 
U   "C5'" "C4'"  sing N N 158 
U   "C5'" "H5'"  sing N N 159 
U   "C5'" "H5''" sing N N 160 
U   "C4'" "O4'"  sing N N 161 
U   "C4'" "C3'"  sing N N 162 
U   "C4'" "H4'"  sing N N 163 
U   "O4'" "C1'"  sing N N 164 
U   "C3'" "O3'"  sing N N 165 
U   "C3'" "C2'"  sing N N 166 
U   "C3'" "H3'"  sing N N 167 
U   "O3'" "HO3'" sing N N 168 
U   "C2'" "O2'"  sing N N 169 
U   "C2'" "C1'"  sing N N 170 
U   "C2'" "H2'"  sing N N 171 
U   "O2'" "HO2'" sing N N 172 
U   "C1'" N1     sing N N 173 
U   "C1'" "H1'"  sing N N 174 
U   N1    C2     sing N N 175 
U   N1    C6     sing N N 176 
U   C2    O2     doub N N 177 
U   C2    N3     sing N N 178 
U   N3    C4     sing N N 179 
U   N3    H3     sing N N 180 
U   C4    O4     doub N N 181 
U   C4    C5     sing N N 182 
U   C5    C6     doub N N 183 
U   C5    H5     sing N N 184 
U   C6    H6     sing N N 185 
# 
loop_
_ndb_struct_conf_na.entry_id 
_ndb_struct_conf_na.feature 
1KH6 'double helix'        
1KH6 'a-form double helix' 
1KH6 'hairpin loop'        
1KH6 'quadruple helix'     
# 
loop_
_ndb_struct_na_base_pair.model_number 
_ndb_struct_na_base_pair.i_label_asym_id 
_ndb_struct_na_base_pair.i_label_comp_id 
_ndb_struct_na_base_pair.i_label_seq_id 
_ndb_struct_na_base_pair.i_symmetry 
_ndb_struct_na_base_pair.j_label_asym_id 
_ndb_struct_na_base_pair.j_label_comp_id 
_ndb_struct_na_base_pair.j_label_seq_id 
_ndb_struct_na_base_pair.j_symmetry 
_ndb_struct_na_base_pair.shear 
_ndb_struct_na_base_pair.stretch 
_ndb_struct_na_base_pair.stagger 
_ndb_struct_na_base_pair.buckle 
_ndb_struct_na_base_pair.propeller 
_ndb_struct_na_base_pair.opening 
_ndb_struct_na_base_pair.pair_number 
_ndb_struct_na_base_pair.pair_name 
_ndb_struct_na_base_pair.i_auth_asym_id 
_ndb_struct_na_base_pair.i_auth_seq_id 
_ndb_struct_na_base_pair.i_PDB_ins_code 
_ndb_struct_na_base_pair.j_auth_asym_id 
_ndb_struct_na_base_pair.j_auth_seq_id 
_ndb_struct_na_base_pair.j_PDB_ins_code 
_ndb_struct_na_base_pair.hbond_type_28 
_ndb_struct_na_base_pair.hbond_type_12 
1 A G   1  1_555 A C   53 1_555 0.026  -0.137 -0.481 -17.637 -7.010  -5.299  1  A_G1:C53_A    A 1  ? A 53 ? 19 1 
1 A G   2  1_555 A C   52 1_555 0.157  -0.566 -0.031 -3.225  -9.093  -2.713  2  A_G2:C52_A    A 2  ? A 52 ? 19 1 
1 A C   3  1_555 A G   51 1_555 0.115  -0.411 -0.040 4.419   -5.535  1.561   3  A_C3:G51_A    A 3  ? A 51 ? 19 1 
1 A G   4  1_555 A C   50 1_555 -0.255 -0.307 -0.268 -4.081  -12.379 -1.585  4  A_G4:C50_A    A 4  ? A 50 ? 19 1 
1 A G   5  1_555 A C   49 1_555 0.375  -0.201 -0.118 -7.414  -10.145 -7.232  5  A_G5:C49_A    A 5  ? A 49 ? 19 1 
1 A G   39 1_555 A C   48 1_555 -0.054 -0.444 -0.473 -6.391  -2.065  -2.370  6  A_G39:C48_A   A 39 ? A 48 ? 19 1 
1 A G   40 1_555 A C   47 1_555 -0.068 -0.350 -0.070 -7.295  -1.305  0.483   7  A_G40:C47_A   A 40 ? A 47 ? 19 1 
1 A G   41 1_555 A C   46 1_555 -0.305 -0.218 -0.210 -12.926 -11.846 1.626   8  A_G41:C46_A   A 41 ? A 46 ? 19 1 
1 A C   42 1_555 A G   45 1_555 0.733  -0.484 -0.040 -6.216  -2.079  -1.282  9  A_C42:G45_A   A 42 ? A 45 ? 19 1 
1 A G   43 1_555 A 5BU 44 1_555 -1.584 -0.354 -0.313 -5.973  -13.098 -4.976  10 A_G43:5BU44_A A 43 ? A 44 ? 28 1 
1 A C   21 1_555 A G   10 1_555 -0.702 -0.743 1.470  15.389  37.782  0.957   11 A_C21:G10_A   A 21 ? A 10 ? ?  ? 
1 A G   22 1_555 A C   9  1_555 0.216  0.461  -0.272 6.092   11.052  21.328  12 A_G22:C9_A    A 22 ? A 9  ? ?  1 
1 A G   23 1_555 A C   8  1_555 0.694  -0.217 -0.505 -5.742  -18.131 5.468   13 A_G23:C8_A    A 23 ? A 8  ? 19 1 
1 A 5BU 38 1_555 A A   7  1_555 0.177  2.578  0.344  7.680   -10.249 -67.396 14 A_5BU38:A7_A  A 38 ? A 7  ? 23 3 
1 A A   24 1_555 A 5BU 37 1_555 -0.140 -0.010 0.347  0.333   -8.169  1.522   15 A_A24:5BU37_A A 24 ? A 37 ? 20 1 
1 A A   25 1_555 A 5BU 36 1_555 -0.707 -0.486 0.392  9.843   -12.399 2.195   16 A_A25:5BU36_A A 25 ? A 36 ? 20 1 
1 A 5BU 26 1_555 A A   35 1_555 0.925  -0.354 0.297  3.899   -16.750 12.340  17 A_5BU26:A35_A A 26 ? A 35 ? 20 1 
1 A C   27 1_555 A G   34 1_555 1.666  0.205  -0.162 4.352   -9.439  17.436  18 A_C27:G34_A   A 27 ? A 34 ? ?  1 
1 A C   28 1_555 A G   33 1_555 0.200  0.003  -0.609 5.976   4.036   5.433   19 A_C28:G33_A   A 28 ? A 33 ? 19 1 
# 
loop_
_ndb_struct_na_base_pair_step.model_number 
_ndb_struct_na_base_pair_step.i_label_asym_id_1 
_ndb_struct_na_base_pair_step.i_label_comp_id_1 
_ndb_struct_na_base_pair_step.i_label_seq_id_1 
_ndb_struct_na_base_pair_step.i_symmetry_1 
_ndb_struct_na_base_pair_step.j_label_asym_id_1 
_ndb_struct_na_base_pair_step.j_label_comp_id_1 
_ndb_struct_na_base_pair_step.j_label_seq_id_1 
_ndb_struct_na_base_pair_step.j_symmetry_1 
_ndb_struct_na_base_pair_step.i_label_asym_id_2 
_ndb_struct_na_base_pair_step.i_label_comp_id_2 
_ndb_struct_na_base_pair_step.i_label_seq_id_2 
_ndb_struct_na_base_pair_step.i_symmetry_2 
_ndb_struct_na_base_pair_step.j_label_asym_id_2 
_ndb_struct_na_base_pair_step.j_label_comp_id_2 
_ndb_struct_na_base_pair_step.j_label_seq_id_2 
_ndb_struct_na_base_pair_step.j_symmetry_2 
_ndb_struct_na_base_pair_step.shift 
_ndb_struct_na_base_pair_step.slide 
_ndb_struct_na_base_pair_step.rise 
_ndb_struct_na_base_pair_step.tilt 
_ndb_struct_na_base_pair_step.roll 
_ndb_struct_na_base_pair_step.twist 
_ndb_struct_na_base_pair_step.x_displacement 
_ndb_struct_na_base_pair_step.y_displacement 
_ndb_struct_na_base_pair_step.helical_rise 
_ndb_struct_na_base_pair_step.inclination 
_ndb_struct_na_base_pair_step.tip 
_ndb_struct_na_base_pair_step.helical_twist 
_ndb_struct_na_base_pair_step.step_number 
_ndb_struct_na_base_pair_step.step_name 
_ndb_struct_na_base_pair_step.i_auth_asym_id_1 
_ndb_struct_na_base_pair_step.i_auth_seq_id_1 
_ndb_struct_na_base_pair_step.i_PDB_ins_code_1 
_ndb_struct_na_base_pair_step.j_auth_asym_id_1 
_ndb_struct_na_base_pair_step.j_auth_seq_id_1 
_ndb_struct_na_base_pair_step.j_PDB_ins_code_1 
_ndb_struct_na_base_pair_step.i_auth_asym_id_2 
_ndb_struct_na_base_pair_step.i_auth_seq_id_2 
_ndb_struct_na_base_pair_step.i_PDB_ins_code_2 
_ndb_struct_na_base_pair_step.j_auth_asym_id_2 
_ndb_struct_na_base_pair_step.j_auth_seq_id_2 
_ndb_struct_na_base_pair_step.j_PDB_ins_code_2 
1 A G   1  1_555 A C   53 1_555 A G   2  1_555 A C   52 1_555 0.111  -1.635 2.911  -8.225   11.572  29.565  -4.497 -1.331 2.043  
21.205  15.071  32.728   1  AA_G1G2:C52C53_AA       A 1  ? A 53 ? A 2  ? A 52 ? 
1 A G   2  1_555 A C   52 1_555 A C   3  1_555 A G   51 1_555 -0.158 -1.825 3.091  -0.481   1.201   32.774  -3.425 0.202  3.026  
2.127   0.851   32.799   2  AA_G2C3:G51C52_AA       A 2  ? A 52 ? A 3  ? A 51 ? 
1 A C   3  1_555 A G   51 1_555 A G   4  1_555 A C   50 1_555 -0.170 -2.231 3.455  2.588    10.433  24.391  -7.358 0.993  2.293  
23.301  -5.779  26.622   3  AA_C3G4:C50G51_AA       A 3  ? A 51 ? A 4  ? A 50 ? 
1 A G   4  1_555 A C   50 1_555 A G   5  1_555 A C   49 1_555 0.286  -2.014 3.345  0.053    8.056   35.125  -4.353 -0.455 2.829  
13.136  -0.087  36.008   4  AA_G4G5:C49C50_AA       A 4  ? A 50 ? A 5  ? A 49 ? 
1 A G   5  1_555 A C   49 1_555 A G   39 1_555 A C   48 1_555 -0.975 -1.834 3.308  6.819    13.268  39.337  -3.808 2.003  2.400  
18.904  -9.716  41.965   5  AA_G5G39:C48C49_AA      A 5  ? A 49 ? A 39 ? A 48 ? 
1 A G   39 1_555 A C   48 1_555 A G   40 1_555 A C   47 1_555 0.000  -2.367 3.295  -1.163   2.439   32.001  -4.709 -0.205 3.109  
4.415   2.104   32.112   6  AA_G39G40:C47C48_AA     A 39 ? A 48 ? A 40 ? A 47 ? 
1 A G   40 1_555 A C   47 1_555 A G   41 1_555 A C   46 1_555 0.686  -2.501 3.333  7.260    7.489   27.476  -6.463 0.129  2.664  
15.095  -14.634 29.354   7  AA_G40G41:C46C47_AA     A 40 ? A 47 ? A 41 ? A 46 ? 
1 A G   41 1_555 A C   46 1_555 A C   42 1_555 A G   45 1_555 -0.465 -1.153 3.035  0.988    1.617   36.741  -2.030 0.860  2.971  
2.563   -1.567  36.788   8  AA_G41C42:G45C46_AA     A 41 ? A 46 ? A 42 ? A 45 ? 
1 A C   42 1_555 A G   45 1_555 A G   43 1_555 A 5BU 44 1_555 1.208  -2.611 3.201  4.920    11.506  22.424  -8.585 -1.568 1.877  
27.049  -11.567 25.640   9  AA_C42G43:5BU44G45_AA   A 42 ? A 45 ? A 43 ? A 44 ? 
1 A C   21 1_555 A G   10 1_555 A G   22 1_555 A C   9  1_555 2.022  -2.477 2.982  16.354   17.777  37.827  -4.702 -1.336 2.309  
24.603  -22.634 44.642   10 AA_C21G22:C9G10_AA      A 21 ? A 10 ? A 22 ? A 9  ? 
1 A G   22 1_555 A C   9  1_555 A G   23 1_555 A C   8  1_555 -0.106 -1.811 3.546  3.631    12.372  33.990  -4.625 0.675  2.719  
20.281  -5.953  36.286   11 AA_G22G23:C8C9_AA       A 22 ? A 9  ? A 23 ? A 8  ? 
1 A G   23 1_555 A C   8  1_555 A 5BU 38 1_555 A A   7  1_555 -0.809 -3.792 0.211  -149.582 -81.258 176.071 -1.894 0.401  0.297  
-40.630 74.794  179.665  12 AA_G235BU38:A7C8_AA     A 23 ? A 8  ? A 38 ? A 7  ? 
1 A 5BU 38 1_555 A A   7  1_555 A A   24 1_555 A 5BU 37 1_555 5.370  -2.210 -3.068 159.266  -21.567 -35.453 0.657  -0.695 -6.290 
11.680  86.252  -161.643 13 AA_5BU38A24:5BU37A7_AA  A 38 ? A 7  ? A 24 ? A 37 ? 
1 A A   24 1_555 A 5BU 37 1_555 A A   25 1_555 A 5BU 36 1_555 -0.242 -1.352 2.930  -4.059   2.096   30.749  -2.880 -0.239 2.841  
3.925   7.601   31.078   14 AA_A24A25:5BU365BU37_AA A 24 ? A 37 ? A 25 ? A 36 ? 
1 A A   25 1_555 A 5BU 36 1_555 A 5BU 26 1_555 A A   35 1_555 0.473  -0.903 3.392  -1.407   -0.458  40.991  -1.236 -0.834 3.384  
-0.654  2.008   41.017   15 AA_A255BU26:A355BU36_AA A 25 ? A 36 ? A 26 ? A 35 ? 
1 A 5BU 26 1_555 A A   35 1_555 A C   27 1_555 A G   34 1_555 0.011  -1.455 3.191  3.870    4.021   32.858  -3.173 0.592  2.979  
7.045   -6.780  33.316   16 AA_5BU26C27:G34A35_AA   A 26 ? A 35 ? A 27 ? A 34 ? 
1 A C   27 1_555 A G   34 1_555 A C   28 1_555 A G   33 1_555 -1.224 -1.945 3.281  1.319    5.504   21.537  -6.939 3.625  2.629  
14.412  -3.453  22.260   17 AA_C27C28:G33G34_AA     A 27 ? A 34 ? A 28 ? A 33 ? 
# 
_atom_sites.entry_id                    1KH6 
_atom_sites.fract_transf_matrix[1][1]   0.00932511 
_atom_sites.fract_transf_matrix[1][2]   -0.00558665 
_atom_sites.fract_transf_matrix[1][3]   -0.01037943 
_atom_sites.fract_transf_matrix[2][1]   -0.01057765 
_atom_sites.fract_transf_matrix[2][2]   -0.00980628 
_atom_sites.fract_transf_matrix[2][3]   -0.00422504 
_atom_sites.fract_transf_matrix[3][1]   -0.00361066 
_atom_sites.fract_transf_matrix[3][2]   0.00689014 
_atom_sites.fract_transf_matrix[3][3]   -0.00695246 
_atom_sites.fract_transf_vector[1]      0.723931 
_atom_sites.fract_transf_vector[2]      0.400070 
_atom_sites.fract_transf_vector[3]      0.226619 
# 
loop_
_atom_type.symbol 
BR 
C  
N  
O  
P  
# 
loop_
_atom_site.group_PDB 
_atom_site.id 
_atom_site.type_symbol 
_atom_site.label_atom_id 
_atom_site.label_alt_id 
_atom_site.label_comp_id 
_atom_site.label_asym_id 
_atom_site.label_entity_id 
_atom_site.label_seq_id 
_atom_site.pdbx_PDB_ins_code 
_atom_site.Cartn_x 
_atom_site.Cartn_y 
_atom_site.Cartn_z 
_atom_site.occupancy 
_atom_site.B_iso_or_equiv 
_atom_site.pdbx_formal_charge 
_atom_site.auth_seq_id 
_atom_site.auth_comp_id 
_atom_site.auth_asym_id 
_atom_site.auth_atom_id 
_atom_site.pdbx_PDB_model_num 
ATOM   1    P  P     . G   A 1 1  ? 12.388  -13.291 15.625  1.00 50.18  ? 1  G   A P     1 
ATOM   2    C  "C5'" . G   A 1 1  ? 12.120  -14.478 16.413  1.00 48.79  ? 1  G   A "C5'" 1 
ATOM   3    C  "C4'" . G   A 1 1  ? 10.754  -14.625 17.081  1.00 48.73  ? 1  G   A "C4'" 1 
ATOM   4    O  "O4'" . G   A 1 1  ? 10.456  -13.432 17.865  1.00 47.29  ? 1  G   A "O4'" 1 
ATOM   5    C  "C3'" . G   A 1 1  ? 9.557   -14.732 16.143  1.00 50.07  ? 1  G   A "C3'" 1 
ATOM   6    O  "O3'" . G   A 1 1  ? 9.348   -16.045 15.650  1.00 53.77  ? 1  G   A "O3'" 1 
ATOM   7    C  "C2'" . G   A 1 1  ? 8.394   -14.273 17.012  1.00 47.18  ? 1  G   A "C2'" 1 
ATOM   8    O  "O2'" . G   A 1 1  ? 7.883   -15.295 17.850  1.00 45.62  ? 1  G   A "O2'" 1 
ATOM   9    C  "C1'" . G   A 1 1  ? 9.061   -13.161 17.820  1.00 44.23  ? 1  G   A "C1'" 1 
ATOM   10   N  N9    . G   A 1 1  ? 8.862   -11.854 17.210  1.00 39.66  ? 1  G   A N9    1 
ATOM   11   C  C8    . G   A 1 1  ? 9.798   -11.067 16.596  1.00 38.07  ? 1  G   A C8    1 
ATOM   12   N  N7    . G   A 1 1  ? 9.309   -9.933  16.170  1.00 37.64  ? 1  G   A N7    1 
ATOM   13   C  C5    . G   A 1 1  ? 7.970   -9.983  16.526  1.00 37.58  ? 1  G   A C5    1 
ATOM   14   C  C6    . G   A 1 1  ? 6.932   -9.031  16.343  1.00 38.15  ? 1  G   A C6    1 
ATOM   15   O  O6    . G   A 1 1  ? 6.994   -7.904  15.818  1.00 40.74  ? 1  G   A O6    1 
ATOM   16   N  N1    . G   A 1 1  ? 5.722   -9.491  16.845  1.00 37.78  ? 1  G   A N1    1 
ATOM   17   C  C2    . G   A 1 1  ? 5.535   -10.710 17.447  1.00 40.14  ? 1  G   A C2    1 
ATOM   18   N  N2    . G   A 1 1  ? 4.277   -10.984 17.859  1.00 41.11  ? 1  G   A N2    1 
ATOM   19   N  N3    . G   A 1 1  ? 6.500   -11.602 17.633  1.00 39.32  ? 1  G   A N3    1 
ATOM   20   C  C4    . G   A 1 1  ? 7.680   -11.170 17.154  1.00 38.06  ? 1  G   A C4    1 
ATOM   21   P  P     . G   A 1 2  ? 8.852   -16.241 14.136  1.00 55.40  ? 2  G   A P     1 
ATOM   22   O  OP1   . G   A 1 2  ? 8.903   -17.711 13.917  1.00 55.72  ? 2  G   A OP1   1 
ATOM   23   O  OP2   . G   A 1 2  ? 9.645   -15.335 13.258  1.00 55.95  ? 2  G   A OP2   1 
ATOM   24   O  "O5'" . G   A 1 2  ? 7.338   -15.729 14.166  1.00 52.93  ? 2  G   A "O5'" 1 
ATOM   25   C  "C5'" . G   A 1 2  ? 6.378   -16.482 14.885  1.00 51.06  ? 2  G   A "C5'" 1 
ATOM   26   C  "C4'" . G   A 1 2  ? 5.057   -15.760 15.004  1.00 48.88  ? 2  G   A "C4'" 1 
ATOM   27   O  "O4'" . G   A 1 2  ? 5.245   -14.485 15.679  1.00 47.30  ? 2  G   A "O4'" 1 
ATOM   28   C  "C3'" . G   A 1 2  ? 4.440   -15.342 13.687  1.00 48.99  ? 2  G   A "C3'" 1 
ATOM   29   O  "O3'" . G   A 1 2  ? 3.800   -16.416 13.028  1.00 52.71  ? 2  G   A "O3'" 1 
ATOM   30   C  "C2'" . G   A 1 2  ? 3.481   -14.235 14.108  1.00 46.80  ? 2  G   A "C2'" 1 
ATOM   31   O  "O2'" . G   A 1 2  ? 2.265   -14.679 14.681  1.00 46.39  ? 2  G   A "O2'" 1 
ATOM   32   C  "C1'" . G   A 1 2  ? 4.292   -13.554 15.197  1.00 43.47  ? 2  G   A "C1'" 1 
ATOM   33   N  N9    . G   A 1 2  ? 4.952   -12.373 14.675  1.00 38.65  ? 2  G   A N9    1 
ATOM   34   C  C8    . G   A 1 2  ? 6.281   -12.162 14.416  1.00 38.32  ? 2  G   A C8    1 
ATOM   35   N  N7    . G   A 1 2  ? 6.522   -10.959 13.961  1.00 37.29  ? 2  G   A N7    1 
ATOM   36   C  C5    . G   A 1 2  ? 5.271   -10.357 13.919  1.00 34.48  ? 2  G   A C5    1 
ATOM   37   C  C6    . G   A 1 2  ? 4.894   -9.054  13.536  1.00 32.87  ? 2  G   A C6    1 
ATOM   38   O  O6    . G   A 1 2  ? 5.613   -8.136  13.140  1.00 32.82  ? 2  G   A O6    1 
ATOM   39   N  N1    . G   A 1 2  ? 3.525   -8.861  13.655  1.00 31.99  ? 2  G   A N1    1 
ATOM   40   C  C2    . G   A 1 2  ? 2.633   -9.810  14.095  1.00 33.77  ? 2  G   A C2    1 
ATOM   41   N  N2    . G   A 1 2  ? 1.342   -9.457  14.151  1.00 33.84  ? 2  G   A N2    1 
ATOM   42   N  N3    . G   A 1 2  ? 2.978   -11.024 14.459  1.00 34.68  ? 2  G   A N3    1 
ATOM   43   C  C4    . G   A 1 2  ? 4.301   -11.223 14.349  1.00 35.48  ? 2  G   A C4    1 
ATOM   44   P  P     . C   A 1 3  ? 3.642   -16.367 11.433  1.00 54.26  ? 3  C   A P     1 
ATOM   45   O  OP1   . C   A 1 3  ? 3.143   -17.712 11.037  1.00 55.15  ? 3  C   A OP1   1 
ATOM   46   O  OP2   . C   A 1 3  ? 4.917   -15.855 10.850  1.00 54.45  ? 3  C   A OP2   1 
ATOM   47   O  "O5'" . C   A 1 3  ? 2.481   -15.298 11.201  1.00 51.13  ? 3  C   A "O5'" 1 
ATOM   48   C  "C5'" . C   A 1 3  ? 1.162   -15.622 11.595  1.00 48.47  ? 3  C   A "C5'" 1 
ATOM   49   C  "C4'" . C   A 1 3  ? 0.210   -14.507 11.262  1.00 46.84  ? 3  C   A "C4'" 1 
ATOM   50   O  "O4'" . C   A 1 3  ? 0.559   -13.340 12.050  1.00 45.24  ? 3  C   A "O4'" 1 
ATOM   51   C  "C3'" . C   A 1 3  ? 0.263   -13.997 9.834   1.00 47.00  ? 3  C   A "C3'" 1 
ATOM   52   O  "O3'" . C   A 1 3  ? -0.502  -14.792 8.947   1.00 47.55  ? 3  C   A "O3'" 1 
ATOM   53   C  "C2'" . C   A 1 3  ? -0.322  -12.602 9.979   1.00 45.04  ? 3  C   A "C2'" 1 
ATOM   54   O  "O2'" . C   A 1 3  ? -1.727  -12.632 10.088  1.00 46.57  ? 3  C   A "O2'" 1 
ATOM   55   C  "C1'" . C   A 1 3  ? 0.284   -12.166 11.309  1.00 43.08  ? 3  C   A "C1'" 1 
ATOM   56   N  N1    . C   A 1 3  ? 1.539   -11.464 11.074  1.00 38.82  ? 3  C   A N1    1 
ATOM   57   C  C2    . C   A 1 3  ? 1.483   -10.117 10.771  1.00 38.12  ? 3  C   A C2    1 
ATOM   58   O  O2    . C   A 1 3  ? 0.378   -9.568  10.734  1.00 37.91  ? 3  C   A O2    1 
ATOM   59   N  N3    . C   A 1 3  ? 2.619   -9.447  10.512  1.00 38.18  ? 3  C   A N3    1 
ATOM   60   C  C4    . C   A 1 3  ? 3.783   -10.090 10.538  1.00 38.08  ? 3  C   A C4    1 
ATOM   61   N  N4    . C   A 1 3  ? 4.881   -9.397  10.249  1.00 38.26  ? 3  C   A N4    1 
ATOM   62   C  C5    . C   A 1 3  ? 3.871   -11.474 10.858  1.00 37.65  ? 3  C   A C5    1 
ATOM   63   C  C6    . C   A 1 3  ? 2.732   -12.116 11.125  1.00 37.41  ? 3  C   A C6    1 
ATOM   64   P  P     . G   A 1 4  ? -0.094  -14.850 7.390   1.00 48.34  ? 4  G   A P     1 
ATOM   65   O  OP1   . G   A 1 4  ? -0.986  -15.899 6.809   1.00 48.60  ? 4  G   A OP1   1 
ATOM   66   O  OP2   . G   A 1 4  ? 1.394   -14.999 7.285   1.00 46.08  ? 4  G   A OP2   1 
ATOM   67   O  "O5'" . G   A 1 4  ? -0.532  -13.415 6.834   1.00 46.30  ? 4  G   A "O5'" 1 
ATOM   68   C  "C5'" . G   A 1 4  ? -1.891  -13.025 6.954   1.00 45.04  ? 4  G   A "C5'" 1 
ATOM   69   C  "C4'" . G   A 1 4  ? -2.108  -11.570 6.592   1.00 43.77  ? 4  G   A "C4'" 1 
ATOM   70   O  "O4'" . G   A 1 4  ? -1.390  -10.714 7.533   1.00 42.96  ? 4  G   A "O4'" 1 
ATOM   71   C  "C3'" . G   A 1 4  ? -1.543  -11.128 5.251   1.00 43.36  ? 4  G   A "C3'" 1 
ATOM   72   O  "O3'" . G   A 1 4  ? -2.287  -11.506 4.106   1.00 44.40  ? 4  G   A "O3'" 1 
ATOM   73   C  "C2'" . G   A 1 4  ? -1.455  -9.621  5.422   1.00 41.88  ? 4  G   A "C2'" 1 
ATOM   74   O  "O2'" . G   A 1 4  ? -2.712  -8.995  5.271   1.00 40.37  ? 4  G   A "O2'" 1 
ATOM   75   C  "C1'" . G   A 1 4  ? -0.990  -9.518  6.870   1.00 40.78  ? 4  G   A "C1'" 1 
ATOM   76   N  N9    . G   A 1 4  ? 0.460   -9.354  6.924   1.00 37.54  ? 4  G   A N9    1 
ATOM   77   C  C8    . G   A 1 4  ? 1.416   -10.291 7.210   1.00 36.48  ? 4  G   A C8    1 
ATOM   78   N  N7    . G   A 1 4  ? 2.634   -9.821  7.107   1.00 36.29  ? 4  G   A N7    1 
ATOM   79   C  C5    . G   A 1 4  ? 2.461   -8.487  6.756   1.00 34.95  ? 4  G   A C5    1 
ATOM   80   C  C6    . G   A 1 4  ? 3.424   -7.455  6.512   1.00 34.96  ? 4  G   A C6    1 
ATOM   81   O  O6    . G   A 1 4  ? 4.665   -7.518  6.572   1.00 34.53  ? 4  G   A O6    1 
ATOM   82   N  N1    . G   A 1 4  ? 2.812   -6.253  6.170   1.00 34.56  ? 4  G   A N1    1 
ATOM   83   C  C2    . G   A 1 4  ? 1.452   -6.065  6.080   1.00 36.00  ? 4  G   A C2    1 
ATOM   84   N  N2    . G   A 1 4  ? 1.039   -4.824  5.741   1.00 36.40  ? 4  G   A N2    1 
ATOM   85   N  N3    . G   A 1 4  ? 0.554   -7.015  6.309   1.00 35.67  ? 4  G   A N3    1 
ATOM   86   C  C4    . G   A 1 4  ? 1.127   -8.186  6.640   1.00 35.73  ? 4  G   A C4    1 
ATOM   87   P  P     . G   A 1 5  ? -1.493  -11.851 2.743   1.00 45.15  ? 5  G   A P     1 
ATOM   88   O  OP1   . G   A 1 5  ? -2.460  -12.480 1.800   1.00 46.13  ? 5  G   A OP1   1 
ATOM   89   O  OP2   . G   A 1 5  ? -0.238  -12.581 3.115   1.00 44.13  ? 5  G   A OP2   1 
ATOM   90   O  "O5'" . G   A 1 5  ? -1.094  -10.414 2.175   1.00 42.91  ? 5  G   A "O5'" 1 
ATOM   91   C  "C5'" . G   A 1 5  ? -2.110  -9.469  1.918   1.00 41.67  ? 5  G   A "C5'" 1 
ATOM   92   C  "C4'" . G   A 1 5  ? -1.536  -8.100  1.674   1.00 40.69  ? 5  G   A "C4'" 1 
ATOM   93   O  "O4'" . G   A 1 5  ? -0.701  -7.724  2.802   1.00 40.01  ? 5  G   A "O4'" 1 
ATOM   94   C  "C3'" . G   A 1 5  ? -0.590  -7.980  0.490   1.00 41.46  ? 5  G   A "C3'" 1 
ATOM   95   O  "O3'" . G   A 1 5  ? -1.320  -7.812  -0.722  1.00 44.64  ? 5  G   A "O3'" 1 
ATOM   96   C  "C2'" . G   A 1 5  ? 0.189   -6.725  0.850   1.00 40.06  ? 5  G   A "C2'" 1 
ATOM   97   O  "O2'" . G   A 1 5  ? -0.605  -5.580  0.643   1.00 41.93  ? 5  G   A "O2'" 1 
ATOM   98   C  "C1'" . G   A 1 5  ? 0.348   -6.886  2.355   1.00 36.69  ? 5  G   A "C1'" 1 
ATOM   99   N  N9    . G   A 1 5  ? 1.635   -7.437  2.753   1.00 32.77  ? 5  G   A N9    1 
ATOM   100  C  C8    . G   A 1 5  ? 1.910   -8.696  3.239   1.00 31.12  ? 5  G   A C8    1 
ATOM   101  N  N7    . G   A 1 5  ? 3.186   -8.880  3.496   1.00 29.38  ? 5  G   A N7    1 
ATOM   102  C  C5    . G   A 1 5  ? 3.782   -7.669  3.158   1.00 26.79  ? 5  G   A C5    1 
ATOM   103  C  C6    . G   A 1 5  ? 5.132   -7.269  3.220   1.00 24.28  ? 5  G   A C6    1 
ATOM   104  O  O6    . G   A 1 5  ? 6.103   -7.923  3.594   1.00 25.07  ? 5  G   A O6    1 
ATOM   105  N  N1    . G   A 1 5  ? 5.303   -5.956  2.793   1.00 23.80  ? 5  G   A N1    1 
ATOM   106  C  C2    . G   A 1 5  ? 4.291   -5.125  2.373   1.00 24.78  ? 5  G   A C2    1 
ATOM   107  N  N2    . G   A 1 5  ? 4.645   -3.874  2.041   1.00 22.38  ? 5  G   A N2    1 
ATOM   108  N  N3    . G   A 1 5  ? 3.020   -5.492  2.299   1.00 26.75  ? 5  G   A N3    1 
ATOM   109  C  C4    . G   A 1 5  ? 2.840   -6.768  2.705   1.00 29.07  ? 5  G   A C4    1 
ATOM   110  P  P     . A   A 1 6  ? -0.541  -7.526  -2.099  1.00 47.24  ? 6  A   A P     1 
ATOM   111  O  OP1   . A   A 1 6  ? -1.347  -8.166  -3.159  1.00 48.99  ? 6  A   A OP1   1 
ATOM   112  O  OP2   . A   A 1 6  ? 0.902   -7.861  -1.971  1.00 48.36  ? 6  A   A OP2   1 
ATOM   113  O  "O5'" . A   A 1 6  ? -0.681  -5.953  -2.291  1.00 50.17  ? 6  A   A "O5'" 1 
ATOM   114  C  "C5'" . A   A 1 6  ? -1.770  -5.420  -3.028  1.00 55.44  ? 6  A   A "C5'" 1 
ATOM   115  C  "C4'" . A   A 1 6  ? -3.049  -5.586  -2.244  1.00 57.72  ? 6  A   A "C4'" 1 
ATOM   116  O  "O4'" . A   A 1 6  ? -3.020  -4.737  -1.064  1.00 56.70  ? 6  A   A "O4'" 1 
ATOM   117  C  "C3'" . A   A 1 6  ? -4.304  -5.155  -2.974  1.00 60.88  ? 6  A   A "C3'" 1 
ATOM   118  O  "O3'" . A   A 1 6  ? -4.761  -6.230  -3.776  1.00 64.91  ? 6  A   A "O3'" 1 
ATOM   119  C  "C2'" . A   A 1 6  ? -5.254  -4.874  -1.822  1.00 60.56  ? 6  A   A "C2'" 1 
ATOM   120  O  "O2'" . A   A 1 6  ? -5.742  -6.068  -1.257  1.00 62.25  ? 6  A   A "O2'" 1 
ATOM   121  C  "C1'" . A   A 1 6  ? -4.313  -4.209  -0.822  1.00 58.02  ? 6  A   A "C1'" 1 
ATOM   122  N  N9    . A   A 1 6  ? -4.255  -2.761  -1.003  1.00 55.53  ? 6  A   A N9    1 
ATOM   123  C  C8    . A   A 1 6  ? -3.200  -2.014  -1.453  1.00 54.49  ? 6  A   A C8    1 
ATOM   124  N  N7    . A   A 1 6  ? -3.455  -0.729  -1.523  1.00 53.56  ? 6  A   A N7    1 
ATOM   125  C  C5    . A   A 1 6  ? -4.766  -0.623  -1.086  1.00 53.76  ? 6  A   A C5    1 
ATOM   126  C  C6    . A   A 1 6  ? -5.625  0.479   -0.927  1.00 53.54  ? 6  A   A C6    1 
ATOM   127  N  N6    . A   A 1 6  ? -5.286  1.737   -1.221  1.00 54.15  ? 6  A   A N6    1 
ATOM   128  N  N1    . A   A 1 6  ? -6.867  0.238   -0.455  1.00 52.69  ? 6  A   A N1    1 
ATOM   129  C  C2    . A   A 1 6  ? -7.213  -1.024  -0.176  1.00 52.50  ? 6  A   A C2    1 
ATOM   130  N  N3    . A   A 1 6  ? -6.499  -2.139  -0.293  1.00 52.05  ? 6  A   A N3    1 
ATOM   131  C  C4    . A   A 1 6  ? -5.270  -1.868  -0.757  1.00 53.87  ? 6  A   A C4    1 
ATOM   132  P  P     . A   A 1 7  ? -5.834  -5.956  -4.938  1.00 68.61  ? 7  A   A P     1 
ATOM   133  O  OP1   . A   A 1 7  ? -6.176  -7.308  -5.462  1.00 69.44  ? 7  A   A OP1   1 
ATOM   134  O  OP2   . A   A 1 7  ? -5.357  -4.902  -5.871  1.00 69.95  ? 7  A   A OP2   1 
ATOM   135  O  "O5'" . A   A 1 7  ? -7.099  -5.369  -4.166  1.00 68.42  ? 7  A   A "O5'" 1 
ATOM   136  C  "C5'" . A   A 1 7  ? -8.026  -6.238  -3.526  1.00 68.00  ? 7  A   A "C5'" 1 
ATOM   137  C  "C4'" . A   A 1 7  ? -9.419  -5.683  -3.648  1.00 67.56  ? 7  A   A "C4'" 1 
ATOM   138  O  "O4'" . A   A 1 7  ? -9.586  -4.568  -2.733  1.00 66.61  ? 7  A   A "O4'" 1 
ATOM   139  C  "C3'" . A   A 1 7  ? -9.755  -5.114  -5.016  1.00 67.94  ? 7  A   A "C3'" 1 
ATOM   140  O  "O3'" . A   A 1 7  ? -10.173 -6.153  -5.901  1.00 69.37  ? 7  A   A "O3'" 1 
ATOM   141  C  "C2'" . A   A 1 7  ? -10.878 -4.138  -4.682  1.00 67.61  ? 7  A   A "C2'" 1 
ATOM   142  O  "O2'" . A   A 1 7  ? -12.122 -4.793  -4.536  1.00 68.37  ? 7  A   A "O2'" 1 
ATOM   143  C  "C1'" . A   A 1 7  ? -10.416 -3.587  -3.328  1.00 66.65  ? 7  A   A "C1'" 1 
ATOM   144  N  N9    . A   A 1 7  ? -9.644  -2.351  -3.442  1.00 65.70  ? 7  A   A N9    1 
ATOM   145  C  C8    . A   A 1 7  ? -8.281  -2.205  -3.387  1.00 65.87  ? 7  A   A C8    1 
ATOM   146  N  N7    . A   A 1 7  ? -7.874  -0.969  -3.550  1.00 66.00  ? 7  A   A N7    1 
ATOM   147  C  C5    . A   A 1 7  ? -9.051  -0.250  -3.722  1.00 65.40  ? 7  A   A C5    1 
ATOM   148  C  C6    . A   A 1 7  ? -9.309  1.123   -3.953  1.00 64.99  ? 7  A   A C6    1 
ATOM   149  N  N6    . A   A 1 7  ? -8.358  2.053   -4.091  1.00 64.00  ? 7  A   A N6    1 
ATOM   150  N  N1    . A   A 1 7  ? -10.596 1.508   -4.053  1.00 64.43  ? 7  A   A N1    1 
ATOM   151  C  C2    . A   A 1 7  ? -11.551 0.579   -3.949  1.00 65.18  ? 7  A   A C2    1 
ATOM   152  N  N3    . A   A 1 7  ? -11.438 -0.735  -3.754  1.00 65.62  ? 7  A   A N3    1 
ATOM   153  C  C4    . A   A 1 7  ? -10.148 -1.089  -3.644  1.00 65.43  ? 7  A   A C4    1 
ATOM   154  P  P     . C   A 1 8  ? -10.268 -5.872  -7.484  1.00 69.89  ? 8  C   A P     1 
ATOM   155  O  OP1   . C   A 1 8  ? -9.990  -7.125  -8.220  1.00 70.30  ? 8  C   A OP1   1 
ATOM   156  O  OP2   . C   A 1 8  ? -9.484  -4.661  -7.813  1.00 70.44  ? 8  C   A OP2   1 
ATOM   157  O  "O5'" . C   A 1 8  ? -11.795 -5.499  -7.688  1.00 70.34  ? 8  C   A "O5'" 1 
ATOM   158  C  "C5'" . C   A 1 8  ? -12.173 -4.569  -8.685  1.00 72.36  ? 8  C   A "C5'" 1 
ATOM   159  C  "C4'" . C   A 1 8  ? -13.193 -3.608  -8.135  1.00 73.98  ? 8  C   A "C4'" 1 
ATOM   160  O  "O4'" . C   A 1 8  ? -12.693 -3.018  -6.904  1.00 72.68  ? 8  C   A "O4'" 1 
ATOM   161  C  "C3'" . C   A 1 8  ? -13.503 -2.423  -9.026  1.00 76.24  ? 8  C   A "C3'" 1 
ATOM   162  O  "O3'" . C   A 1 8  ? -14.415 -2.780  -10.057 1.00 82.54  ? 8  C   A "O3'" 1 
ATOM   163  C  "C2'" . C   A 1 8  ? -14.027 -1.413  -8.016  1.00 74.16  ? 8  C   A "C2'" 1 
ATOM   164  O  "O2'" . C   A 1 8  ? -15.340 -1.714  -7.588  1.00 73.93  ? 8  C   A "O2'" 1 
ATOM   165  C  "C1'" . C   A 1 8  ? -13.074 -1.655  -6.846  1.00 71.46  ? 8  C   A "C1'" 1 
ATOM   166  N  N1    . C   A 1 8  ? -11.845 -0.848  -6.967  1.00 68.98  ? 8  C   A N1    1 
ATOM   167  C  C2    . C   A 1 8  ? -11.951 0.549   -7.042  1.00 68.20  ? 8  C   A C2    1 
ATOM   168  O  O2    . C   A 1 8  ? -13.078 1.073   -6.988  1.00 68.71  ? 8  C   A O2    1 
ATOM   169  N  N3    . C   A 1 8  ? -10.824 1.290   -7.164  1.00 66.30  ? 8  C   A N3    1 
ATOM   170  C  C4    . C   A 1 8  ? -9.635  0.692   -7.205  1.00 64.40  ? 8  C   A C4    1 
ATOM   171  N  N4    . C   A 1 8  ? -8.557  1.463   -7.320  1.00 62.70  ? 8  C   A N4    1 
ATOM   172  C  C5    . C   A 1 8  ? -9.500  -0.721  -7.126  1.00 64.76  ? 8  C   A C5    1 
ATOM   173  C  C6    . C   A 1 8  ? -10.617 -1.445  -7.011  1.00 66.96  ? 8  C   A C6    1 
ATOM   174  P  P     . C   A 1 9  ? -13.869 -2.988  -11.561 1.00 86.73  ? 9  C   A P     1 
ATOM   175  O  OP1   . C   A 1 9  ? -14.746 -3.988  -12.226 1.00 87.05  ? 9  C   A OP1   1 
ATOM   176  O  OP2   . C   A 1 9  ? -12.402 -3.238  -11.497 1.00 86.14  ? 9  C   A OP2   1 
ATOM   177  O  "O5'" . C   A 1 9  ? -14.098 -1.568  -12.254 1.00 88.56  ? 9  C   A "O5'" 1 
ATOM   178  C  "C5'" . C   A 1 9  ? -15.396 -1.172  -12.697 1.00 93.21  ? 9  C   A "C5'" 1 
ATOM   179  C  "C4'" . C   A 1 9  ? -15.418 0.306   -13.008 1.00 96.68  ? 9  C   A "C4'" 1 
ATOM   180  O  "O4'" . C   A 1 9  ? -15.022 1.036   -11.815 1.00 97.97  ? 9  C   A "O4'" 1 
ATOM   181  C  "C3'" . C   A 1 9  ? -14.435 0.778   -14.067 1.00 98.27  ? 9  C   A "C3'" 1 
ATOM   182  O  "O3'" . C   A 1 9  ? -14.944 0.644   -15.382 1.00 100.58 ? 9  C   A "O3'" 1 
ATOM   183  C  "C2'" . C   A 1 9  ? -14.253 2.245   -13.712 1.00 98.52  ? 9  C   A "C2'" 1 
ATOM   184  O  "O2'" . C   A 1 9  ? -15.311 3.056   -14.186 1.00 98.33  ? 9  C   A "O2'" 1 
ATOM   185  C  "C1'" . C   A 1 9  ? -14.267 2.180   -12.184 1.00 98.47  ? 9  C   A "C1'" 1 
ATOM   186  N  N1    . C   A 1 9  ? -12.909 2.045   -11.626 1.00 98.59  ? 9  C   A N1    1 
ATOM   187  C  C2    . C   A 1 9  ? -12.045 3.139   -11.708 1.00 98.79  ? 9  C   A C2    1 
ATOM   188  O  O2    . C   A 1 9  ? -12.455 4.182   -12.228 1.00 99.40  ? 9  C   A O2    1 
ATOM   189  N  N3    . C   A 1 9  ? -10.789 3.032   -11.223 1.00 98.90  ? 9  C   A N3    1 
ATOM   190  C  C4    . C   A 1 9  ? -10.386 1.885   -10.669 1.00 99.05  ? 9  C   A C4    1 
ATOM   191  N  N4    . C   A 1 9  ? -9.135  1.819   -10.214 1.00 99.58  ? 9  C   A N4    1 
ATOM   192  C  C5    . C   A 1 9  ? -11.250 0.754   -10.561 1.00 98.58  ? 9  C   A C5    1 
ATOM   193  C  C6    . C   A 1 9  ? -12.492 0.877   -11.047 1.00 98.32  ? 9  C   A C6    1 
ATOM   194  P  P     . G   A 1 10 ? -13.952 0.834   -16.633 1.00 102.44 ? 10 G   A P     1 
ATOM   195  O  OP1   . G   A 1 10 ? -14.709 0.492   -17.868 1.00 102.71 ? 10 G   A OP1   1 
ATOM   196  O  OP2   . G   A 1 10 ? -12.699 0.097   -16.314 1.00 102.22 ? 10 G   A OP2   1 
ATOM   197  O  "O5'" . G   A 1 10 ? -13.621 2.399   -16.651 1.00 101.78 ? 10 G   A "O5'" 1 
ATOM   198  C  "C5'" . G   A 1 10 ? -14.479 3.316   -17.329 1.00 101.27 ? 10 G   A "C5'" 1 
ATOM   199  C  "C4'" . G   A 1 10 ? -13.688 4.484   -17.877 1.00 101.14 ? 10 G   A "C4'" 1 
ATOM   200  O  "O4'" . G   A 1 10 ? -13.209 5.303   -16.778 1.00 101.15 ? 10 G   A "O4'" 1 
ATOM   201  C  "C3'" . G   A 1 10 ? -12.428 4.121   -18.651 1.00 100.97 ? 10 G   A "C3'" 1 
ATOM   202  O  "O3'" . G   A 1 10 ? -12.648 3.656   -19.991 1.00 100.86 ? 10 G   A "O3'" 1 
ATOM   203  C  "C2'" . G   A 1 10 ? -11.588 5.390   -18.528 1.00 101.36 ? 10 G   A "C2'" 1 
ATOM   204  O  "O2'" . G   A 1 10 ? -11.892 6.400   -19.472 1.00 100.67 ? 10 G   A "O2'" 1 
ATOM   205  C  "C1'" . G   A 1 10 ? -11.938 5.848   -17.109 1.00 101.69 ? 10 G   A "C1'" 1 
ATOM   206  N  N9    . G   A 1 10 ? -10.974 5.397   -16.112 1.00 102.32 ? 10 G   A N9    1 
ATOM   207  C  C8    . G   A 1 10 ? -11.230 4.666   -14.974 1.00 102.01 ? 10 G   A C8    1 
ATOM   208  N  N7    . G   A 1 10 ? -10.154 4.395   -14.289 1.00 102.20 ? 10 G   A N7    1 
ATOM   209  C  C5    . G   A 1 10 ? -9.126  4.987   -15.012 1.00 102.65 ? 10 G   A C5    1 
ATOM   210  C  C6    . G   A 1 10 ? -7.735  5.019   -14.764 1.00 103.03 ? 10 G   A C6    1 
ATOM   211  O  O6    . G   A 1 10 ? -7.115  4.518   -13.823 1.00 103.47 ? 10 G   A O6    1 
ATOM   212  N  N1    . G   A 1 10 ? -7.050  5.721   -15.759 1.00 103.45 ? 10 G   A N1    1 
ATOM   213  C  C2    . G   A 1 10 ? -7.632  6.311   -16.857 1.00 103.74 ? 10 G   A C2    1 
ATOM   214  N  N2    . G   A 1 10 ? -6.800  6.928   -17.716 1.00 103.82 ? 10 G   A N2    1 
ATOM   215  N  N3    . G   A 1 10 ? -8.936  6.292   -17.096 1.00 103.42 ? 10 G   A N3    1 
ATOM   216  C  C4    . G   A 1 10 ? -9.617  5.615   -16.138 1.00 102.80 ? 10 G   A C4    1 
HETATM 217  O  "O5'" . 5BU A 1 16 ? -5.937  -4.896  -23.937 1.00 118.73 ? 16 5BU A "O5'" 1 
HETATM 218  C  "C5'" . 5BU A 1 16 ? -6.588  -6.087  -23.479 1.00 120.38 ? 16 5BU A "C5'" 1 
HETATM 219  C  "C4'" . 5BU A 1 16 ? -5.637  -7.202  -23.084 1.00 120.86 ? 16 5BU A "C4'" 1 
HETATM 220  O  "O4'" . 5BU A 1 16 ? -4.719  -7.471  -24.180 1.00 121.83 ? 16 5BU A "O4'" 1 
HETATM 221  C  "C3'" . 5BU A 1 16 ? -4.731  -6.895  -21.895 1.00 120.91 ? 16 5BU A "C3'" 1 
HETATM 222  O  "O3'" . 5BU A 1 16 ? -5.396  -7.252  -20.682 1.00 120.45 ? 16 5BU A "O3'" 1 
HETATM 223  C  "C2'" . 5BU A 1 16 ? -3.545  -7.826  -22.126 1.00 121.32 ? 16 5BU A "C2'" 1 
HETATM 224  O  "O2'" . 5BU A 1 16 ? -3.779  -9.136  -21.643 1.00 121.27 ? 16 5BU A "O2'" 1 
HETATM 225  C  "C1'" . 5BU A 1 16 ? -3.451  -7.840  -23.656 1.00 122.05 ? 16 5BU A "C1'" 1 
HETATM 226  N  N1    . 5BU A 1 16 ? -2.396  -7.050  -24.324 1.00 122.78 ? 16 5BU A N1    1 
HETATM 227  C  C2    . 5BU A 1 16 ? -1.139  -6.969  -23.730 1.00 122.69 ? 16 5BU A C2    1 
HETATM 228  O  O2    . 5BU A 1 16 ? -0.874  -7.474  -22.648 1.00 122.77 ? 16 5BU A O2    1 
HETATM 229  N  N3    . 5BU A 1 16 ? -0.200  -6.272  -24.455 1.00 122.78 ? 16 5BU A N3    1 
HETATM 230  C  C4    . 5BU A 1 16 ? -0.378  -5.663  -25.683 1.00 122.83 ? 16 5BU A C4    1 
HETATM 231  O  O4    . 5BU A 1 16 ? 0.568   -5.081  -26.211 1.00 122.86 ? 16 5BU A O4    1 
HETATM 232  C  C5    . 5BU A 1 16 ? -1.697  -5.776  -26.222 1.00 123.05 ? 16 5BU A C5    1 
HETATM 233  C  C6    . 5BU A 1 16 ? -2.641  -6.435  -25.538 1.00 123.01 ? 16 5BU A C6    1 
HETATM 234  BR BR    . 5BU A 1 16 ? -2.023  -5.177  -27.671 1.00 123.65 ? 16 5BU A BR    1 
ATOM   235  P  P     . A   A 1 17 ? -4.890  -6.652  -19.276 1.00 120.42 ? 17 A   A P     1 
ATOM   236  O  OP1   . A   A 1 17 ? -5.563  -7.419  -18.194 1.00 120.31 ? 17 A   A OP1   1 
ATOM   237  O  OP2   . A   A 1 17 ? -5.027  -5.173  -19.321 1.00 120.70 ? 17 A   A OP2   1 
ATOM   238  O  "O5'" . A   A 1 17 ? -3.334  -6.991  -19.241 1.00 118.96 ? 17 A   A "O5'" 1 
ATOM   239  C  "C5'" . A   A 1 17 ? -2.840  -8.075  -18.461 1.00 117.00 ? 17 A   A "C5'" 1 
ATOM   240  C  "C4'" . A   A 1 17 ? -1.498  -7.716  -17.871 1.00 115.32 ? 17 A   A "C4'" 1 
ATOM   241  O  "O4'" . A   A 1 17 ? -0.542  -7.513  -18.944 1.00 115.27 ? 17 A   A "O4'" 1 
ATOM   242  C  "C3'" . A   A 1 17 ? -1.471  -6.412  -17.088 1.00 114.02 ? 17 A   A "C3'" 1 
ATOM   243  O  "O3'" . A   A 1 17 ? -1.851  -6.664  -15.742 1.00 112.65 ? 17 A   A "O3'" 1 
ATOM   244  C  "C2'" . A   A 1 17 ? -0.006  -5.997  -17.182 1.00 114.01 ? 17 A   A "C2'" 1 
ATOM   245  O  "O2'" . A   A 1 17 ? 0.824   -6.612  -16.216 1.00 113.38 ? 17 A   A "O2'" 1 
ATOM   246  C  "C1'" . A   A 1 17 ? 0.358   -6.478  -18.589 1.00 114.30 ? 17 A   A "C1'" 1 
ATOM   247  N  N9    . A   A 1 17 ? 0.294   -5.455  -19.626 1.00 113.71 ? 17 A   A N9    1 
ATOM   248  C  C8    . A   A 1 17 ? -0.704  -5.237  -20.540 1.00 113.64 ? 17 A   A C8    1 
ATOM   249  N  N7    . A   A 1 17 ? -0.455  -4.255  -21.369 1.00 113.92 ? 17 A   A N7    1 
ATOM   250  C  C5    . A   A 1 17 ? 0.790   -3.789  -20.967 1.00 113.65 ? 17 A   A C5    1 
ATOM   251  C  C6    . A   A 1 17 ? 1.616   -2.754  -21.445 1.00 113.76 ? 17 A   A C6    1 
ATOM   252  N  N6    . A   A 1 17 ? 1.301   -1.971  -22.483 1.00 113.92 ? 17 A   A N6    1 
ATOM   253  N  N1    . A   A 1 17 ? 2.795   -2.550  -20.815 1.00 113.70 ? 17 A   A N1    1 
ATOM   254  C  C2    . A   A 1 17 ? 3.111   -3.339  -19.779 1.00 113.37 ? 17 A   A C2    1 
ATOM   255  N  N3    . A   A 1 17 ? 2.420   -4.341  -19.241 1.00 113.15 ? 17 A   A N3    1 
ATOM   256  C  C4    . A   A 1 17 ? 1.257   -4.515  -19.889 1.00 113.30 ? 17 A   A C4    1 
ATOM   257  P  P     . C   A 1 18 ? -1.997  -5.442  -14.714 1.00 111.93 ? 18 C   A P     1 
ATOM   258  O  OP1   . C   A 1 18 ? -2.783  -5.900  -13.537 1.00 111.96 ? 18 C   A OP1   1 
ATOM   259  O  OP2   . C   A 1 18 ? -2.457  -4.260  -15.492 1.00 112.07 ? 18 C   A OP2   1 
ATOM   260  O  "O5'" . C   A 1 18 ? -0.506  -5.155  -14.241 1.00 110.26 ? 18 C   A "O5'" 1 
ATOM   261  C  "C5'" . C   A 1 18 ? -0.157  -3.886  -13.718 1.00 108.39 ? 18 C   A "C5'" 1 
ATOM   262  C  "C4'" . C   A 1 18 ? 1.315   -3.645  -13.886 1.00 107.47 ? 18 C   A "C4'" 1 
ATOM   263  O  "O4'" . C   A 1 18 ? 1.688   -3.885  -15.271 1.00 107.67 ? 18 C   A "O4'" 1 
ATOM   264  C  "C3'" . C   A 1 18 ? 1.739   -2.212  -13.635 1.00 107.08 ? 18 C   A "C3'" 1 
ATOM   265  O  "O3'" . C   A 1 18 ? 1.956   -1.956  -12.260 1.00 105.96 ? 18 C   A "O3'" 1 
ATOM   266  C  "C2'" . C   A 1 18 ? 3.031   -2.114  -14.430 1.00 107.87 ? 18 C   A "C2'" 1 
ATOM   267  O  "O2'" . C   A 1 18 ? 4.132   -2.659  -13.735 1.00 108.38 ? 18 C   A "O2'" 1 
ATOM   268  C  "C1'" . C   A 1 18 ? 2.697   -2.962  -15.658 1.00 108.43 ? 18 C   A "C1'" 1 
ATOM   269  N  N1    . C   A 1 18 ? 2.187   -2.149  -16.775 1.00 109.41 ? 18 C   A N1    1 
ATOM   270  C  C2    . C   A 1 18 ? 3.004   -1.142  -17.312 1.00 109.75 ? 18 C   A C2    1 
ATOM   271  O  O2    . C   A 1 18 ? 4.134   -0.968  -16.838 1.00 110.43 ? 18 C   A O2    1 
ATOM   272  N  N3    . C   A 1 18 ? 2.539   -0.384  -18.330 1.00 110.30 ? 18 C   A N3    1 
ATOM   273  C  C4    . C   A 1 18 ? 1.313   -0.599  -18.814 1.00 110.65 ? 18 C   A C4    1 
ATOM   274  N  N4    . C   A 1 18 ? 0.891   0.174   -19.820 1.00 110.91 ? 18 C   A N4    1 
ATOM   275  C  C5    . C   A 1 18 ? 0.461   -1.618  -18.291 1.00 110.51 ? 18 C   A C5    1 
ATOM   276  C  C6    . C   A 1 18 ? 0.935   -2.364  -17.282 1.00 110.08 ? 18 C   A C6    1 
ATOM   277  P  P     . A   A 1 19 ? 2.118   -0.441  -11.767 1.00 105.45 ? 19 A   A P     1 
ATOM   278  O  OP1   . A   A 1 19 ? 2.931   -0.422  -10.521 1.00 106.09 ? 19 A   A OP1   1 
ATOM   279  O  OP2   . A   A 1 19 ? 0.766   0.174   -11.774 1.00 105.40 ? 19 A   A OP2   1 
ATOM   280  O  "O5'" . A   A 1 19 ? 2.980   0.229   -12.922 1.00 104.00 ? 19 A   A "O5'" 1 
ATOM   281  C  "C5'" . A   A 1 19 ? 4.395   0.303   -12.827 1.00 102.81 ? 19 A   A "C5'" 1 
ATOM   282  C  "C4'" . A   A 1 19 ? 4.879   1.513   -13.570 1.00 102.23 ? 19 A   A "C4'" 1 
ATOM   283  O  "O4'" . A   A 1 19 ? 4.678   1.317   -14.991 1.00 101.88 ? 19 A   A "O4'" 1 
ATOM   284  C  "C3'" . A   A 1 19 ? 4.094   2.768   -13.253 1.00 101.88 ? 19 A   A "C3'" 1 
ATOM   285  O  "O3'" . A   A 1 19 ? 4.608   3.376   -12.084 1.00 101.94 ? 19 A   A "O3'" 1 
ATOM   286  C  "C2'" . A   A 1 19 ? 4.310   3.615   -14.496 1.00 101.78 ? 19 A   A "C2'" 1 
ATOM   287  O  "O2'" . A   A 1 19 ? 5.529   4.329   -14.485 1.00 102.22 ? 19 A   A "O2'" 1 
ATOM   288  C  "C1'" . A   A 1 19 ? 4.300   2.544   -15.591 1.00 101.62 ? 19 A   A "C1'" 1 
ATOM   289  N  N9    . A   A 1 19 ? 2.969   2.355   -16.152 1.00 101.39 ? 19 A   A N9    1 
ATOM   290  C  C8    . A   A 1 19 ? 2.059   1.381   -15.834 1.00 101.31 ? 19 A   A C8    1 
ATOM   291  N  N7    . A   A 1 19 ? 0.936   1.470   -16.498 1.00 101.34 ? 19 A   A N7    1 
ATOM   292  C  C5    . A   A 1 19 ? 1.119   2.582   -17.307 1.00 101.69 ? 19 A   A C5    1 
ATOM   293  C  C6    . A   A 1 19 ? 0.289   3.216   -18.244 1.00 101.78 ? 19 A   A C6    1 
ATOM   294  N  N6    . A   A 1 19 ? -0.950  2.806   -18.534 1.00 102.25 ? 19 A   A N6    1 
ATOM   295  N  N1    . A   A 1 19 ? 0.777   4.303   -18.880 1.00 101.87 ? 19 A   A N1    1 
ATOM   296  C  C2    . A   A 1 19 ? 2.014   4.718   -18.582 1.00 101.88 ? 19 A   A C2    1 
ATOM   297  N  N3    . A   A 1 19 ? 2.886   4.211   -17.717 1.00 101.78 ? 19 A   A N3    1 
ATOM   298  C  C4    . A   A 1 19 ? 2.371   3.132   -17.107 1.00 101.50 ? 19 A   A C4    1 
ATOM   299  P  P     . C   A 1 20 ? 3.602   4.082   -11.058 1.00 102.12 ? 20 C   A P     1 
ATOM   300  O  OP1   . C   A 1 20 ? 3.984   3.725   -9.662  1.00 102.22 ? 20 C   A OP1   1 
ATOM   301  O  OP2   . C   A 1 20 ? 2.225   3.791   -11.542 1.00 101.74 ? 20 C   A OP2   1 
ATOM   302  O  "O5'" . C   A 1 20 ? 3.887   5.627   -11.289 1.00 100.18 ? 20 C   A "O5'" 1 
ATOM   303  C  "C5'" . C   A 1 20 ? 2.829   6.502   -11.610 1.00 97.91  ? 20 C   A "C5'" 1 
ATOM   304  C  "C4'" . C   A 1 20 ? 2.993   7.017   -13.012 1.00 96.62  ? 20 C   A "C4'" 1 
ATOM   305  O  "O4'" . C   A 1 20 ? 2.737   5.956   -13.968 1.00 95.83  ? 20 C   A "O4'" 1 
ATOM   306  C  "C3'" . C   A 1 20 ? 1.968   8.066   -13.370 1.00 96.36  ? 20 C   A "C3'" 1 
ATOM   307  O  "O3'" . C   A 1 20 ? 2.383   9.304   -12.847 1.00 96.54  ? 20 C   A "O3'" 1 
ATOM   308  C  "C2'" . C   A 1 20 ? 1.935   7.997   -14.885 1.00 95.69  ? 20 C   A "C2'" 1 
ATOM   309  O  "O2'" . C   A 1 20 ? 3.013   8.671   -15.501 1.00 96.59  ? 20 C   A "O2'" 1 
ATOM   310  C  "C1'" . C   A 1 20 ? 2.077   6.494   -15.108 1.00 95.09  ? 20 C   A "C1'" 1 
ATOM   311  N  N1    . C   A 1 20 ? 0.785   5.805   -15.268 1.00 94.27  ? 20 C   A N1    1 
ATOM   312  C  C2    . C   A 1 20 ? -0.217  6.410   -16.039 1.00 94.33  ? 20 C   A C2    1 
ATOM   313  O  O2    . C   A 1 20 ? -0.013  7.538   -16.516 1.00 94.64  ? 20 C   A O2    1 
ATOM   314  N  N3    . C   A 1 20 ? -1.382  5.753   -16.239 1.00 94.27  ? 20 C   A N3    1 
ATOM   315  C  C4    . C   A 1 20 ? -1.573  4.550   -15.696 1.00 93.53  ? 20 C   A C4    1 
ATOM   316  N  N4    . C   A 1 20 ? -2.728  3.927   -15.948 1.00 93.34  ? 20 C   A N4    1 
ATOM   317  C  C5    . C   A 1 20 ? -0.586  3.928   -14.878 1.00 93.47  ? 20 C   A C5    1 
ATOM   318  C  C6    . C   A 1 20 ? 0.567   4.585   -14.693 1.00 93.85  ? 20 C   A C6    1 
ATOM   319  P  P     . C   A 1 21 ? 1.566   9.937   -11.630 1.00 96.49  ? 21 C   A P     1 
ATOM   320  O  OP1   . C   A 1 21 ? 2.502   10.720  -10.775 1.00 96.35  ? 21 C   A OP1   1 
ATOM   321  O  OP2   . C   A 1 21 ? 0.776   8.825   -11.031 1.00 96.46  ? 21 C   A OP2   1 
ATOM   322  O  "O5'" . C   A 1 21 ? 0.552   10.918  -12.365 1.00 95.27  ? 21 C   A "O5'" 1 
ATOM   323  C  "C5'" . C   A 1 21 ? -0.758  11.098  -11.868 1.00 93.11  ? 21 C   A "C5'" 1 
ATOM   324  C  "C4'" . C   A 1 21 ? -1.657  11.645  -12.942 1.00 91.03  ? 21 C   A "C4'" 1 
ATOM   325  O  "O4'" . C   A 1 21 ? -1.711  10.721  -14.061 1.00 89.26  ? 21 C   A "O4'" 1 
ATOM   326  C  "C3'" . C   A 1 21 ? -3.100  11.796  -12.516 1.00 90.66  ? 21 C   A "C3'" 1 
ATOM   327  O  "O3'" . C   A 1 21 ? -3.300  12.987  -11.787 1.00 91.20  ? 21 C   A "O3'" 1 
ATOM   328  C  "C2'" . C   A 1 21 ? -3.833  11.760  -13.841 1.00 89.56  ? 21 C   A "C2'" 1 
ATOM   329  O  "O2'" . C   A 1 21 ? -3.756  13.000  -14.516 1.00 90.27  ? 21 C   A "O2'" 1 
ATOM   330  C  "C1'" . C   A 1 21 ? -3.034  10.685  -14.579 1.00 88.10  ? 21 C   A "C1'" 1 
ATOM   331  N  N1    . C   A 1 21 ? -3.566  9.344   -14.295 1.00 85.85  ? 21 C   A N1    1 
ATOM   332  C  C2    . C   A 1 21 ? -4.914  9.056   -14.576 1.00 84.63  ? 21 C   A C2    1 
ATOM   333  O  O2    . C   A 1 21 ? -5.635  9.938   -15.059 1.00 83.99  ? 21 C   A O2    1 
ATOM   334  N  N3    . C   A 1 21 ? -5.389  7.821   -14.311 1.00 83.97  ? 21 C   A N3    1 
ATOM   335  C  C4    . C   A 1 21 ? -4.578  6.892   -13.796 1.00 83.91  ? 21 C   A C4    1 
ATOM   336  N  N4    . C   A 1 21 ? -5.081  5.682   -13.569 1.00 83.55  ? 21 C   A N4    1 
ATOM   337  C  C5    . C   A 1 21 ? -3.212  7.162   -13.497 1.00 83.93  ? 21 C   A C5    1 
ATOM   338  C  C6    . C   A 1 21 ? -2.753  8.386   -13.759 1.00 84.87  ? 21 C   A C6    1 
ATOM   339  P  P     . G   A 1 22 ? -3.967  12.898  -10.336 1.00 92.15  ? 22 G   A P     1 
ATOM   340  O  OP1   . G   A 1 22 ? -3.993  14.267  -9.756  1.00 92.19  ? 22 G   A OP1   1 
ATOM   341  O  OP2   . G   A 1 22 ? -3.279  11.798  -9.605  1.00 92.17  ? 22 G   A OP2   1 
ATOM   342  O  "O5'" . G   A 1 22 ? -5.457  12.427  -10.641 1.00 91.57  ? 22 G   A "O5'" 1 
ATOM   343  C  "C5'" . G   A 1 22 ? -6.365  13.303  -11.292 1.00 91.71  ? 22 G   A "C5'" 1 
ATOM   344  C  "C4'" . G   A 1 22 ? -7.716  12.651  -11.444 1.00 91.15  ? 22 G   A "C4'" 1 
ATOM   345  O  "O4'" . G   A 1 22 ? -7.608  11.544  -12.381 1.00 91.12  ? 22 G   A "O4'" 1 
ATOM   346  C  "C3'" . G   A 1 22 ? -8.257  11.999  -10.182 1.00 90.84  ? 22 G   A "C3'" 1 
ATOM   347  O  "O3'" . G   A 1 22 ? -8.887  12.921  -9.302  1.00 89.95  ? 22 G   A "O3'" 1 
ATOM   348  C  "C2'" . G   A 1 22 ? -9.237  10.976  -10.742 1.00 91.11  ? 22 G   A "C2'" 1 
ATOM   349  O  "O2'" . G   A 1 22 ? -10.493 11.526  -11.090 1.00 92.44  ? 22 G   A "O2'" 1 
ATOM   350  C  "C1'" . G   A 1 22 ? -8.499  10.507  -11.996 1.00 90.75  ? 22 G   A "C1'" 1 
ATOM   351  N  N9    . G   A 1 22 ? -7.737  9.294   -11.732 1.00 89.65  ? 22 G   A N9    1 
ATOM   352  C  C8    . G   A 1 22 ? -6.404  9.187   -11.427 1.00 89.82  ? 22 G   A C8    1 
ATOM   353  N  N7    . G   A 1 22 ? -6.037  7.961   -11.173 1.00 89.43  ? 22 G   A N7    1 
ATOM   354  C  C5    . G   A 1 22 ? -7.196  7.215   -11.337 1.00 88.50  ? 22 G   A C5    1 
ATOM   355  C  C6    . G   A 1 22 ? -7.427  5.826   -11.181 1.00 88.38  ? 22 G   A C6    1 
ATOM   356  O  O6    . G   A 1 22 ? -6.626  4.941   -10.843 1.00 89.49  ? 22 G   A O6    1 
ATOM   357  N  N1    . G   A 1 22 ? -8.749  5.495   -11.451 1.00 87.42  ? 22 G   A N1    1 
ATOM   358  C  C2    . G   A 1 22 ? -9.721  6.384   -11.813 1.00 87.24  ? 22 G   A C2    1 
ATOM   359  N  N2    . G   A 1 22 ? -10.930 5.876   -12.022 1.00 87.11  ? 22 G   A N2    1 
ATOM   360  N  N3    . G   A 1 22 ? -9.524  7.679   -11.956 1.00 87.74  ? 22 G   A N3    1 
ATOM   361  C  C4    . G   A 1 22 ? -8.247  8.022   -11.701 1.00 88.55  ? 22 G   A C4    1 
ATOM   362  P  P     . G   A 1 23 ? -9.103  12.517  -7.761  1.00 89.91  ? 23 G   A P     1 
ATOM   363  O  OP1   . G   A 1 23 ? -9.522  13.728  -7.010  1.00 90.51  ? 23 G   A OP1   1 
ATOM   364  O  OP2   . G   A 1 23 ? -7.892  11.771  -7.331  1.00 90.40  ? 23 G   A OP2   1 
ATOM   365  O  "O5'" . G   A 1 23 ? -10.327 11.495  -7.807  1.00 88.13  ? 23 G   A "O5'" 1 
ATOM   366  C  "C5'" . G   A 1 23 ? -11.575 11.896  -8.352  1.00 85.35  ? 23 G   A "C5'" 1 
ATOM   367  C  "C4'" . G   A 1 23 ? -12.457 10.700  -8.621  1.00 83.61  ? 23 G   A "C4'" 1 
ATOM   368  O  "O4'" . G   A 1 23 ? -11.781 9.792   -9.533  1.00 83.39  ? 23 G   A "O4'" 1 
ATOM   369  C  "C3'" . G   A 1 23 ? -12.751 9.827   -7.414  1.00 82.36  ? 23 G   A "C3'" 1 
ATOM   370  O  "O3'" . G   A 1 23 ? -13.818 10.334  -6.644  1.00 81.27  ? 23 G   A "O3'" 1 
ATOM   371  C  "C2'" . G   A 1 23 ? -13.118 8.498   -8.056  1.00 82.81  ? 23 G   A "C2'" 1 
ATOM   372  O  "O2'" . G   A 1 23 ? -14.447 8.455   -8.543  1.00 82.78  ? 23 G   A "O2'" 1 
ATOM   373  C  "C1'" . G   A 1 23 ? -12.133 8.451   -9.220  1.00 83.38  ? 23 G   A "C1'" 1 
ATOM   374  N  N9    . G   A 1 23 ? -10.938 7.716   -8.830  1.00 83.52  ? 23 G   A N9    1 
ATOM   375  C  C8    . G   A 1 23 ? -9.681  8.213   -8.596  1.00 83.90  ? 23 G   A C8    1 
ATOM   376  N  N7    . G   A 1 23 ? -8.831  7.295   -8.222  1.00 83.79  ? 23 G   A N7    1 
ATOM   377  C  C5    . G   A 1 23 ? -9.573  6.122   -8.221  1.00 83.27  ? 23 G   A C5    1 
ATOM   378  C  C6    . G   A 1 23 ? -9.195  4.800   -7.899  1.00 83.52  ? 23 G   A C6    1 
ATOM   379  O  O6    . G   A 1 23 ? -8.081  4.379   -7.541  1.00 83.65  ? 23 G   A O6    1 
ATOM   380  N  N1    . G   A 1 23 ? -10.265 3.921   -8.025  1.00 83.18  ? 23 G   A N1    1 
ATOM   381  C  C2    . G   A 1 23 ? -11.534 4.271   -8.411  1.00 82.76  ? 23 G   A C2    1 
ATOM   382  N  N2    . G   A 1 23 ? -12.432 3.282   -8.466  1.00 82.48  ? 23 G   A N2    1 
ATOM   383  N  N3    . G   A 1 23 ? -11.894 5.499   -8.718  1.00 82.55  ? 23 G   A N3    1 
ATOM   384  C  C4    . G   A 1 23 ? -10.873 6.366   -8.601  1.00 82.96  ? 23 G   A C4    1 
ATOM   385  P  P     . A   A 1 24 ? -13.687 10.352  -5.051  1.00 80.70  ? 24 A   A P     1 
ATOM   386  O  OP1   . A   A 1 24 ? -15.029 10.578  -4.462  1.00 81.12  ? 24 A   A OP1   1 
ATOM   387  O  OP2   . A   A 1 24 ? -12.581 11.304  -4.759  1.00 80.81  ? 24 A   A OP2   1 
ATOM   388  O  "O5'" . A   A 1 24 ? -13.232 8.869   -4.671  1.00 79.27  ? 24 A   A "O5'" 1 
ATOM   389  C  "C5'" . A   A 1 24 ? -14.069 7.746   -4.961  1.00 75.91  ? 24 A   A "C5'" 1 
ATOM   390  C  "C4'" . A   A 1 24 ? -13.304 6.448   -4.775  1.00 73.68  ? 24 A   A "C4'" 1 
ATOM   391  O  "O4'" . A   A 1 24 ? -12.092 6.482   -5.582  1.00 73.42  ? 24 A   A "O4'" 1 
ATOM   392  C  "C3'" . A   A 1 24 ? -12.796 6.175   -3.369  1.00 72.33  ? 24 A   A "C3'" 1 
ATOM   393  O  "O3'" . A   A 1 24 ? -13.803 5.558   -2.576  1.00 70.46  ? 24 A   A "O3'" 1 
ATOM   394  C  "C2'" . A   A 1 24 ? -11.626 5.233   -3.621  1.00 71.80  ? 24 A   A "C2'" 1 
ATOM   395  O  "O2'" . A   A 1 24 ? -12.061 3.922   -3.897  1.00 72.13  ? 24 A   A "O2'" 1 
ATOM   396  C  "C1'" . A   A 1 24 ? -11.039 5.816   -4.903  1.00 71.60  ? 24 A   A "C1'" 1 
ATOM   397  N  N9    . A   A 1 24 ? -9.951  6.768   -4.684  1.00 70.75  ? 24 A   A N9    1 
ATOM   398  C  C8    . A   A 1 24 ? -9.957  8.124   -4.898  1.00 70.58  ? 24 A   A C8    1 
ATOM   399  N  N7    . A   A 1 24 ? -8.810  8.707   -4.642  1.00 70.14  ? 24 A   A N7    1 
ATOM   400  C  C5    . A   A 1 24 ? -7.994  7.667   -4.224  1.00 70.09  ? 24 A   A C5    1 
ATOM   401  C  C6    . A   A 1 24 ? -6.642  7.623   -3.815  1.00 70.04  ? 24 A   A C6    1 
ATOM   402  N  N6    . A   A 1 24 ? -5.842  8.692   -3.767  1.00 70.31  ? 24 A   A N6    1 
ATOM   403  N  N1    . A   A 1 24 ? -6.134  6.425   -3.460  1.00 69.89  ? 24 A   A N1    1 
ATOM   404  C  C2    . A   A 1 24 ? -6.933  5.349   -3.518  1.00 70.61  ? 24 A   A C2    1 
ATOM   405  N  N3    . A   A 1 24 ? -8.212  5.261   -3.889  1.00 70.76  ? 24 A   A N3    1 
ATOM   406  C  C4    . A   A 1 24 ? -8.687  6.468   -4.234  1.00 70.37  ? 24 A   A C4    1 
ATOM   407  P  P     . A   A 1 25 ? -13.840 5.839   -0.994  1.00 69.23  ? 25 A   A P     1 
ATOM   408  O  OP1   . A   A 1 25 ? -15.154 5.404   -0.441  1.00 70.03  ? 25 A   A OP1   1 
ATOM   409  O  OP2   . A   A 1 25 ? -13.387 7.243   -0.802  1.00 69.08  ? 25 A   A OP2   1 
ATOM   410  O  "O5'" . A   A 1 25 ? -12.723 4.871   -0.408  1.00 67.45  ? 25 A   A "O5'" 1 
ATOM   411  C  "C5'" . A   A 1 25 ? -12.807 3.469   -0.613  1.00 63.90  ? 25 A   A "C5'" 1 
ATOM   412  C  "C4'" . A   A 1 25 ? -11.505 2.815   -0.233  1.00 61.56  ? 25 A   A "C4'" 1 
ATOM   413  O  "O4'" . A   A 1 25 ? -10.448 3.304   -1.107  1.00 59.00  ? 25 A   A "O4'" 1 
ATOM   414  C  "C3'" . A   A 1 25 ? -11.024 3.166   1.162   1.00 61.68  ? 25 A   A "C3'" 1 
ATOM   415  O  "O3'" . A   A 1 25 ? -11.629 2.309   2.135   1.00 63.23  ? 25 A   A "O3'" 1 
ATOM   416  C  "C2'" . A   A 1 25 ? -9.528  2.918   1.045   1.00 60.37  ? 25 A   A "C2'" 1 
ATOM   417  O  "O2'" . A   A 1 25 ? -9.245  1.537   1.133   1.00 62.11  ? 25 A   A "O2'" 1 
ATOM   418  C  "C1'" . A   A 1 25 ? -9.239  3.403   -0.378  1.00 58.03  ? 25 A   A "C1'" 1 
ATOM   419  N  N9    . A   A 1 25 ? -8.735  4.778   -0.474  1.00 55.70  ? 25 A   A N9    1 
ATOM   420  C  C8    . A   A 1 25 ? -9.420  5.907   -0.845  1.00 54.99  ? 25 A   A C8    1 
ATOM   421  N  N7    . A   A 1 25 ? -8.679  6.993   -0.869  1.00 53.52  ? 25 A   A N7    1 
ATOM   422  C  C5    . A   A 1 25 ? -7.423  6.549   -0.481  1.00 53.02  ? 25 A   A C5    1 
ATOM   423  C  C6    . A   A 1 25 ? -6.191  7.214   -0.314  1.00 53.17  ? 25 A   A C6    1 
ATOM   424  N  N6    . A   A 1 25 ? -6.017  8.520   -0.524  1.00 52.04  ? 25 A   A N6    1 
ATOM   425  N  N1    . A   A 1 25 ? -5.128  6.480   0.080   1.00 53.04  ? 25 A   A N1    1 
ATOM   426  C  C2    . A   A 1 25 ? -5.301  5.171   0.291   1.00 52.60  ? 25 A   A C2    1 
ATOM   427  N  N3    . A   A 1 25 ? -6.404  4.435   0.168   1.00 53.20  ? 25 A   A N3    1 
ATOM   428  C  C4    . A   A 1 25 ? -7.443  5.191   -0.226  1.00 53.94  ? 25 A   A C4    1 
HETATM 429  P  P     . 5BU A 1 26 ? -11.604 2.714   3.703   1.00 63.56  ? 26 5BU A P     1 
HETATM 430  O  OP1   . 5BU A 1 26 ? -12.210 1.595   4.480   1.00 62.32  ? 26 5BU A OP1   1 
HETATM 431  O  OP2   . 5BU A 1 26 ? -12.150 4.099   3.834   1.00 63.85  ? 26 5BU A OP2   1 
HETATM 432  O  "O5'" . 5BU A 1 26 ? -10.058 2.796   4.075   1.00 60.86  ? 26 5BU A "O5'" 1 
HETATM 433  C  "C5'" . 5BU A 1 26 ? -9.242  1.636   4.088   1.00 56.61  ? 26 5BU A "C5'" 1 
HETATM 434  C  "C4'" . 5BU A 1 26 ? -7.813  2.037   4.306   1.00 54.52  ? 26 5BU A "C4'" 1 
HETATM 435  O  "O4'" . 5BU A 1 26 ? -7.372  2.815   3.170   1.00 52.80  ? 26 5BU A "O4'" 1 
HETATM 436  C  "C3'" . 5BU A 1 26 ? -7.627  3.000   5.458   1.00 54.36  ? 26 5BU A "C3'" 1 
HETATM 437  O  "O3'" . 5BU A 1 26 ? -7.602  2.347   6.708   1.00 56.13  ? 26 5BU A "O3'" 1 
HETATM 438  C  "C2'" . 5BU A 1 26 ? -6.324  3.684   5.101   1.00 52.30  ? 26 5BU A "C2'" 1 
HETATM 439  O  "O2'" . 5BU A 1 26 ? -5.221  2.844   5.358   1.00 53.37  ? 26 5BU A "O2'" 1 
HETATM 440  C  "C1'" . 5BU A 1 26 ? -6.491  3.839   3.595   1.00 50.81  ? 26 5BU A "C1'" 1 
HETATM 441  N  N1    . 5BU A 1 26 ? -7.096  5.124   3.237   1.00 48.49  ? 26 5BU A N1    1 
HETATM 442  C  C2    . 5BU A 1 26 ? -6.280  6.236   3.223   1.00 48.19  ? 26 5BU A C2    1 
HETATM 443  O  O2    . 5BU A 1 26 ? -5.095  6.189   3.535   1.00 47.21  ? 26 5BU A O2    1 
HETATM 444  N  N3    . 5BU A 1 26 ? -6.899  7.401   2.841   1.00 46.98  ? 26 5BU A N3    1 
HETATM 445  C  C4    . 5BU A 1 26 ? -8.230  7.559   2.496   1.00 47.91  ? 26 5BU A C4    1 
HETATM 446  O  O4    . 5BU A 1 26 ? -8.614  8.635   2.034   1.00 48.90  ? 26 5BU A O4    1 
HETATM 447  C  C5    . 5BU A 1 26 ? -9.014  6.365   2.579   1.00 48.32  ? 26 5BU A C5    1 
HETATM 448  C  C6    . 5BU A 1 26 ? -8.429  5.214   2.924   1.00 48.21  ? 26 5BU A C6    1 
HETATM 449  BR BR    . 5BU A 1 26 ? -10.617 6.454   2.496   1.00 46.59  ? 26 5BU A BR    1 
ATOM   450  P  P     . C   A 1 27 ? -8.293  3.063   7.963   1.00 57.87  ? 27 C   A P     1 
ATOM   451  O  OP1   . C   A 1 27 ? -8.561  2.005   8.976   1.00 57.79  ? 27 C   A OP1   1 
ATOM   452  O  OP2   . C   A 1 27 ? -9.410  3.905   7.449   1.00 57.59  ? 27 C   A OP2   1 
ATOM   453  O  "O5'" . C   A 1 27 ? -7.164  4.054   8.486   1.00 55.46  ? 27 C   A "O5'" 1 
ATOM   454  C  "C5'" . C   A 1 27 ? -5.887  3.551   8.822   1.00 54.90  ? 27 C   A "C5'" 1 
ATOM   455  C  "C4'" . C   A 1 27 ? -4.889  4.666   8.845   1.00 53.37  ? 27 C   A "C4'" 1 
ATOM   456  O  "O4'" . C   A 1 27 ? -4.812  5.245   7.523   1.00 52.50  ? 27 C   A "O4'" 1 
ATOM   457  C  "C3'" . C   A 1 27 ? -5.296  5.832   9.708   1.00 54.33  ? 27 C   A "C3'" 1 
ATOM   458  O  "O3'" . C   A 1 27 ? -5.010  5.588   11.069  1.00 54.69  ? 27 C   A "O3'" 1 
ATOM   459  C  "C2'" . C   A 1 27 ? -4.498  6.974   9.104   1.00 53.70  ? 27 C   A "C2'" 1 
ATOM   460  O  "O2'" . C   A 1 27 ? -3.133  6.936   9.477   1.00 54.56  ? 27 C   A "O2'" 1 
ATOM   461  C  "C1'" . C   A 1 27 ? -4.611  6.642   7.620   1.00 51.88  ? 27 C   A "C1'" 1 
ATOM   462  N  N1    . C   A 1 27 ? -5.760  7.292   6.989   1.00 49.86  ? 27 C   A N1    1 
ATOM   463  C  C2    . C   A 1 27 ? -5.620  8.597   6.517   1.00 49.08  ? 27 C   A C2    1 
ATOM   464  O  O2    . C   A 1 27 ? -4.526  9.170   6.668   1.00 48.09  ? 27 C   A O2    1 
ATOM   465  N  N3    . C   A 1 27 ? -6.675  9.197   5.910   1.00 48.02  ? 27 C   A N3    1 
ATOM   466  C  C4    . C   A 1 27 ? -7.833  8.531   5.775   1.00 48.78  ? 27 C   A C4    1 
ATOM   467  N  N4    . C   A 1 27 ? -8.860  9.151   5.172   1.00 48.29  ? 27 C   A N4    1 
ATOM   468  C  C5    . C   A 1 27 ? -7.995  7.200   6.255   1.00 49.08  ? 27 C   A C5    1 
ATOM   469  C  C6    . C   A 1 27 ? -6.946  6.628   6.855   1.00 49.18  ? 27 C   A C6    1 
ATOM   470  P  P     . C   A 1 28 ? -5.846  6.374   12.182  1.00 53.48  ? 28 C   A P     1 
ATOM   471  O  OP1   . C   A 1 28 ? -5.546  5.698   13.477  1.00 52.22  ? 28 C   A OP1   1 
ATOM   472  O  OP2   . C   A 1 28 ? -7.256  6.474   11.698  1.00 50.85  ? 28 C   A OP2   1 
ATOM   473  O  "O5'" . C   A 1 28 ? -5.139  7.801   12.174  1.00 51.89  ? 28 C   A "O5'" 1 
ATOM   474  C  "C5'" . C   A 1 28 ? -3.782  7.889   12.581  1.00 52.31  ? 28 C   A "C5'" 1 
ATOM   475  C  "C4'" . C   A 1 28 ? -3.298  9.318   12.579  1.00 52.28  ? 28 C   A "C4'" 1 
ATOM   476  O  "O4'" . C   A 1 28 ? -3.126  9.759   11.207  1.00 51.00  ? 28 C   A "O4'" 1 
ATOM   477  C  "C3'" . C   A 1 28 ? -4.236  10.360  13.174  1.00 52.47  ? 28 C   A "C3'" 1 
ATOM   478  O  "O3'" . C   A 1 28 ? -4.206  10.447  14.586  1.00 52.32  ? 28 C   A "O3'" 1 
ATOM   479  C  "C2'" . C   A 1 28 ? -3.733  11.635  12.522  1.00 51.71  ? 28 C   A "C2'" 1 
ATOM   480  O  "O2'" . C   A 1 28 ? -2.529  12.075  13.122  1.00 52.37  ? 28 C   A "O2'" 1 
ATOM   481  C  "C1'" . C   A 1 28 ? -3.440  11.137  11.112  1.00 50.16  ? 28 C   A "C1'" 1 
ATOM   482  N  N1    . C   A 1 28 ? -4.623  11.291  10.275  1.00 47.82  ? 28 C   A N1    1 
ATOM   483  C  C2    . C   A 1 28 ? -4.803  12.498  9.634   1.00 48.10  ? 28 C   A C2    1 
ATOM   484  O  O2    . C   A 1 28 ? -3.964  13.394  9.833   1.00 48.58  ? 28 C   A O2    1 
ATOM   485  N  N3    . C   A 1 28 ? -5.879  12.676  8.829   1.00 46.99  ? 28 C   A N3    1 
ATOM   486  C  C4    . C   A 1 28 ? -6.765  11.693  8.690   1.00 46.89  ? 28 C   A C4    1 
ATOM   487  N  N4    . C   A 1 28 ? -7.821  11.908  7.907   1.00 47.14  ? 28 C   A N4    1 
ATOM   488  C  C5    . C   A 1 28 ? -6.611  10.444  9.354   1.00 47.60  ? 28 C   A C5    1 
ATOM   489  C  C6    . C   A 1 28 ? -5.531  10.285  10.129  1.00 47.95  ? 28 C   A C6    1 
ATOM   490  P  P     . G   A 1 29 ? -5.535  10.907  15.363  1.00 54.03  ? 29 G   A P     1 
ATOM   491  O  OP1   . G   A 1 29 ? -5.134  11.041  16.786  1.00 55.13  ? 29 G   A OP1   1 
ATOM   492  O  OP2   . G   A 1 29 ? -6.696  10.030  14.991  1.00 52.38  ? 29 G   A OP2   1 
ATOM   493  O  "O5'" . G   A 1 29 ? -5.842  12.359  14.777  1.00 54.81  ? 29 G   A "O5'" 1 
ATOM   494  C  "C5'" . G   A 1 29 ? -4.971  13.470  15.031  1.00 53.99  ? 29 G   A "C5'" 1 
ATOM   495  C  "C4'" . G   A 1 29 ? -5.607  14.761  14.545  1.00 52.86  ? 29 G   A "C4'" 1 
ATOM   496  O  "O4'" . G   A 1 29 ? -5.522  14.853  13.092  1.00 51.57  ? 29 G   A "O4'" 1 
ATOM   497  C  "C3'" . G   A 1 29 ? -7.092  14.912  14.848  1.00 52.31  ? 29 G   A "C3'" 1 
ATOM   498  O  "O3'" . G   A 1 29 ? -7.325  15.383  16.178  1.00 52.89  ? 29 G   A "O3'" 1 
ATOM   499  C  "C2'" . G   A 1 29 ? -7.533  15.910  13.784  1.00 51.46  ? 29 G   A "C2'" 1 
ATOM   500  O  "O2'" . G   A 1 29 ? -7.261  17.249  14.148  1.00 50.86  ? 29 G   A "O2'" 1 
ATOM   501  C  "C1'" . G   A 1 29 ? -6.696  15.466  12.576  1.00 51.42  ? 29 G   A "C1'" 1 
ATOM   502  N  N9    . G   A 1 29 ? -7.444  14.451  11.846  1.00 51.68  ? 29 G   A N9    1 
ATOM   503  C  C8    . G   A 1 29 ? -7.273  13.094  11.930  1.00 52.27  ? 29 G   A C8    1 
ATOM   504  N  N7    . G   A 1 29 ? -8.204  12.422  11.314  1.00 53.26  ? 29 G   A N7    1 
ATOM   505  C  C5    . G   A 1 29 ? -9.017  13.396  10.758  1.00 53.54  ? 29 G   A C5    1 
ATOM   506  C  C6    . G   A 1 29 ? -10.214 13.267  10.011  1.00 55.56  ? 29 G   A C6    1 
ATOM   507  O  O6    . G   A 1 29 ? -10.836 12.227  9.715   1.00 57.52  ? 29 G   A O6    1 
ATOM   508  N  N1    . G   A 1 29 ? -10.702 14.510  9.613   1.00 55.18  ? 29 G   A N1    1 
ATOM   509  C  C2    . G   A 1 29 ? -10.119 15.716  9.911   1.00 54.83  ? 29 G   A C2    1 
ATOM   510  N  N2    . G   A 1 29 ? -10.737 16.805  9.417   1.00 55.92  ? 29 G   A N2    1 
ATOM   511  N  N3    . G   A 1 29 ? -9.014  15.847  10.634  1.00 53.65  ? 29 G   A N3    1 
ATOM   512  C  C4    . G   A 1 29 ? -8.526  14.653  11.025  1.00 52.51  ? 29 G   A C4    1 
ATOM   513  P  P     . A   A 1 30 ? -8.613  14.866  17.000  1.00 51.98  ? 30 A   A P     1 
ATOM   514  O  OP1   . A   A 1 30 ? -8.697  15.688  18.226  1.00 52.54  ? 30 A   A OP1   1 
ATOM   515  O  OP2   . A   A 1 30 ? -8.526  13.389  17.115  1.00 52.38  ? 30 A   A OP2   1 
ATOM   516  O  "O5'" . A   A 1 30 ? -9.849  15.227  16.060  1.00 49.94  ? 30 A   A "O5'" 1 
ATOM   517  C  "C5'" . A   A 1 30 ? -11.182 15.022  16.497  1.00 47.75  ? 30 A   A "C5'" 1 
ATOM   518  C  "C4'" . A   A 1 30 ? -11.929 16.333  16.491  1.00 47.48  ? 30 A   A "C4'" 1 
ATOM   519  O  "O4'" . A   A 1 30 ? -11.298 17.250  17.420  1.00 46.92  ? 30 A   A "O4'" 1 
ATOM   520  C  "C3'" . A   A 1 30 ? -11.862 17.057  15.161  1.00 47.81  ? 30 A   A "C3'" 1 
ATOM   521  O  "O3'" . A   A 1 30 ? -12.911 16.574  14.344  1.00 48.55  ? 30 A   A "O3'" 1 
ATOM   522  C  "C2'" . A   A 1 30 ? -12.074 18.516  15.550  1.00 46.41  ? 30 A   A "C2'" 1 
ATOM   523  O  "O2'" . A   A 1 30 ? -13.431 18.869  15.679  1.00 46.54  ? 30 A   A "O2'" 1 
ATOM   524  C  "C1'" . A   A 1 30 ? -11.377 18.570  16.911  1.00 45.73  ? 30 A   A "C1'" 1 
ATOM   525  N  N9    . A   A 1 30 ? -10.037 19.137  16.932  1.00 43.51  ? 30 A   A N9    1 
ATOM   526  C  C8    . A   A 1 30 ? -8.891  18.539  17.392  1.00 44.85  ? 30 A   A C8    1 
ATOM   527  N  N7    . A   A 1 30 ? -7.834  19.322  17.360  1.00 45.14  ? 30 A   A N7    1 
ATOM   528  C  C5    . A   A 1 30 ? -8.322  20.508  16.829  1.00 43.74  ? 30 A   A C5    1 
ATOM   529  C  C6    . A   A 1 30 ? -7.708  21.736  16.554  1.00 43.60  ? 30 A   A C6    1 
ATOM   530  N  N6    . A   A 1 30 ? -6.421  21.990  16.805  1.00 44.48  ? 30 A   A N6    1 
ATOM   531  N  N1    . A   A 1 30 ? -8.466  22.708  16.012  1.00 42.89  ? 30 A   A N1    1 
ATOM   532  C  C2    . A   A 1 30 ? -9.760  22.450  15.779  1.00 42.59  ? 30 A   A C2    1 
ATOM   533  N  N3    . A   A 1 30 ? -10.458 21.335  16.007  1.00 41.90  ? 30 A   A N3    1 
ATOM   534  C  C4    . A   A 1 30 ? -9.670  20.397  16.539  1.00 42.59  ? 30 A   A C4    1 
ATOM   535  P  P     . A   A 1 31 ? -12.590 16.106  12.846  1.00 48.38  ? 31 A   A P     1 
ATOM   536  O  OP1   . A   A 1 31 ? -13.755 15.326  12.337  1.00 46.96  ? 31 A   A OP1   1 
ATOM   537  O  OP2   . A   A 1 31 ? -11.238 15.480  12.884  1.00 47.31  ? 31 A   A OP2   1 
ATOM   538  O  "O5'" . A   A 1 31 ? -12.548 17.480  12.054  1.00 44.73  ? 31 A   A "O5'" 1 
ATOM   539  C  "C5'" . A   A 1 31 ? -13.752 18.188  11.830  1.00 42.91  ? 31 A   A "C5'" 1 
ATOM   540  C  "C4'" . A   A 1 31 ? -13.465 19.655  11.706  1.00 42.86  ? 31 A   A "C4'" 1 
ATOM   541  O  "O4'" . A   A 1 31 ? -12.601 20.046  12.804  1.00 41.84  ? 31 A   A "O4'" 1 
ATOM   542  C  "C3'" . A   A 1 31 ? -12.664 20.031  10.478  1.00 43.11  ? 31 A   A "C3'" 1 
ATOM   543  O  "O3'" . A   A 1 31 ? -13.541 20.208  9.382   1.00 45.28  ? 31 A   A "O3'" 1 
ATOM   544  C  "C2'" . A   A 1 31 ? -12.005 21.337  10.899  1.00 41.21  ? 31 A   A "C2'" 1 
ATOM   545  O  "O2'" . A   A 1 31 ? -12.888 22.439  10.808  1.00 40.85  ? 31 A   A "O2'" 1 
ATOM   546  C  "C1'" . A   A 1 31 ? -11.711 21.051  12.368  1.00 38.67  ? 31 A   A "C1'" 1 
ATOM   547  N  N9    . A   A 1 31 ? -10.365 20.603  12.682  1.00 35.68  ? 31 A   A N9    1 
ATOM   548  C  C8    . A   A 1 31 ? -9.937  19.330  12.978  1.00 34.56  ? 31 A   A C8    1 
ATOM   549  N  N7    . A   A 1 31 ? -8.676  19.275  13.349  1.00 33.38  ? 31 A   A N7    1 
ATOM   550  C  C5    . A   A 1 31 ? -8.248  20.591  13.268  1.00 33.33  ? 31 A   A C5    1 
ATOM   551  C  C6    . A   A 1 31 ? -7.024  21.200  13.561  1.00 33.47  ? 31 A   A C6    1 
ATOM   552  N  N6    . A   A 1 31 ? -5.978  20.536  14.040  1.00 34.69  ? 31 A   A N6    1 
ATOM   553  N  N1    . A   A 1 31 ? -6.911  22.535  13.358  1.00 33.88  ? 31 A   A N1    1 
ATOM   554  C  C2    . A   A 1 31 ? -7.986  23.202  12.901  1.00 34.95  ? 31 A   A C2    1 
ATOM   555  N  N3    . A   A 1 31 ? -9.208  22.736  12.605  1.00 34.07  ? 31 A   A N3    1 
ATOM   556  C  C4    . A   A 1 31 ? -9.269  21.411  12.818  1.00 34.30  ? 31 A   A C4    1 
ATOM   557  P  P     . A   A 1 32 ? -13.014 19.886  7.905   1.00 47.51  ? 32 A   A P     1 
ATOM   558  O  OP1   . A   A 1 32 ? -14.168 20.035  6.954   1.00 45.64  ? 32 A   A OP1   1 
ATOM   559  O  OP2   . A   A 1 32 ? -12.280 18.586  8.005   1.00 45.84  ? 32 A   A OP2   1 
ATOM   560  O  "O5'" . A   A 1 32 ? -11.946 21.036  7.613   1.00 44.23  ? 32 A   A "O5'" 1 
ATOM   561  C  "C5'" . A   A 1 32 ? -12.371 22.316  7.153   1.00 42.59  ? 32 A   A "C5'" 1 
ATOM   562  C  "C4'" . A   A 1 32 ? -11.241 23.302  7.261   1.00 41.36  ? 32 A   A "C4'" 1 
ATOM   563  O  "O4'" . A   A 1 32 ? -10.711 23.212  8.608   1.00 40.92  ? 32 A   A "O4'" 1 
ATOM   564  C  "C3'" . A   A 1 32 ? -10.028 23.024  6.387   1.00 42.51  ? 32 A   A "C3'" 1 
ATOM   565  O  "O3'" . A   A 1 32 ? -10.182 23.518  5.067   1.00 44.20  ? 32 A   A "O3'" 1 
ATOM   566  C  "C2'" . A   A 1 32 ? -8.922  23.737  7.150   1.00 40.81  ? 32 A   A "C2'" 1 
ATOM   567  O  "O2'" . A   A 1 32 ? -9.013  25.145  7.050   1.00 41.80  ? 32 A   A "O2'" 1 
ATOM   568  C  "C1'" . A   A 1 32 ? -9.302  23.389  8.581   1.00 39.54  ? 32 A   A "C1'" 1 
ATOM   569  N  N9    . A   A 1 32 ? -8.667  22.158  9.041   1.00 36.06  ? 32 A   A N9    1 
ATOM   570  C  C8    . A   A 1 32 ? -9.148  20.880  9.000   1.00 35.48  ? 32 A   A C8    1 
ATOM   571  N  N7    . A   A 1 32 ? -8.340  20.000  9.544   1.00 35.77  ? 32 A   A N7    1 
ATOM   572  C  C5    . A   A 1 32 ? -7.255  20.755  9.959   1.00 35.78  ? 32 A   A C5    1 
ATOM   573  C  C6    . A   A 1 32 ? -6.052  20.418  10.627  1.00 38.01  ? 32 A   A C6    1 
ATOM   574  N  N6    . A   A 1 32 ? -5.727  19.173  11.005  1.00 38.71  ? 32 A   A N6    1 
ATOM   575  N  N1    . A   A 1 32 ? -5.179  21.421  10.900  1.00 38.20  ? 32 A   A N1    1 
ATOM   576  C  C2    . A   A 1 32 ? -5.502  22.664  10.521  1.00 38.15  ? 32 A   A C2    1 
ATOM   577  N  N3    . A   A 1 32 ? -6.598  23.098  9.890   1.00 37.87  ? 32 A   A N3    1 
ATOM   578  C  C4    . A   A 1 32 ? -7.440  22.082  9.641   1.00 35.34  ? 32 A   A C4    1 
ATOM   579  P  P     . G   A 1 33 ? -9.573  22.680  3.833   1.00 45.08  ? 33 G   A P     1 
ATOM   580  O  OP1   . G   A 1 33 ? -9.245  23.671  2.771   1.00 45.78  ? 33 G   A OP1   1 
ATOM   581  O  OP2   . G   A 1 33 ? -10.497 21.554  3.531   1.00 44.88  ? 33 G   A OP2   1 
ATOM   582  O  "O5'" . G   A 1 33 ? -8.203  22.072  4.392   1.00 45.34  ? 33 G   A "O5'" 1 
ATOM   583  C  "C5'" . G   A 1 33 ? -7.032  22.892  4.473   1.00 45.50  ? 33 G   A "C5'" 1 
ATOM   584  C  "C4'" . G   A 1 33 ? -5.914  22.184  5.224   1.00 46.09  ? 33 G   A "C4'" 1 
ATOM   585  O  "O4'" . G   A 1 33 ? -6.488  21.532  6.397   1.00 46.08  ? 33 G   A "O4'" 1 
ATOM   586  C  "C3'" . G   A 1 33 ? -5.211  21.036  4.503   1.00 46.84  ? 33 G   A "C3'" 1 
ATOM   587  O  "O3'" . G   A 1 33 ? -4.136  21.466  3.666   1.00 49.60  ? 33 G   A "O3'" 1 
ATOM   588  C  "C2'" . G   A 1 33 ? -4.651  20.228  5.661   1.00 45.15  ? 33 G   A "C2'" 1 
ATOM   589  O  "O2'" . G   A 1 33 ? -3.483  20.827  6.182   1.00 46.10  ? 33 G   A "O2'" 1 
ATOM   590  C  "C1'" . G   A 1 33 ? -5.779  20.340  6.683   1.00 42.36  ? 33 G   A "C1'" 1 
ATOM   591  N  N9    . G   A 1 33 ? -6.688  19.199  6.625   1.00 37.74  ? 33 G   A N9    1 
ATOM   592  C  C8    . G   A 1 33 ? -7.923  19.110  6.021   1.00 36.52  ? 33 G   A C8    1 
ATOM   593  N  N7    . G   A 1 33 ? -8.469  17.926  6.149   1.00 34.69  ? 33 G   A N7    1 
ATOM   594  C  C5    . G   A 1 33 ? -7.537  17.199  6.880   1.00 33.18  ? 33 G   A C5    1 
ATOM   595  C  C6    . G   A 1 33 ? -7.561  15.854  7.319   1.00 33.81  ? 33 G   A C6    1 
ATOM   596  O  O6    . G   A 1 33 ? -8.458  15.002  7.166   1.00 35.90  ? 33 G   A O6    1 
ATOM   597  N  N1    . G   A 1 33 ? -6.394  15.519  8.003   1.00 32.24  ? 33 G   A N1    1 
ATOM   598  C  C2    . G   A 1 33 ? -5.347  16.375  8.245   1.00 31.42  ? 33 G   A C2    1 
ATOM   599  N  N2    . G   A 1 33 ? -4.313  15.873  8.927   1.00 30.48  ? 33 G   A N2    1 
ATOM   600  N  N3    . G   A 1 33 ? -5.319  17.632  7.849   1.00 31.55  ? 33 G   A N3    1 
ATOM   601  C  C4    . G   A 1 33 ? -6.436  17.972  7.177   1.00 33.98  ? 33 G   A C4    1 
ATOM   602  P  P     . G   A 1 34 ? -3.556  20.464  2.536   1.00 50.62  ? 34 G   A P     1 
ATOM   603  O  OP1   . G   A 1 34 ? -2.477  21.176  1.794   1.00 48.81  ? 34 G   A OP1   1 
ATOM   604  O  OP2   . G   A 1 34 ? -4.740  19.918  1.795   1.00 49.98  ? 34 G   A OP2   1 
ATOM   605  O  "O5'" . G   A 1 34 ? -2.869  19.291  3.371   1.00 49.73  ? 34 G   A "O5'" 1 
ATOM   606  C  "C5'" . G   A 1 34 ? -1.724  19.571  4.163   1.00 50.69  ? 34 G   A "C5'" 1 
ATOM   607  C  "C4'" . G   A 1 34 ? -1.299  18.357  4.969   1.00 51.36  ? 34 G   A "C4'" 1 
ATOM   608  O  "O4'" . G   A 1 34 ? -2.433  17.883  5.755   1.00 50.90  ? 34 G   A "O4'" 1 
ATOM   609  C  "C3'" . G   A 1 34 ? -0.932  17.115  4.163   1.00 52.12  ? 34 G   A "C3'" 1 
ATOM   610  O  "O3'" . G   A 1 34 ? 0.378   17.121  3.623   1.00 53.43  ? 34 G   A "O3'" 1 
ATOM   611  C  "C2'" . G   A 1 34 ? -1.104  16.000  5.179   1.00 50.58  ? 34 G   A "C2'" 1 
ATOM   612  O  "O2'" . G   A 1 34 ? -0.028  15.936  6.093   1.00 51.49  ? 34 G   A "O2'" 1 
ATOM   613  C  "C1'" . G   A 1 34 ? -2.344  16.473  5.915   1.00 48.37  ? 34 G   A "C1'" 1 
ATOM   614  N  N9    . G   A 1 34 ? -3.545  15.823  5.414   1.00 44.96  ? 34 G   A N9    1 
ATOM   615  C  C8    . G   A 1 34 ? -4.561  16.345  4.654   1.00 43.89  ? 34 G   A C8    1 
ATOM   616  N  N7    . G   A 1 34 ? -5.511  15.480  4.418   1.00 43.97  ? 34 G   A N7    1 
ATOM   617  C  C5    . G   A 1 34 ? -5.081  14.316  5.052   1.00 43.41  ? 34 G   A C5    1 
ATOM   618  C  C6    . G   A 1 34 ? -5.689  13.013  5.153   1.00 43.91  ? 34 G   A C6    1 
ATOM   619  O  O6    . G   A 1 34 ? -6.775  12.609  4.688   1.00 45.02  ? 34 G   A O6    1 
ATOM   620  N  N1    . G   A 1 34 ? -4.894  12.141  5.881   1.00 43.91  ? 34 G   A N1    1 
ATOM   621  C  C2    . G   A 1 34 ? -3.677  12.459  6.435   1.00 45.10  ? 34 G   A C2    1 
ATOM   622  N  N2    . G   A 1 34 ? -3.044  11.464  7.096   1.00 46.77  ? 34 G   A N2    1 
ATOM   623  N  N3    . G   A 1 34 ? -3.111  13.654  6.351   1.00 43.40  ? 34 G   A N3    1 
ATOM   624  C  C4    . G   A 1 34 ? -3.864  14.520  5.656   1.00 43.35  ? 34 G   A C4    1 
ATOM   625  P  P     . A   A 1 35 ? 0.676   16.271  2.290   1.00 54.51  ? 35 A   A P     1 
ATOM   626  O  OP1   . A   A 1 35 ? 2.071   16.640  1.910   1.00 54.71  ? 35 A   A OP1   1 
ATOM   627  O  OP2   . A   A 1 35 ? -0.439  16.504  1.323   1.00 53.57  ? 35 A   A OP2   1 
ATOM   628  O  "O5'" . A   A 1 35 ? 0.638   14.746  2.785   1.00 51.68  ? 35 A   A "O5'" 1 
ATOM   629  C  "C5'" . A   A 1 35 ? 1.619   14.297  3.718   1.00 50.34  ? 35 A   A "C5'" 1 
ATOM   630  C  "C4'" . A   A 1 35 ? 1.348   12.885  4.211   1.00 48.89  ? 35 A   A "C4'" 1 
ATOM   631  O  "O4'" . A   A 1 35 ? -0.002  12.798  4.751   1.00 48.10  ? 35 A   A "O4'" 1 
ATOM   632  C  "C3'" . A   A 1 35 ? 1.369   11.787  3.154   1.00 48.94  ? 35 A   A "C3'" 1 
ATOM   633  O  "O3'" . A   A 1 35 ? 2.697   11.367  2.847   1.00 48.59  ? 35 A   A "O3'" 1 
ATOM   634  C  "C2'" . A   A 1 35 ? 0.560   10.682  3.824   1.00 47.91  ? 35 A   A "C2'" 1 
ATOM   635  O  "O2'" . A   A 1 35 ? 1.324   9.981   4.789   1.00 47.62  ? 35 A   A "O2'" 1 
ATOM   636  C  "C1'" . A   A 1 35 ? -0.515  11.491  4.544   1.00 46.62  ? 35 A   A "C1'" 1 
ATOM   637  N  N9    . A   A 1 35 ? -1.783  11.561  3.828   1.00 43.91  ? 35 A   A N9    1 
ATOM   638  C  C8    . A   A 1 35 ? -2.352  12.611  3.156   1.00 43.40  ? 35 A   A C8    1 
ATOM   639  N  N7    . A   A 1 35 ? -3.514  12.318  2.608   1.00 42.63  ? 35 A   A N7    1 
ATOM   640  C  C5    . A   A 1 35 ? -3.715  10.986  2.941   1.00 42.55  ? 35 A   A C5    1 
ATOM   641  C  C6    . A   A 1 35 ? -4.760  10.073  2.649   1.00 43.17  ? 35 A   A C6    1 
ATOM   642  N  N6    . A   A 1 35 ? -5.840  10.384  1.923   1.00 43.61  ? 35 A   A N6    1 
ATOM   643  N  N1    . A   A 1 35 ? -4.652  8.817   3.135   1.00 42.88  ? 35 A   A N1    1 
ATOM   644  C  C2    . A   A 1 35 ? -3.568  8.508   3.863   1.00 44.19  ? 35 A   A C2    1 
ATOM   645  N  N3    . A   A 1 35 ? -2.521  9.275   4.201   1.00 43.65  ? 35 A   A N3    1 
ATOM   646  C  C4    . A   A 1 35 ? -2.660  10.513  3.701   1.00 43.05  ? 35 A   A C4    1 
HETATM 647  P  P     . 5BU A 1 36 ? 3.070   10.935  1.336   1.00 49.62  ? 36 5BU A P     1 
HETATM 648  O  OP1   . 5BU A 1 36 ? 4.560   11.025  1.232   1.00 48.18  ? 36 5BU A OP1   1 
HETATM 649  O  OP2   . 5BU A 1 36 ? 2.223   11.696  0.360   1.00 47.77  ? 36 5BU A OP2   1 
HETATM 650  O  "O5'" . 5BU A 1 36 ? 2.593   9.407   1.263   1.00 46.71  ? 36 5BU A "O5'" 1 
HETATM 651  C  "C5'" . 5BU A 1 36 ? 3.118   8.428   2.161   1.00 43.27  ? 36 5BU A "C5'" 1 
HETATM 652  C  "C4'" . 5BU A 1 36 ? 2.174   7.245   2.277   1.00 40.82  ? 36 5BU A "C4'" 1 
HETATM 653  O  "O4'" . 5BU A 1 36 ? 0.880   7.724   2.737   1.00 40.52  ? 36 5BU A "O4'" 1 
HETATM 654  C  "C3'" . 5BU A 1 36 ? 1.843   6.521   0.980   1.00 41.17  ? 36 5BU A "C3'" 1 
HETATM 655  O  "O3'" . 5BU A 1 36 ? 2.815   5.531   0.649   1.00 40.60  ? 36 5BU A "O3'" 1 
HETATM 656  C  "C2'" . 5BU A 1 36 ? 0.509   5.869   1.309   1.00 40.50  ? 36 5BU A "C2'" 1 
HETATM 657  O  "O2'" . 5BU A 1 36 ? 0.671   4.704   2.093   1.00 42.73  ? 36 5BU A "O2'" 1 
HETATM 658  C  "C1'" . 5BU A 1 36 ? -0.153  6.949   2.160   1.00 38.02  ? 36 5BU A "C1'" 1 
HETATM 659  N  N1    . 5BU A 1 36 ? -1.048  7.818   1.385   1.00 34.79  ? 36 5BU A N1    1 
HETATM 660  C  C2    . 5BU A 1 36 ? -2.259  7.264   0.991   1.00 34.26  ? 36 5BU A C2    1 
HETATM 661  O  O2    . 5BU A 1 36 ? -2.585  6.115   1.275   1.00 35.40  ? 36 5BU A O2    1 
HETATM 662  N  N3    . 5BU A 1 36 ? -3.064  8.095   0.252   1.00 32.04  ? 36 5BU A N3    1 
HETATM 663  C  C4    . 5BU A 1 36 ? -2.782  9.395   -0.127  1.00 30.72  ? 36 5BU A C4    1 
HETATM 664  O  O4    . 5BU A 1 36 ? -3.573  10.001  -0.844  1.00 34.67  ? 36 5BU A O4    1 
HETATM 665  C  C5    . 5BU A 1 36 ? -1.532  9.898   0.319   1.00 29.04  ? 36 5BU A C5    1 
HETATM 666  C  C6    . 5BU A 1 36 ? -0.719  9.122   1.048   1.00 31.45  ? 36 5BU A C6    1 
HETATM 667  BR BR    . 5BU A 1 36 ? -1.128  11.383  -0.038  1.00 23.14  ? 36 5BU A BR    1 
HETATM 668  P  P     . 5BU A 1 37 ? 3.215   5.293   -0.895  1.00 40.59  ? 37 5BU A P     1 
HETATM 669  O  OP1   . 5BU A 1 37 ? 4.568   4.666   -0.903  1.00 39.82  ? 37 5BU A OP1   1 
HETATM 670  O  OP2   . 5BU A 1 37 ? 2.965   6.534   -1.703  1.00 38.45  ? 37 5BU A OP2   1 
HETATM 671  O  "O5'" . 5BU A 1 37 ? 2.147   4.232   -1.399  1.00 37.06  ? 37 5BU A "O5'" 1 
HETATM 672  C  "C5'" . 5BU A 1 37 ? 2.074   2.951   -0.820  1.00 34.41  ? 37 5BU A "C5'" 1 
HETATM 673  C  "C4'" . 5BU A 1 37 ? 0.719   2.372   -1.085  1.00 33.10  ? 37 5BU A "C4'" 1 
HETATM 674  O  "O4'" . 5BU A 1 37 ? -0.243  3.359   -0.628  1.00 32.14  ? 37 5BU A "O4'" 1 
HETATM 675  C  "C3'" . 5BU A 1 37 ? 0.362   2.190   -2.561  1.00 33.34  ? 37 5BU A "C3'" 1 
HETATM 676  O  "O3'" . 5BU A 1 37 ? 0.795   0.931   -3.106  1.00 33.64  ? 37 5BU A "O3'" 1 
HETATM 677  C  "C2'" . 5BU A 1 37 ? -1.158  2.240   -2.514  1.00 32.51  ? 37 5BU A "C2'" 1 
HETATM 678  O  "O2'" . 5BU A 1 37 ? -1.697  1.022   -2.052  1.00 33.26  ? 37 5BU A "O2'" 1 
HETATM 679  C  "C1'" . 5BU A 1 37 ? -1.388  3.302   -1.443  1.00 31.42  ? 37 5BU A "C1'" 1 
HETATM 680  N  N1    . 5BU A 1 37 ? -1.689  4.638   -1.957  1.00 30.64  ? 37 5BU A N1    1 
HETATM 681  C  C2    . 5BU A 1 37 ? -2.991  4.833   -2.371  1.00 31.73  ? 37 5BU A C2    1 
HETATM 682  O  O2    . 5BU A 1 37 ? -3.835  3.943   -2.321  1.00 32.16  ? 37 5BU A O2    1 
HETATM 683  N  N3    . 5BU A 1 37 ? -3.271  6.091   -2.841  1.00 31.26  ? 37 5BU A N3    1 
HETATM 684  C  C4    . 5BU A 1 37 ? -2.389  7.147   -2.942  1.00 31.30  ? 37 5BU A C4    1 
HETATM 685  O  O4    . 5BU A 1 37 ? -2.778  8.211   -3.426  1.00 37.58  ? 37 5BU A O4    1 
HETATM 686  C  C5    . 5BU A 1 37 ? -1.058  6.872   -2.494  1.00 28.38  ? 37 5BU A C5    1 
HETATM 687  C  C6    . 5BU A 1 37 ? -0.754  5.651   -2.027  1.00 28.35  ? 37 5BU A C6    1 
HETATM 688  BR BR    . 5BU A 1 37 ? 0.027   8.035   -2.507  1.00 20.33  ? 37 5BU A BR    1 
HETATM 689  P  P     . 5BU A 1 38 ? 1.260   0.846   -4.652  1.00 34.40  ? 38 5BU A P     1 
HETATM 690  O  OP1   . 5BU A 1 38 ? 2.705   0.514   -4.671  1.00 34.23  ? 38 5BU A OP1   1 
HETATM 691  O  OP2   . 5BU A 1 38 ? 0.783   2.049   -5.396  1.00 33.38  ? 38 5BU A OP2   1 
HETATM 692  O  "O5'" . 5BU A 1 38 ? 0.436   -0.377  -5.259  1.00 35.49  ? 38 5BU A "O5'" 1 
HETATM 693  C  "C5'" . 5BU A 1 38 ? 0.719   -1.739  -4.906  1.00 38.56  ? 38 5BU A "C5'" 1 
HETATM 694  C  "C4'" . 5BU A 1 38 ? -0.580  -2.483  -4.836  1.00 40.35  ? 38 5BU A "C4'" 1 
HETATM 695  O  "O4'" . 5BU A 1 38 ? -1.486  -1.548  -4.202  1.00 42.45  ? 38 5BU A "O4'" 1 
HETATM 696  C  "C3'" . 5BU A 1 38 ? -1.219  -2.727  -6.207  1.00 41.95  ? 38 5BU A "C3'" 1 
HETATM 697  O  "O3'" . 5BU A 1 38 ? -1.104  -4.092  -6.664  1.00 40.71  ? 38 5BU A "O3'" 1 
HETATM 698  C  "C2'" . 5BU A 1 38 ? -2.709  -2.730  -5.871  1.00 44.21  ? 38 5BU A "C2'" 1 
HETATM 699  O  "O2'" . 5BU A 1 38 ? -3.168  -3.990  -5.425  1.00 50.09  ? 38 5BU A "O2'" 1 
HETATM 700  C  "C1'" . 5BU A 1 38 ? -2.779  -1.760  -4.698  1.00 42.13  ? 38 5BU A "C1'" 1 
HETATM 701  N  N1    . 5BU A 1 38 ? -3.530  -0.507  -4.832  1.00 39.83  ? 38 5BU A N1    1 
HETATM 702  C  C2    . 5BU A 1 38 ? -4.866  -0.628  -4.566  1.00 39.36  ? 38 5BU A C2    1 
HETATM 703  O  O2    . 5BU A 1 38 ? -5.373  -1.693  -4.232  1.00 37.31  ? 38 5BU A O2    1 
HETATM 704  N  N3    . 5BU A 1 38 ? -5.594  0.522   -4.697  1.00 40.16  ? 38 5BU A N3    1 
HETATM 705  C  C4    . 5BU A 1 38 ? -5.128  1.766   -5.077  1.00 40.27  ? 38 5BU A C4    1 
HETATM 706  O  O4    . 5BU A 1 38 ? -5.947  2.675   -5.290  1.00 43.95  ? 38 5BU A O4    1 
HETATM 707  C  C5    . 5BU A 1 38 ? -3.717  1.830   -5.324  1.00 38.26  ? 38 5BU A C5    1 
HETATM 708  C  C6    . 5BU A 1 38 ? -2.975  0.709   -5.193  1.00 38.80  ? 38 5BU A C6    1 
HETATM 709  BR BR    . 5BU A 1 38 ? -3.030  3.250   -5.663  1.00 32.94  ? 38 5BU A BR    1 
ATOM   710  P  P     . G   A 1 39 ? 0.314   -4.864  -6.743  1.00 40.16  ? 39 G   A P     1 
ATOM   711  O  OP1   . G   A 1 39 ? 1.303   -4.092  -7.553  1.00 41.09  ? 39 G   A OP1   1 
ATOM   712  O  OP2   . G   A 1 39 ? -0.044  -6.254  -7.126  1.00 38.26  ? 39 G   A OP2   1 
ATOM   713  O  "O5'" . G   A 1 39 ? 0.868   -4.997  -5.261  1.00 39.34  ? 39 G   A "O5'" 1 
ATOM   714  C  "C5'" . G   A 1 39 ? 2.139   -5.600  -5.044  1.00 36.10  ? 39 G   A "C5'" 1 
ATOM   715  C  "C4'" . G   A 1 39 ? 3.185   -4.532  -4.864  1.00 34.37  ? 39 G   A "C4'" 1 
ATOM   716  O  "O4'" . G   A 1 39 ? 3.261   -4.172  -3.454  1.00 32.92  ? 39 G   A "O4'" 1 
ATOM   717  C  "C3'" . G   A 1 39 ? 4.597   -4.968  -5.181  1.00 34.66  ? 39 G   A "C3'" 1 
ATOM   718  O  "O3'" . G   A 1 39 ? 4.837   -4.871  -6.569  1.00 37.03  ? 39 G   A "O3'" 1 
ATOM   719  C  "C2'" . G   A 1 39 ? 5.420   -3.966  -4.388  1.00 33.72  ? 39 G   A "C2'" 1 
ATOM   720  O  "O2'" . G   A 1 39 ? 5.431   -2.702  -5.025  1.00 34.58  ? 39 G   A "O2'" 1 
ATOM   721  C  "C1'" . G   A 1 39 ? 4.605   -3.871  -3.100  1.00 30.83  ? 39 G   A "C1'" 1 
ATOM   722  N  N9    . G   A 1 39 ? 5.051   -4.878  -2.146  1.00 26.91  ? 39 G   A N9    1 
ATOM   723  C  C8    . G   A 1 39 ? 4.323   -5.944  -1.700  1.00 25.70  ? 39 G   A C8    1 
ATOM   724  N  N7    . G   A 1 39 ? 5.000   -6.724  -0.902  1.00 26.20  ? 39 G   A N7    1 
ATOM   725  C  C5    . G   A 1 39 ? 6.247   -6.128  -0.806  1.00 24.46  ? 39 G   A C5    1 
ATOM   726  C  C6    . G   A 1 39 ? 7.409   -6.540  -0.096  1.00 25.12  ? 39 G   A C6    1 
ATOM   727  O  O6    . G   A 1 39 ? 7.576   -7.557  0.605   1.00 25.53  ? 39 G   A O6    1 
ATOM   728  N  N1    . G   A 1 39 ? 8.452   -5.644  -0.266  1.00 24.21  ? 39 G   A N1    1 
ATOM   729  C  C2    . G   A 1 39 ? 8.388   -4.507  -1.017  1.00 25.12  ? 39 G   A C2    1 
ATOM   730  N  N2    . G   A 1 39 ? 9.503   -3.755  -1.031  1.00 25.85  ? 39 G   A N2    1 
ATOM   731  N  N3    . G   A 1 39 ? 7.316   -4.124  -1.702  1.00 24.66  ? 39 G   A N3    1 
ATOM   732  C  C4    . G   A 1 39 ? 6.292   -4.976  -1.548  1.00 24.57  ? 39 G   A C4    1 
ATOM   733  P  P     . G   A 1 40 ? 5.872   -5.883  -7.266  1.00 37.02  ? 40 G   A P     1 
ATOM   734  O  OP1   . G   A 1 40 ? 5.732   -5.604  -8.713  1.00 37.45  ? 40 G   A OP1   1 
ATOM   735  O  OP2   . G   A 1 40 ? 5.650   -7.266  -6.761  1.00 36.53  ? 40 G   A OP2   1 
ATOM   736  O  "O5'" . G   A 1 40 ? 7.279   -5.377  -6.733  1.00 34.25  ? 40 G   A "O5'" 1 
ATOM   737  C  "C5'" . G   A 1 40 ? 7.691   -4.052  -6.984  1.00 34.61  ? 40 G   A "C5'" 1 
ATOM   738  C  "C4'" . G   A 1 40 ? 9.093   -3.844  -6.475  1.00 36.44  ? 40 G   A "C4'" 1 
ATOM   739  O  "O4'" . G   A 1 40 ? 9.100   -3.896  -5.025  1.00 36.29  ? 40 G   A "O4'" 1 
ATOM   740  C  "C3'" . G   A 1 40 ? 10.075  -4.922  -6.873  1.00 36.91  ? 40 G   A "C3'" 1 
ATOM   741  O  "O3'" . G   A 1 40 ? 10.590  -4.647  -8.154  1.00 41.18  ? 40 G   A "O3'" 1 
ATOM   742  C  "C2'" . G   A 1 40 ? 11.143  -4.782  -5.805  1.00 35.38  ? 40 G   A "C2'" 1 
ATOM   743  O  "O2'" . G   A 1 40 ? 11.932  -3.640  -6.037  1.00 36.53  ? 40 G   A "O2'" 1 
ATOM   744  C  "C1'" . G   A 1 40 ? 10.298  -4.492  -4.571  1.00 33.61  ? 40 G   A "C1'" 1 
ATOM   745  N  N9    . G   A 1 40 ? 9.950   -5.705  -3.850  1.00 30.14  ? 40 G   A N9    1 
ATOM   746  C  C8    . G   A 1 40 ? 8.736   -6.339  -3.860  1.00 29.31  ? 40 G   A C8    1 
ATOM   747  N  N7    . G   A 1 40 ? 8.726   -7.427  -3.137  1.00 28.65  ? 40 G   A N7    1 
ATOM   748  C  C5    . G   A 1 40 ? 10.008  -7.509  -2.616  1.00 27.33  ? 40 G   A C5    1 
ATOM   749  C  C6    . G   A 1 40 ? 10.589  -8.482  -1.763  1.00 27.74  ? 40 G   A C6    1 
ATOM   750  O  O6    . G   A 1 40 ? 10.065  -9.503  -1.284  1.00 27.07  ? 40 G   A O6    1 
ATOM   751  N  N1    . G   A 1 40 ? 11.918  -8.185  -1.478  1.00 27.09  ? 40 G   A N1    1 
ATOM   752  C  C2    . G   A 1 40 ? 12.598  -7.092  -1.953  1.00 27.01  ? 40 G   A C2    1 
ATOM   753  N  N2    . G   A 1 40 ? 13.880  -6.999  -1.570  1.00 27.52  ? 40 G   A N2    1 
ATOM   754  N  N3    . G   A 1 40 ? 12.062  -6.168  -2.745  1.00 26.50  ? 40 G   A N3    1 
ATOM   755  C  C4    . G   A 1 40 ? 10.774  -6.446  -3.038  1.00 27.83  ? 40 G   A C4    1 
ATOM   756  P  P     . G   A 1 41 ? 11.425  -5.779  -8.917  1.00 45.52  ? 41 G   A P     1 
ATOM   757  O  OP1   . G   A 1 41 ? 12.119  -5.129  -10.063 1.00 47.78  ? 41 G   A OP1   1 
ATOM   758  O  OP2   . G   A 1 41 ? 10.535  -6.953  -9.153  1.00 45.56  ? 41 G   A OP2   1 
ATOM   759  O  "O5'" . G   A 1 41 ? 12.524  -6.208  -7.855  1.00 42.35  ? 41 G   A "O5'" 1 
ATOM   760  C  "C5'" . G   A 1 41 ? 13.292  -7.375  -8.038  1.00 39.19  ? 41 G   A "C5'" 1 
ATOM   761  C  "C4'" . G   A 1 41 ? 14.394  -7.405  -7.021  1.00 38.48  ? 41 G   A "C4'" 1 
ATOM   762  O  "O4'" . G   A 1 41 ? 13.829  -7.262  -5.695  1.00 37.56  ? 41 G   A "O4'" 1 
ATOM   763  C  "C3'" . G   A 1 41 ? 15.214  -8.672  -6.967  1.00 39.10  ? 41 G   A "C3'" 1 
ATOM   764  O  "O3'" . G   A 1 41 ? 16.243  -8.590  -7.939  1.00 38.76  ? 41 G   A "O3'" 1 
ATOM   765  C  "C2'" . G   A 1 41 ? 15.740  -8.646  -5.536  1.00 38.65  ? 41 G   A "C2'" 1 
ATOM   766  O  "O2'" . G   A 1 41 ? 16.851  -7.778  -5.373  1.00 39.86  ? 41 G   A "O2'" 1 
ATOM   767  C  "C1'" . G   A 1 41 ? 14.525  -8.088  -4.785  1.00 35.97  ? 41 G   A "C1'" 1 
ATOM   768  N  N9    . G   A 1 41 ? 13.584  -9.124  -4.379  1.00 33.01  ? 41 G   A N9    1 
ATOM   769  C  C8    . G   A 1 41 ? 12.306  -9.282  -4.843  1.00 31.31  ? 41 G   A C8    1 
ATOM   770  N  N7    . G   A 1 41 ? 11.686  -10.292 -4.301  1.00 29.92  ? 41 G   A N7    1 
ATOM   771  C  C5    . G   A 1 41 ? 12.615  -10.832 -3.428  1.00 29.76  ? 41 G   A C5    1 
ATOM   772  C  C6    . G   A 1 41 ? 12.507  -11.933 -2.572  1.00 29.40  ? 41 G   A C6    1 
ATOM   773  O  O6    . G   A 1 41 ? 11.530  -12.671 -2.394  1.00 29.90  ? 41 G   A O6    1 
ATOM   774  N  N1    . G   A 1 41 ? 13.684  -12.148 -1.867  1.00 29.56  ? 41 G   A N1    1 
ATOM   775  C  C2    . G   A 1 41 ? 14.815  -11.375 -1.973  1.00 32.32  ? 41 G   A C2    1 
ATOM   776  N  N2    . G   A 1 41 ? 15.861  -11.715 -1.194  1.00 34.02  ? 41 G   A N2    1 
ATOM   777  N  N3    . G   A 1 41 ? 14.922  -10.334 -2.775  1.00 32.63  ? 41 G   A N3    1 
ATOM   778  C  C4    . G   A 1 41 ? 13.791  -10.123 -3.468  1.00 31.51  ? 41 G   A C4    1 
ATOM   779  P  P     . C   A 1 42 ? 16.579  -9.873  -8.845  1.00 39.55  ? 42 C   A P     1 
ATOM   780  O  OP1   . C   A 1 42 ? 17.521  -9.364  -9.876  1.00 40.36  ? 42 C   A OP1   1 
ATOM   781  O  OP2   . C   A 1 42 ? 15.319  -10.583 -9.267  1.00 36.22  ? 42 C   A OP2   1 
ATOM   782  O  "O5'" . C   A 1 42 ? 17.386  -10.818 -7.852  1.00 37.42  ? 42 C   A "O5'" 1 
ATOM   783  C  "C5'" . C   A 1 42 ? 18.694  -10.469 -7.444  1.00 39.36  ? 42 C   A "C5'" 1 
ATOM   784  C  "C4'" . C   A 1 42 ? 19.145  -11.392 -6.347  1.00 40.81  ? 42 C   A "C4'" 1 
ATOM   785  O  "O4'" . C   A 1 42 ? 18.210  -11.263 -5.242  1.00 40.07  ? 42 C   A "O4'" 1 
ATOM   786  C  "C3'" . C   A 1 42 ? 19.078  -12.875 -6.690  1.00 42.17  ? 42 C   A "C3'" 1 
ATOM   787  O  "O3'" . C   A 1 42 ? 20.235  -13.354 -7.378  1.00 42.58  ? 42 C   A "O3'" 1 
ATOM   788  C  "C2'" . C   A 1 42 ? 18.970  -13.510 -5.317  1.00 41.01  ? 42 C   A "C2'" 1 
ATOM   789  O  "O2'" . C   A 1 42 ? 20.240  -13.553 -4.712  1.00 44.11  ? 42 C   A "O2'" 1 
ATOM   790  C  "C1'" . C   A 1 42 ? 18.068  -12.512 -4.590  1.00 39.88  ? 42 C   A "C1'" 1 
ATOM   791  N  N1    . C   A 1 42 ? 16.658  -12.905 -4.643  1.00 38.47  ? 42 C   A N1    1 
ATOM   792  C  C2    . C   A 1 42 ? 16.206  -13.900 -3.783  1.00 38.65  ? 42 C   A C2    1 
ATOM   793  O  O2    . C   A 1 42 ? 16.993  -14.378 -2.954  1.00 40.69  ? 42 C   A O2    1 
ATOM   794  N  N3    . C   A 1 42 ? 14.932  -14.317 -3.865  1.00 37.41  ? 42 C   A N3    1 
ATOM   795  C  C4    . C   A 1 42 ? 14.116  -13.775 -4.759  1.00 36.45  ? 42 C   A C4    1 
ATOM   796  N  N4    . C   A 1 42 ? 12.871  -14.242 -4.831  1.00 37.58  ? 42 C   A N4    1 
ATOM   797  C  C5    . C   A 1 42 ? 14.537  -12.736 -5.625  1.00 37.66  ? 42 C   A C5    1 
ATOM   798  C  C6    . C   A 1 42 ? 15.806  -12.330 -5.532  1.00 38.56  ? 42 C   A C6    1 
ATOM   799  P  P     . G   A 1 43 ? 20.103  -14.624 -8.365  1.00 44.56  ? 43 G   A P     1 
ATOM   800  O  OP1   . G   A 1 43 ? 21.492  -14.854 -8.832  1.00 46.09  ? 43 G   A OP1   1 
ATOM   801  O  OP2   . G   A 1 43 ? 19.014  -14.401 -9.371  1.00 43.92  ? 43 G   A OP2   1 
ATOM   802  O  "O5'" . G   A 1 43 ? 19.641  -15.839 -7.421  1.00 43.37  ? 43 G   A "O5'" 1 
ATOM   803  C  "C5'" . G   A 1 43 ? 20.431  -16.173 -6.288  1.00 43.50  ? 43 G   A "C5'" 1 
ATOM   804  C  "C4'" . G   A 1 43 ? 19.857  -17.327 -5.465  1.00 42.34  ? 43 G   A "C4'" 1 
ATOM   805  O  "O4'" . G   A 1 43 ? 18.646  -16.922 -4.736  1.00 41.95  ? 43 G   A "O4'" 1 
ATOM   806  C  "C3'" . G   A 1 43 ? 19.386  -18.543 -6.253  1.00 41.35  ? 43 G   A "C3'" 1 
ATOM   807  O  "O3'" . G   A 1 43 ? 20.393  -19.455 -6.753  1.00 42.31  ? 43 G   A "O3'" 1 
ATOM   808  C  "C2'" . G   A 1 43 ? 18.486  -19.243 -5.249  1.00 40.35  ? 43 G   A "C2'" 1 
ATOM   809  O  "O2'" . G   A 1 43 ? 19.277  -19.948 -4.317  1.00 39.41  ? 43 G   A "O2'" 1 
ATOM   810  C  "C1'" . G   A 1 43 ? 17.834  -18.067 -4.519  1.00 40.02  ? 43 G   A "C1'" 1 
ATOM   811  N  N9    . G   A 1 43 ? 16.418  -17.843 -4.828  1.00 38.54  ? 43 G   A N9    1 
ATOM   812  C  C8    . G   A 1 43 ? 15.848  -17.015 -5.769  1.00 38.36  ? 43 G   A C8    1 
ATOM   813  N  N7    . G   A 1 43 ? 14.545  -17.160 -5.856  1.00 36.32  ? 43 G   A N7    1 
ATOM   814  C  C5    . G   A 1 43 ? 14.238  -18.123 -4.898  1.00 35.76  ? 43 G   A C5    1 
ATOM   815  C  C6    . G   A 1 43 ? 12.978  -18.721 -4.529  1.00 36.07  ? 43 G   A C6    1 
ATOM   816  O  O6    . G   A 1 43 ? 11.841  -18.536 -5.020  1.00 37.76  ? 43 G   A O6    1 
ATOM   817  N  N1    . G   A 1 43 ? 13.132  -19.625 -3.489  1.00 34.34  ? 43 G   A N1    1 
ATOM   818  C  C2    . G   A 1 43 ? 14.322  -19.934 -2.889  1.00 35.15  ? 43 G   A C2    1 
ATOM   819  N  N2    . G   A 1 43 ? 14.258  -20.820 -1.883  1.00 36.12  ? 43 G   A N2    1 
ATOM   820  N  N3    . G   A 1 43 ? 15.489  -19.418 -3.235  1.00 35.52  ? 43 G   A N3    1 
ATOM   821  C  C4    . G   A 1 43 ? 15.374  -18.525 -4.233  1.00 36.45  ? 43 G   A C4    1 
HETATM 822  O  "O5'" . 5BU A 1 44 ? 4.974   -21.839 -0.609  1.00 28.07  ? 44 5BU A "O5'" 1 
HETATM 823  C  "C5'" . 5BU A 1 44 ? 5.543   -22.732 0.360   1.00 34.03  ? 44 5BU A "C5'" 1 
HETATM 824  C  "C4'" . 5BU A 1 44 ? 7.050   -22.934 0.344   1.00 37.59  ? 44 5BU A "C4'" 1 
HETATM 825  O  "O4'" . 5BU A 1 44 ? 7.477   -23.120 -1.033  1.00 40.84  ? 44 5BU A "O4'" 1 
HETATM 826  C  "C3'" . 5BU A 1 44 ? 7.942   -21.801 0.871   1.00 39.76  ? 44 5BU A "C3'" 1 
HETATM 827  O  "O3'" . 5BU A 1 44 ? 8.142   -21.898 2.289   1.00 41.34  ? 44 5BU A "O3'" 1 
HETATM 828  C  "C2'" . 5BU A 1 44 ? 9.261   -22.063 0.141   1.00 40.89  ? 44 5BU A "C2'" 1 
HETATM 829  O  "O2'" . 5BU A 1 44 ? 10.053  -23.059 0.760   1.00 40.71  ? 44 5BU A "O2'" 1 
HETATM 830  C  "C1'" . 5BU A 1 44 ? 8.768   -22.555 -1.224  1.00 40.53  ? 44 5BU A "C1'" 1 
HETATM 831  N  N1    . 5BU A 1 44 ? 8.674   -21.477 -2.220  1.00 40.50  ? 44 5BU A N1    1 
HETATM 832  C  C2    . 5BU A 1 44 ? 9.853   -21.046 -2.765  1.00 41.10  ? 44 5BU A C2    1 
HETATM 833  O  O2    . 5BU A 1 44 ? 10.919  -21.550 -2.481  1.00 43.57  ? 44 5BU A O2    1 
HETATM 834  N  N3    . 5BU A 1 44 ? 9.746   -20.007 -3.653  1.00 41.06  ? 44 5BU A N3    1 
HETATM 835  C  C4    . 5BU A 1 44 ? 8.585   -19.369 -4.051  1.00 40.81  ? 44 5BU A C4    1 
HETATM 836  O  O4    . 5BU A 1 44 ? 8.665   -18.387 -4.803  1.00 43.37  ? 44 5BU A O4    1 
HETATM 837  C  C5    . 5BU A 1 44 ? 7.378   -19.895 -3.458  1.00 39.73  ? 44 5BU A C5    1 
HETATM 838  C  C6    . 5BU A 1 44 ? 7.467   -20.908 -2.582  1.00 40.07  ? 44 5BU A C6    1 
HETATM 839  BR BR    . 5BU A 1 44 ? 5.924   -19.332 -3.913  1.00 34.85  ? 44 5BU A BR    1 
ATOM   840  P  P     . G   A 1 45 ? 8.831   -20.680 3.111   1.00 42.98  ? 45 G   A P     1 
ATOM   841  O  OP1   . G   A 1 45 ? 8.856   -21.100 4.531   1.00 42.19  ? 45 G   A OP1   1 
ATOM   842  O  OP2   . G   A 1 45 ? 8.207   -19.380 2.741   1.00 41.98  ? 45 G   A OP2   1 
ATOM   843  O  "O5'" . G   A 1 45 ? 10.349  -20.660 2.631   1.00 42.82  ? 45 G   A "O5'" 1 
ATOM   844  C  "C5'" . G   A 1 45 ? 11.283  -21.547 3.218   1.00 42.38  ? 45 G   A "C5'" 1 
ATOM   845  C  "C4'" . G   A 1 45 ? 12.657  -20.933 3.234   1.00 42.72  ? 45 G   A "C4'" 1 
ATOM   846  O  "O4'" . G   A 1 45 ? 13.161  -20.857 1.879   1.00 41.95  ? 45 G   A "O4'" 1 
ATOM   847  C  "C3'" . G   A 1 45 ? 12.719  -19.501 3.730   1.00 43.77  ? 45 G   A "C3'" 1 
ATOM   848  O  "O3'" . G   A 1 45 ? 12.838  -19.424 5.142   1.00 44.70  ? 45 G   A "O3'" 1 
ATOM   849  C  "C2'" . G   A 1 45 ? 13.998  -18.999 3.088   1.00 42.93  ? 45 G   A "C2'" 1 
ATOM   850  O  "O2'" . G   A 1 45 ? 15.109  -19.453 3.830   1.00 42.76  ? 45 G   A "O2'" 1 
ATOM   851  C  "C1'" . G   A 1 45 ? 13.946  -19.691 1.724   1.00 41.90  ? 45 G   A "C1'" 1 
ATOM   852  N  N9    . G   A 1 45 ? 13.346  -18.887 0.665   1.00 41.50  ? 45 G   A N9    1 
ATOM   853  C  C8    . G   A 1 45 ? 12.024  -18.887 0.290   1.00 42.35  ? 45 G   A C8    1 
ATOM   854  N  N7    . G   A 1 45 ? 11.777  -18.091 -0.715  1.00 42.57  ? 45 G   A N7    1 
ATOM   855  C  C5    . G   A 1 45 ? 13.009  -17.530 -1.021  1.00 41.15  ? 45 G   A C5    1 
ATOM   856  C  C6    . G   A 1 45 ? 13.368  -16.606 -2.035  1.00 41.03  ? 45 G   A C6    1 
ATOM   857  O  O6    . G   A 1 45 ? 12.646  -16.081 -2.894  1.00 41.79  ? 45 G   A O6    1 
ATOM   858  N  N1    . G   A 1 45 ? 14.720  -16.308 -1.996  1.00 40.79  ? 45 G   A N1    1 
ATOM   859  C  C2    . G   A 1 45 ? 15.614  -16.831 -1.103  1.00 41.55  ? 45 G   A C2    1 
ATOM   860  N  N2    . G   A 1 45 ? 16.885  -16.420 -1.241  1.00 42.13  ? 45 G   A N2    1 
ATOM   861  N  N3    . G   A 1 45 ? 15.292  -17.694 -0.149  1.00 41.10  ? 45 G   A N3    1 
ATOM   862  C  C4    . G   A 1 45 ? 13.984  -17.999 -0.170  1.00 40.64  ? 45 G   A C4    1 
ATOM   863  P  P     . C   A 1 46 ? 12.687  -18.000 5.858   1.00 44.38  ? 46 C   A P     1 
ATOM   864  O  OP1   . C   A 1 46 ? 13.029  -18.175 7.296   1.00 45.81  ? 46 C   A OP1   1 
ATOM   865  O  OP2   . C   A 1 46 ? 11.328  -17.510 5.476   1.00 44.59  ? 46 C   A OP2   1 
ATOM   866  O  "O5'" . C   A 1 46 ? 13.803  -17.088 5.167   1.00 40.98  ? 46 C   A "O5'" 1 
ATOM   867  C  "C5'" . C   A 1 46 ? 15.154  -17.136 5.606   1.00 40.74  ? 46 C   A "C5'" 1 
ATOM   868  C  "C4'" . C   A 1 46 ? 16.024  -16.192 4.795   1.00 40.40  ? 46 C   A "C4'" 1 
ATOM   869  O  "O4'" . C   A 1 46 ? 15.919  -16.526 3.383   1.00 40.58  ? 46 C   A "O4'" 1 
ATOM   870  C  "C3'" . C   A 1 46 ? 15.664  -14.715 4.855   1.00 40.39  ? 46 C   A "C3'" 1 
ATOM   871  O  "O3'" . C   A 1 46 ? 16.300  -14.092 5.966   1.00 38.68  ? 46 C   A "O3'" 1 
ATOM   872  C  "C2'" . C   A 1 46 ? 16.249  -14.182 3.550   1.00 39.90  ? 46 C   A "C2'" 1 
ATOM   873  O  "O2'" . C   A 1 46 ? 17.637  -13.929 3.637   1.00 42.92  ? 46 C   A "O2'" 1 
ATOM   874  C  "C1'" . C   A 1 46 ? 15.996  -15.348 2.598   1.00 38.24  ? 46 C   A "C1'" 1 
ATOM   875  N  N1    . C   A 1 46 ? 14.741  -15.191 1.865   1.00 36.28  ? 46 C   A N1    1 
ATOM   876  C  C2    . C   A 1 46 ? 14.740  -14.407 0.715   1.00 35.94  ? 46 C   A C2    1 
ATOM   877  O  O2    . C   A 1 46 ? 15.818  -13.951 0.313   1.00 37.37  ? 46 C   A O2    1 
ATOM   878  N  N3    . C   A 1 46 ? 13.576  -14.176 0.066   1.00 34.39  ? 46 C   A N3    1 
ATOM   879  C  C4    . C   A 1 46 ? 12.450  -14.723 0.520   1.00 34.40  ? 46 C   A C4    1 
ATOM   880  N  N4    . C   A 1 46 ? 11.318  -14.446 -0.121  1.00 35.10  ? 46 C   A N4    1 
ATOM   881  C  C5    . C   A 1 46 ? 12.432  -15.574 1.661   1.00 34.89  ? 46 C   A C5    1 
ATOM   882  C  C6    . C   A 1 46 ? 13.590  -15.776 2.301   1.00 35.78  ? 46 C   A C6    1 
ATOM   883  P  P     . C   A 1 47 ? 15.814  -12.636 6.446   1.00 38.37  ? 47 C   A P     1 
ATOM   884  O  OP1   . C   A 1 47 ? 16.630  -12.254 7.628   1.00 37.86  ? 47 C   A OP1   1 
ATOM   885  O  OP2   . C   A 1 47 ? 14.327  -12.677 6.552   1.00 37.64  ? 47 C   A OP2   1 
ATOM   886  O  "O5'" . C   A 1 47 ? 16.192  -11.650 5.247   1.00 37.79  ? 47 C   A "O5'" 1 
ATOM   887  C  "C5'" . C   A 1 47 ? 17.532  -11.187 5.086   1.00 37.14  ? 47 C   A "C5'" 1 
ATOM   888  C  "C4'" . C   A 1 47 ? 17.619  -10.156 3.976   1.00 35.14  ? 47 C   A "C4'" 1 
ATOM   889  O  "O4'" . C   A 1 47 ? 17.104  -10.741 2.750   1.00 35.42  ? 47 C   A "O4'" 1 
ATOM   890  C  "C3'" . C   A 1 47 ? 16.713  -8.955  4.172   1.00 35.24  ? 47 C   A "C3'" 1 
ATOM   891  O  "O3'" . C   A 1 47 ? 17.289  -7.972  5.011   1.00 36.04  ? 47 C   A "O3'" 1 
ATOM   892  C  "C2'" . C   A 1 47 ? 16.522  -8.433  2.754   1.00 34.48  ? 47 C   A "C2'" 1 
ATOM   893  O  "O2'" . C   A 1 47 ? 17.563  -7.603  2.280   1.00 34.94  ? 47 C   A "O2'" 1 
ATOM   894  C  "C1'" . C   A 1 47 ? 16.487  -9.733  1.961   1.00 33.87  ? 47 C   A "C1'" 1 
ATOM   895  N  N1    . C   A 1 47 ? 15.129  -10.143 1.582   1.00 29.41  ? 47 C   A N1    1 
ATOM   896  C  C2    . C   A 1 47 ? 14.469  -9.393  0.597   1.00 29.72  ? 47 C   A C2    1 
ATOM   897  O  O2    . C   A 1 47 ? 15.080  -8.447  0.049   1.00 30.29  ? 47 C   A O2    1 
ATOM   898  N  N3    . C   A 1 47 ? 13.202  -9.714  0.257   1.00 28.34  ? 47 C   A N3    1 
ATOM   899  C  C4    . C   A 1 47 ? 12.603  -10.746 0.847   1.00 29.78  ? 47 C   A C4    1 
ATOM   900  N  N4    . C   A 1 47 ? 11.343  -11.031 0.487   1.00 29.99  ? 47 C   A N4    1 
ATOM   901  C  C5    . C   A 1 47 ? 13.262  -11.541 1.835   1.00 29.26  ? 47 C   A C5    1 
ATOM   902  C  C6    . C   A 1 47 ? 14.515  -11.205 2.167   1.00 28.13  ? 47 C   A C6    1 
ATOM   903  P  P     . C   A 1 48 ? 16.323  -6.966  5.809   1.00 37.92  ? 48 C   A P     1 
ATOM   904  O  OP1   . C   A 1 48 ? 17.165  -6.130  6.712   1.00 38.17  ? 48 C   A OP1   1 
ATOM   905  O  OP2   . C   A 1 48 ? 15.220  -7.798  6.375   1.00 38.11  ? 48 C   A OP2   1 
ATOM   906  O  "O5'" . C   A 1 48 ? 15.712  -6.033  4.672   1.00 34.62  ? 48 C   A "O5'" 1 
ATOM   907  C  "C5'" . C   A 1 48 ? 16.581  -5.304  3.834   1.00 33.98  ? 48 C   A "C5'" 1 
ATOM   908  C  "C4'" . C   A 1 48 ? 15.808  -4.450  2.868   1.00 32.73  ? 48 C   A "C4'" 1 
ATOM   909  O  "O4'" . C   A 1 48 ? 15.207  -5.278  1.835   1.00 32.84  ? 48 C   A "O4'" 1 
ATOM   910  C  "C3'" . C   A 1 48 ? 14.612  -3.775  3.492   1.00 32.90  ? 48 C   A "C3'" 1 
ATOM   911  O  "O3'" . C   A 1 48 ? 15.003  -2.631  4.210   1.00 34.69  ? 48 C   A "O3'" 1 
ATOM   912  C  "C2'" . C   A 1 48 ? 13.748  -3.464  2.282   1.00 31.20  ? 48 C   A "C2'" 1 
ATOM   913  O  "O2'" . C   A 1 48 ? 14.259  -2.361  1.568   1.00 33.74  ? 48 C   A "O2'" 1 
ATOM   914  C  "C1'" . C   A 1 48 ? 13.977  -4.704  1.427   1.00 28.71  ? 48 C   A "C1'" 1 
ATOM   915  N  N1    . C   A 1 48 ? 12.901  -5.691  1.523   1.00 24.83  ? 48 C   A N1    1 
ATOM   916  C  C2    . C   A 1 48 ? 11.786  -5.493  0.723   1.00 25.61  ? 48 C   A C2    1 
ATOM   917  O  O2    . C   A 1 48 ? 11.790  -4.539  -0.055  1.00 28.53  ? 48 C   A O2    1 
ATOM   918  N  N3    . C   A 1 48 ? 10.738  -6.335  0.800   1.00 24.11  ? 48 C   A N3    1 
ATOM   919  C  C4    . C   A 1 48 ? 10.786  -7.367  1.635   1.00 23.95  ? 48 C   A C4    1 
ATOM   920  N  N4    . C   A 1 48 ? 9.711   -8.164  1.691   1.00 24.33  ? 48 C   A N4    1 
ATOM   921  C  C5    . C   A 1 48 ? 11.937  -7.624  2.456   1.00 22.95  ? 48 C   A C5    1 
ATOM   922  C  C6    . C   A 1 48 ? 12.965  -6.760  2.368   1.00 22.72  ? 48 C   A C6    1 
ATOM   923  P  P     . C   A 1 49 ? 14.057  -2.089  5.383   1.00 35.50  ? 49 C   A P     1 
ATOM   924  O  OP1   . C   A 1 49 ? 14.727  -0.861  5.890   1.00 35.93  ? 49 C   A OP1   1 
ATOM   925  O  OP2   . C   A 1 49 ? 13.719  -3.197  6.333   1.00 35.63  ? 49 C   A OP2   1 
ATOM   926  O  "O5'" . C   A 1 49 ? 12.753  -1.659  4.586   1.00 32.48  ? 49 C   A "O5'" 1 
ATOM   927  C  "C5'" . C   A 1 49 ? 12.814  -0.517  3.769   1.00 31.34  ? 49 C   A "C5'" 1 
ATOM   928  C  "C4'" . C   A 1 49 ? 11.504  -0.289  3.084   1.00 31.17  ? 49 C   A "C4'" 1 
ATOM   929  O  "O4'" . C   A 1 49 ? 11.227  -1.440  2.242   1.00 30.84  ? 49 C   A "O4'" 1 
ATOM   930  C  "C3'" . C   A 1 49 ? 10.298  -0.264  4.007   1.00 31.63  ? 49 C   A "C3'" 1 
ATOM   931  O  "O3'" . C   A 1 49 ? 10.096  0.975   4.648   1.00 34.48  ? 49 C   A "O3'" 1 
ATOM   932  C  "C2'" . C   A 1 49 ? 9.167   -0.580  3.049   1.00 29.80  ? 49 C   A "C2'" 1 
ATOM   933  O  "O2'" . C   A 1 49 ? 8.900   0.543   2.225   1.00 30.59  ? 49 C   A "O2'" 1 
ATOM   934  C  "C1'" . C   A 1 49 ? 9.824   -1.647  2.186   1.00 28.75  ? 49 C   A "C1'" 1 
ATOM   935  N  N1    . C   A 1 49 ? 9.490   -2.983  2.673   1.00 24.11  ? 49 C   A N1    1 
ATOM   936  C  C2    . C   A 1 49 ? 8.209   -3.451  2.399   1.00 22.95  ? 49 C   A C2    1 
ATOM   937  O  O2    . C   A 1 49 ? 7.445   -2.712  1.742   1.00 24.80  ? 49 C   A O2    1 
ATOM   938  N  N3    . C   A 1 49 ? 7.836   -4.674  2.841   1.00 18.59  ? 49 C   A N3    1 
ATOM   939  C  C4    . C   A 1 49 ? 8.706   -5.416  3.520   1.00 18.11  ? 49 C   A C4    1 
ATOM   940  N  N4    . C   A 1 49 ? 8.308   -6.603  3.935   1.00 18.85  ? 49 C   A N4    1 
ATOM   941  C  C5    . C   A 1 49 ? 10.026  -4.966  3.806   1.00 19.49  ? 49 C   A C5    1 
ATOM   942  C  C6    . C   A 1 49 ? 10.375  -3.749  3.371   1.00 22.17  ? 49 C   A C6    1 
ATOM   943  P  P     . C   A 1 50 ? 9.202   1.029   5.985   1.00 36.13  ? 50 C   A P     1 
ATOM   944  O  OP1   . C   A 1 50 ? 9.297   2.457   6.392   1.00 35.76  ? 50 C   A OP1   1 
ATOM   945  O  OP2   . C   A 1 50 ? 9.621   -0.056  6.940   1.00 32.90  ? 50 C   A OP2   1 
ATOM   946  O  "O5'" . C   A 1 50 ? 7.720   0.690   5.492   1.00 31.87  ? 50 C   A "O5'" 1 
ATOM   947  C  "C5'" . C   A 1 50 ? 7.008   1.613   4.689   1.00 32.90  ? 50 C   A "C5'" 1 
ATOM   948  C  "C4'" . C   A 1 50 ? 5.547   1.221   4.592   1.00 35.02  ? 50 C   A "C4'" 1 
ATOM   949  O  "O4'" . C   A 1 50 ? 5.422   0.000   3.818   1.00 34.53  ? 50 C   A "O4'" 1 
ATOM   950  C  "C3'" . C   A 1 50 ? 4.843   0.883   5.898   1.00 36.43  ? 50 C   A "C3'" 1 
ATOM   951  O  "O3'" . C   A 1 50 ? 4.388   2.027   6.604   1.00 39.49  ? 50 C   A "O3'" 1 
ATOM   952  C  "C2'" . C   A 1 50 ? 3.684   0.030   5.418   1.00 34.09  ? 50 C   A "C2'" 1 
ATOM   953  O  "O2'" . C   A 1 50 ? 2.716   0.854   4.800   1.00 34.71  ? 50 C   A "O2'" 1 
ATOM   954  C  "C1'" . C   A 1 50 ? 4.369   -0.797  4.340   1.00 31.86  ? 50 C   A "C1'" 1 
ATOM   955  N  N1    . C   A 1 50 ? 4.948   -2.022  4.905   1.00 28.01  ? 50 C   A N1    1 
ATOM   956  C  C2    . C   A 1 50 ? 4.131   -3.130  5.040   1.00 26.65  ? 50 C   A C2    1 
ATOM   957  O  O2    . C   A 1 50 ? 2.946   -3.023  4.702   1.00 28.65  ? 50 C   A O2    1 
ATOM   958  N  N3    . C   A 1 50 ? 4.640   -4.282  5.536   1.00 23.93  ? 50 C   A N3    1 
ATOM   959  C  C4    . C   A 1 50 ? 5.926   -4.336  5.890   1.00 23.67  ? 50 C   A C4    1 
ATOM   960  N  N4    . C   A 1 50 ? 6.406   -5.489  6.354   1.00 22.93  ? 50 C   A N4    1 
ATOM   961  C  C5    . C   A 1 50 ? 6.781   -3.210  5.777   1.00 24.74  ? 50 C   A C5    1 
ATOM   962  C  C6    . C   A 1 50 ? 6.256   -2.078  5.285   1.00 26.71  ? 50 C   A C6    1 
ATOM   963  P  P     . G   A 1 51 ? 4.260   1.959   8.204   1.00 40.97  ? 51 G   A P     1 
ATOM   964  O  OP1   . G   A 1 51 ? 3.746   3.303   8.586   1.00 43.59  ? 51 G   A OP1   1 
ATOM   965  O  OP2   . G   A 1 51 ? 5.539   1.459   8.795   1.00 40.63  ? 51 G   A OP2   1 
ATOM   966  O  "O5'" . G   A 1 51 ? 3.110   0.877   8.429   1.00 39.46  ? 51 G   A "O5'" 1 
ATOM   967  C  "C5'" . G   A 1 51 ? 1.846   1.072   7.806   1.00 37.38  ? 51 G   A "C5'" 1 
ATOM   968  C  "C4'" . G   A 1 51 ? 0.882   -0.028  8.170   1.00 36.29  ? 51 G   A "C4'" 1 
ATOM   969  O  "O4'" . G   A 1 51 ? 1.286   -1.271  7.527   1.00 34.39  ? 51 G   A "O4'" 1 
ATOM   970  C  "C3'" . G   A 1 51 ? 0.892   -0.403  9.638   1.00 37.91  ? 51 G   A "C3'" 1 
ATOM   971  O  "O3'" . G   A 1 51 ? 0.147   0.515   10.430  1.00 41.67  ? 51 G   A "O3'" 1 
ATOM   972  C  "C2'" . G   A 1 51 ? 0.307   -1.810  9.620   1.00 34.79  ? 51 G   A "C2'" 1 
ATOM   973  O  "O2'" . G   A 1 51 ? -1.093  -1.815  9.445   1.00 35.27  ? 51 G   A "O2'" 1 
ATOM   974  C  "C1'" . G   A 1 51 ? 0.920   -2.370  8.346   1.00 31.60  ? 51 G   A "C1'" 1 
ATOM   975  N  N9    . G   A 1 51 ? 2.073   -3.220  8.590   1.00 26.86  ? 51 G   A N9    1 
ATOM   976  C  C8    . G   A 1 51 ? 3.403   -2.905  8.475   1.00 25.62  ? 51 G   A C8    1 
ATOM   977  N  N7    . G   A 1 51 ? 4.191   -3.902  8.786   1.00 23.51  ? 51 G   A N7    1 
ATOM   978  C  C5    . G   A 1 51 ? 3.322   -4.930  9.127   1.00 22.62  ? 51 G   A C5    1 
ATOM   979  C  C6    . G   A 1 51 ? 3.591   -6.255  9.562   1.00 23.85  ? 51 G   A C6    1 
ATOM   980  O  O6    . G   A 1 51 ? 4.694   -6.806  9.741   1.00 24.96  ? 51 G   A O6    1 
ATOM   981  N  N1    . G   A 1 51 ? 2.419   -6.963  9.797   1.00 23.46  ? 51 G   A N1    1 
ATOM   982  C  C2    . G   A 1 51 ? 1.154   -6.460  9.638   1.00 24.83  ? 51 G   A C2    1 
ATOM   983  N  N2    . G   A 1 51 ? 0.148   -7.300  9.938   1.00 25.21  ? 51 G   A N2    1 
ATOM   984  N  N3    . G   A 1 51 ? 0.890   -5.227  9.224   1.00 23.75  ? 51 G   A N3    1 
ATOM   985  C  C4    . G   A 1 51 ? 2.016   -4.525  8.996   1.00 23.69  ? 51 G   A C4    1 
ATOM   986  P  P     . C   A 1 52 ? 0.151   0.360   12.034  1.00 42.73  ? 52 C   A P     1 
ATOM   987  O  OP1   . C   A 1 52 ? -0.688  1.468   12.555  1.00 43.76  ? 52 C   A OP1   1 
ATOM   988  O  OP2   . C   A 1 52 ? 1.539   0.174   12.560  1.00 39.51  ? 52 C   A OP2   1 
ATOM   989  O  "O5'" . C   A 1 52 ? -0.656  -0.990  12.238  1.00 43.17  ? 52 C   A "O5'" 1 
ATOM   990  C  "C5'" . C   A 1 52 ? -0.840  -1.518  13.527  1.00 48.55  ? 52 C   A "C5'" 1 
ATOM   991  C  "C4'" . C   A 1 52 ? -1.467  -2.877  13.434  1.00 51.19  ? 52 C   A "C4'" 1 
ATOM   992  O  "O4'" . C   A 1 52 ? -0.881  -3.594  12.326  1.00 50.74  ? 52 C   A "O4'" 1 
ATOM   993  C  "C3'" . C   A 1 52 ? -1.249  -3.762  14.645  1.00 54.00  ? 52 C   A "C3'" 1 
ATOM   994  O  "O3'" . C   A 1 52 ? -2.205  -3.454  15.650  1.00 57.51  ? 52 C   A "O3'" 1 
ATOM   995  C  "C2'" . C   A 1 52 ? -1.394  -5.151  14.042  1.00 52.29  ? 52 C   A "C2'" 1 
ATOM   996  O  "O2'" . C   A 1 52 ? -2.749  -5.507  13.834  1.00 53.66  ? 52 C   A "O2'" 1 
ATOM   997  C  "C1'" . C   A 1 52 ? -0.705  -4.947  12.691  1.00 49.77  ? 52 C   A "C1'" 1 
ATOM   998  N  N1    . C   A 1 52 ? 0.739   -5.177  12.761  1.00 46.31  ? 52 C   A N1    1 
ATOM   999  C  C2    . C   A 1 52 ? 1.191   -6.451  13.033  1.00 45.22  ? 52 C   A C2    1 
ATOM   1000 O  O2    . C   A 1 52 ? 0.353   -7.333  13.248  1.00 45.45  ? 52 C   A O2    1 
ATOM   1001 N  N3    . C   A 1 52 ? 2.520   -6.691  13.060  1.00 43.08  ? 52 C   A N3    1 
ATOM   1002 C  C4    . C   A 1 52 ? 3.378   -5.696  12.835  1.00 43.39  ? 52 C   A C4    1 
ATOM   1003 N  N4    . C   A 1 52 ? 4.676   -5.975  12.865  1.00 44.64  ? 52 C   A N4    1 
ATOM   1004 C  C5    . C   A 1 52 ? 2.941   -4.369  12.571  1.00 43.21  ? 52 C   A C5    1 
ATOM   1005 C  C6    . C   A 1 52 ? 1.625   -4.154  12.547  1.00 44.93  ? 52 C   A C6    1 
ATOM   1006 P  P     . C   A 1 53 ? -1.727  -2.701  16.988  1.00 59.58  ? 53 C   A P     1 
ATOM   1007 O  OP1   . C   A 1 53 ? -2.490  -1.419  17.073  1.00 58.99  ? 53 C   A OP1   1 
ATOM   1008 O  OP2   . C   A 1 53 ? -0.238  -2.667  17.014  1.00 58.91  ? 53 C   A OP2   1 
ATOM   1009 O  "O5'" . C   A 1 53 ? -2.196  -3.716  18.123  1.00 61.61  ? 53 C   A "O5'" 1 
ATOM   1010 C  "C5'" . C   A 1 53 ? -1.314  -4.090  19.179  1.00 63.95  ? 53 C   A "C5'" 1 
ATOM   1011 C  "C4'" . C   A 1 53 ? -1.198  -5.595  19.254  1.00 63.78  ? 53 C   A "C4'" 1 
ATOM   1012 O  "O4'" . C   A 1 53 ? -0.761  -6.097  17.963  1.00 62.96  ? 53 C   A "O4'" 1 
ATOM   1013 C  "C3'" . C   A 1 53 ? -0.152  -6.113  20.240  1.00 64.27  ? 53 C   A "C3'" 1 
ATOM   1014 O  "O3'" . C   A 1 53 ? -0.605  -6.198  21.607  1.00 63.99  ? 53 C   A "O3'" 1 
ATOM   1015 C  "C2'" . C   A 1 53 ? 0.184   -7.483  19.668  1.00 63.92  ? 53 C   A "C2'" 1 
ATOM   1016 O  "O2'" . C   A 1 53 ? -0.747  -8.473  20.086  1.00 64.48  ? 53 C   A "O2'" 1 
ATOM   1017 C  "C1'" . C   A 1 53 ? 0.103   -7.209  18.157  1.00 62.54  ? 53 C   A "C1'" 1 
ATOM   1018 N  N1    . C   A 1 53 ? 1.395   -6.893  17.528  1.00 60.26  ? 53 C   A N1    1 
ATOM   1019 C  C2    . C   A 1 53 ? 2.300   -7.930  17.287  1.00 60.43  ? 53 C   A C2    1 
ATOM   1020 O  O2    . C   A 1 53 ? 1.983   -9.086  17.606  1.00 61.61  ? 53 C   A O2    1 
ATOM   1021 N  N3    . C   A 1 53 ? 3.495   -7.652  16.714  1.00 59.02  ? 53 C   A N3    1 
ATOM   1022 C  C4    . C   A 1 53 ? 3.799   -6.394  16.388  1.00 58.91  ? 53 C   A C4    1 
ATOM   1023 N  N4    . C   A 1 53 ? 5.000   -6.160  15.850  1.00 59.17  ? 53 C   A N4    1 
ATOM   1024 C  C5    . C   A 1 53 ? 2.888   -5.318  16.610  1.00 59.04  ? 53 C   A C5    1 
ATOM   1025 C  C6    . C   A 1 53 ? 1.710   -5.610  17.180  1.00 59.73  ? 53 C   A C6    1 
# 
